data_2HBP
#
_entry.id   2HBP
#
_cell.length_a   1.000
_cell.length_b   1.000
_cell.length_c   1.000
_cell.angle_alpha   90.00
_cell.angle_beta   90.00
_cell.angle_gamma   90.00
#
_symmetry.space_group_name_H-M   'P 1'
#
_entity_poly.entity_id   1
_entity_poly.type   'polypeptide(L)'
_entity_poly.pdbx_seq_one_letter_code
;GSKKSRLWVDRSGTFKVDAEFIGCAKGKIHLHKANGVKIAVAADKLSNEDLAYVEKITGFSLEKFKAN
;
_entity_poly.pdbx_strand_id   A
#
# COMPACT_ATOMS: atom_id res chain seq x y z
N LYS A 3 -12.44 1.19 0.96
CA LYS A 3 -11.20 1.81 0.53
C LYS A 3 -11.34 3.33 0.52
N LYS A 4 -10.33 4.00 1.07
CA LYS A 4 -10.32 5.44 1.21
C LYS A 4 -8.94 5.88 1.66
N SER A 5 -8.58 7.12 1.34
CA SER A 5 -7.25 7.65 1.65
C SER A 5 -6.97 7.56 3.15
N ARG A 6 -6.02 6.71 3.49
CA ARG A 6 -5.74 6.36 4.87
C ARG A 6 -4.25 6.33 5.14
N LEU A 7 -3.91 5.97 6.36
CA LEU A 7 -2.52 6.00 6.81
C LEU A 7 -1.85 4.65 6.55
N TRP A 8 -0.97 4.64 5.56
CA TRP A 8 -0.20 3.46 5.21
C TRP A 8 1.14 3.49 5.96
N VAL A 9 1.66 2.32 6.26
CA VAL A 9 2.95 2.19 6.96
C VAL A 9 3.79 1.10 6.30
N ASP A 10 5.09 1.34 6.16
CA ASP A 10 5.97 0.32 5.58
C ASP A 10 6.33 -0.73 6.62
N ARG A 11 7.05 -1.76 6.18
CA ARG A 11 7.43 -2.87 7.06
C ARG A 11 8.16 -2.39 8.31
N SER A 12 9.18 -1.57 8.11
CA SER A 12 10.05 -1.18 9.21
C SER A 12 9.43 -0.06 10.05
N GLY A 13 8.40 0.56 9.51
CA GLY A 13 7.75 1.66 10.20
C GLY A 13 8.53 2.95 10.05
N THR A 14 9.22 3.06 8.93
CA THR A 14 10.06 4.21 8.66
C THR A 14 9.25 5.33 8.02
N PHE A 15 8.30 4.97 7.16
CA PHE A 15 7.42 5.96 6.58
C PHE A 15 5.97 5.58 6.71
N LYS A 16 5.17 6.60 6.98
CA LYS A 16 3.73 6.46 7.02
C LYS A 16 3.11 7.54 6.15
N VAL A 17 2.18 7.13 5.31
CA VAL A 17 1.61 8.04 4.31
C VAL A 17 0.11 7.94 4.24
N ASP A 18 -0.52 9.08 4.07
CA ASP A 18 -1.93 9.12 3.76
C ASP A 18 -2.09 8.88 2.28
N ALA A 19 -2.84 7.86 1.93
CA ALA A 19 -2.97 7.50 0.52
C ALA A 19 -4.16 6.62 0.25
N GLU A 20 -4.62 6.67 -0.98
CA GLU A 20 -5.63 5.77 -1.47
C GLU A 20 -5.02 4.92 -2.59
N PHE A 21 -5.46 3.69 -2.68
CA PHE A 21 -4.92 2.77 -3.67
C PHE A 21 -5.57 3.01 -5.02
N ILE A 22 -4.75 3.14 -6.03
CA ILE A 22 -5.24 3.37 -7.37
C ILE A 22 -5.01 2.12 -8.22
N GLY A 23 -3.79 1.63 -8.18
CA GLY A 23 -3.44 0.45 -8.96
C GLY A 23 -2.11 -0.12 -8.56
N CYS A 24 -2.00 -1.43 -8.53
CA CYS A 24 -0.76 -2.10 -8.17
C CYS A 24 -0.19 -2.79 -9.39
N ALA A 25 1.09 -2.56 -9.66
CA ALA A 25 1.71 -3.07 -10.87
C ALA A 25 3.19 -3.31 -10.66
N LYS A 26 3.66 -4.44 -11.18
CA LYS A 26 5.08 -4.81 -11.14
C LYS A 26 5.57 -4.96 -9.71
N GLY A 27 4.66 -5.25 -8.80
CA GLY A 27 5.03 -5.46 -7.41
C GLY A 27 4.99 -4.18 -6.59
N LYS A 28 4.59 -3.08 -7.22
CA LYS A 28 4.50 -1.80 -6.53
C LYS A 28 3.06 -1.34 -6.46
N ILE A 29 2.79 -0.42 -5.56
CA ILE A 29 1.46 0.12 -5.39
C ILE A 29 1.43 1.60 -5.77
N HIS A 30 0.60 1.94 -6.74
CA HIS A 30 0.38 3.34 -7.08
C HIS A 30 -0.62 3.91 -6.08
N LEU A 31 -0.22 4.97 -5.41
CA LEU A 31 -1.02 5.54 -4.34
C LEU A 31 -1.26 7.01 -4.57
N HIS A 32 -2.47 7.43 -4.28
CA HIS A 32 -2.84 8.83 -4.36
C HIS A 32 -3.12 9.36 -2.96
N LYS A 33 -2.17 10.10 -2.43
CA LYS A 33 -2.27 10.67 -1.09
C LYS A 33 -3.47 11.58 -0.97
N ALA A 34 -3.99 11.69 0.25
CA ALA A 34 -5.10 12.58 0.54
C ALA A 34 -4.60 14.02 0.50
N ASN A 35 -3.28 14.16 0.54
CA ASN A 35 -2.61 15.44 0.39
C ASN A 35 -2.66 15.90 -1.07
N GLY A 36 -3.02 14.98 -1.96
CA GLY A 36 -3.13 15.31 -3.38
C GLY A 36 -1.91 14.90 -4.18
N VAL A 37 -1.01 14.15 -3.57
CA VAL A 37 0.22 13.72 -4.24
C VAL A 37 0.10 12.26 -4.67
N LYS A 38 0.65 11.93 -5.83
CA LYS A 38 0.65 10.55 -6.31
C LYS A 38 2.04 9.95 -6.14
N ILE A 39 2.11 8.81 -5.46
CA ILE A 39 3.39 8.19 -5.13
C ILE A 39 3.42 6.74 -5.57
N ALA A 40 4.60 6.12 -5.46
CA ALA A 40 4.77 4.70 -5.78
C ALA A 40 5.48 4.00 -4.65
N VAL A 41 4.76 3.15 -3.94
CA VAL A 41 5.31 2.41 -2.82
C VAL A 41 5.34 0.93 -3.14
N ALA A 42 6.50 0.32 -2.98
CA ALA A 42 6.66 -1.10 -3.26
C ALA A 42 5.87 -1.94 -2.25
N ALA A 43 5.05 -2.85 -2.77
CA ALA A 43 4.12 -3.62 -1.94
C ALA A 43 4.83 -4.64 -1.06
N ASP A 44 6.11 -4.84 -1.30
CA ASP A 44 6.84 -5.92 -0.64
C ASP A 44 7.59 -5.43 0.59
N LYS A 45 7.83 -4.13 0.67
CA LYS A 45 8.51 -3.58 1.83
C LYS A 45 7.50 -2.86 2.73
N LEU A 46 6.23 -3.20 2.53
CA LEU A 46 5.14 -2.55 3.24
C LEU A 46 4.64 -3.41 4.40
N SER A 47 3.69 -2.89 5.16
CA SER A 47 3.14 -3.59 6.32
C SER A 47 1.97 -4.47 5.91
N ASN A 48 1.85 -5.59 6.64
CA ASN A 48 0.91 -6.66 6.32
C ASN A 48 -0.51 -6.14 6.27
N GLU A 49 -0.81 -5.19 7.13
CA GLU A 49 -2.13 -4.66 7.26
C GLU A 49 -2.52 -3.89 6.01
N ASP A 50 -1.58 -3.07 5.57
CA ASP A 50 -1.71 -2.32 4.36
C ASP A 50 -1.90 -3.25 3.18
N LEU A 51 -1.16 -4.37 3.17
CA LEU A 51 -1.30 -5.33 2.11
C LEU A 51 -2.66 -6.01 2.17
N ALA A 52 -3.09 -6.37 3.37
CA ALA A 52 -4.37 -7.05 3.55
C ALA A 52 -5.49 -6.18 3.01
N TYR A 53 -5.32 -4.88 3.18
CA TYR A 53 -6.28 -3.90 2.71
C TYR A 53 -6.30 -3.83 1.17
N VAL A 54 -5.11 -3.71 0.57
CA VAL A 54 -5.04 -3.63 -0.87
C VAL A 54 -5.41 -4.95 -1.52
N GLU A 55 -5.13 -6.05 -0.83
CA GLU A 55 -5.66 -7.36 -1.21
C GLU A 55 -7.16 -7.30 -1.39
N LYS A 56 -7.84 -6.59 -0.49
CA LYS A 56 -9.29 -6.55 -0.48
C LYS A 56 -9.80 -5.67 -1.61
N ILE A 57 -9.05 -4.62 -1.91
CA ILE A 57 -9.37 -3.74 -3.03
C ILE A 57 -9.23 -4.48 -4.35
N THR A 58 -8.19 -5.30 -4.46
CA THR A 58 -7.83 -5.91 -5.73
C THR A 58 -8.48 -7.28 -5.93
N GLY A 59 -8.42 -8.11 -4.90
CA GLY A 59 -8.87 -9.48 -5.02
C GLY A 59 -7.70 -10.43 -5.04
N PHE A 60 -6.49 -9.86 -5.06
CA PHE A 60 -5.27 -10.66 -5.05
C PHE A 60 -4.83 -10.94 -3.63
N SER A 61 -3.72 -11.62 -3.49
CA SER A 61 -3.16 -11.87 -2.18
C SER A 61 -1.73 -11.37 -2.12
N LEU A 62 -1.45 -10.51 -1.15
CA LEU A 62 -0.11 -9.97 -0.96
C LEU A 62 0.57 -10.67 0.22
N GLU A 63 0.10 -11.88 0.51
CA GLU A 63 0.69 -12.71 1.53
C GLU A 63 2.18 -12.88 1.26
N LYS A 64 2.49 -13.17 0.01
CA LYS A 64 3.88 -13.32 -0.44
C LYS A 64 4.68 -12.04 -0.21
N PHE A 65 3.99 -10.91 -0.15
CA PHE A 65 4.65 -9.62 0.03
C PHE A 65 4.80 -9.29 1.51
N LYS A 66 4.09 -10.03 2.36
CA LYS A 66 4.17 -9.83 3.80
C LYS A 66 5.40 -10.54 4.34
N ALA A 67 6.19 -9.82 5.11
CA ALA A 67 7.47 -10.34 5.57
C ALA A 67 7.33 -11.10 6.86
N ASN A 68 6.26 -10.82 7.56
CA ASN A 68 5.97 -11.42 8.86
C ASN A 68 4.69 -10.81 9.42
N LYS A 3 -12.12 9.33 -2.32
CA LYS A 3 -10.72 9.63 -2.07
C LYS A 3 -10.46 9.72 -0.56
N LYS A 4 -10.84 8.67 0.16
CA LYS A 4 -10.57 8.62 1.59
C LYS A 4 -9.13 8.21 1.84
N SER A 5 -8.26 9.17 1.71
CA SER A 5 -6.84 8.98 1.92
C SER A 5 -6.58 8.46 3.32
N ARG A 6 -5.99 7.29 3.38
CA ARG A 6 -5.79 6.61 4.64
C ARG A 6 -4.33 6.59 5.03
N LEU A 7 -4.05 6.08 6.21
CA LEU A 7 -2.70 6.07 6.74
C LEU A 7 -2.01 4.75 6.42
N TRP A 8 -1.10 4.79 5.46
CA TRP A 8 -0.35 3.61 5.06
C TRP A 8 0.94 3.53 5.85
N VAL A 9 1.35 2.31 6.22
CA VAL A 9 2.56 2.11 7.01
C VAL A 9 3.42 1.00 6.41
N ASP A 10 4.74 1.16 6.45
CA ASP A 10 5.65 0.12 5.99
C ASP A 10 6.00 -0.79 7.17
N ARG A 11 6.50 -1.98 6.85
CA ARG A 11 6.71 -3.03 7.84
C ARG A 11 7.83 -2.68 8.82
N SER A 12 8.72 -1.80 8.39
CA SER A 12 9.82 -1.36 9.25
C SER A 12 9.31 -0.37 10.29
N GLY A 13 8.19 0.28 9.98
CA GLY A 13 7.59 1.24 10.89
C GLY A 13 8.09 2.64 10.63
N THR A 14 8.77 2.82 9.50
CA THR A 14 9.32 4.11 9.12
C THR A 14 8.28 4.90 8.36
N PHE A 15 7.66 4.26 7.39
CA PHE A 15 6.67 4.89 6.55
C PHE A 15 5.32 4.98 7.22
N LYS A 16 4.73 6.15 7.12
CA LYS A 16 3.33 6.35 7.42
C LYS A 16 2.87 7.62 6.74
N VAL A 17 1.77 7.53 6.01
CA VAL A 17 1.34 8.67 5.21
C VAL A 17 -0.12 8.52 4.76
N ASP A 18 -0.78 9.66 4.56
CA ASP A 18 -2.15 9.68 4.06
C ASP A 18 -2.18 9.60 2.55
N ALA A 19 -2.91 8.64 2.04
CA ALA A 19 -3.03 8.45 0.60
C ALA A 19 -4.15 7.48 0.27
N GLU A 20 -4.65 7.59 -0.95
CA GLU A 20 -5.69 6.71 -1.44
C GLU A 20 -5.11 5.78 -2.50
N PHE A 21 -5.67 4.59 -2.59
CA PHE A 21 -5.12 3.56 -3.46
C PHE A 21 -5.72 3.69 -4.85
N ILE A 22 -4.87 3.66 -5.87
CA ILE A 22 -5.34 3.78 -7.23
C ILE A 22 -5.21 2.43 -7.96
N GLY A 23 -4.07 1.78 -7.78
CA GLY A 23 -3.82 0.50 -8.43
C GLY A 23 -2.51 -0.10 -7.99
N CYS A 24 -2.33 -1.40 -8.20
CA CYS A 24 -1.12 -2.09 -7.79
C CYS A 24 -0.70 -3.14 -8.82
N ALA A 25 0.58 -3.13 -9.19
CA ALA A 25 1.09 -4.07 -10.18
C ALA A 25 2.58 -4.32 -10.00
N LYS A 26 3.02 -5.52 -10.36
CA LYS A 26 4.45 -5.90 -10.34
C LYS A 26 5.06 -5.76 -8.94
N GLY A 27 4.20 -5.78 -7.93
CA GLY A 27 4.68 -5.63 -6.57
C GLY A 27 4.83 -4.17 -6.16
N LYS A 28 4.10 -3.30 -6.84
CA LYS A 28 4.10 -1.88 -6.50
C LYS A 28 2.68 -1.39 -6.28
N ILE A 29 2.54 -0.45 -5.37
CA ILE A 29 1.28 0.22 -5.13
C ILE A 29 1.33 1.63 -5.69
N HIS A 30 0.39 1.94 -6.56
CA HIS A 30 0.24 3.31 -7.03
C HIS A 30 -0.73 4.01 -6.09
N LEU A 31 -0.25 5.06 -5.48
CA LEU A 31 -1.01 5.74 -4.44
C LEU A 31 -1.22 7.18 -4.82
N HIS A 32 -2.30 7.74 -4.30
CA HIS A 32 -2.67 9.11 -4.59
C HIS A 32 -2.91 9.86 -3.29
N LYS A 33 -1.98 10.75 -2.96
CA LYS A 33 -2.00 11.49 -1.70
C LYS A 33 -3.27 12.30 -1.56
N ALA A 34 -3.58 12.69 -0.33
CA ALA A 34 -4.75 13.52 -0.05
C ALA A 34 -4.66 14.87 -0.76
N ASN A 35 -3.43 15.29 -1.01
CA ASN A 35 -3.18 16.56 -1.70
C ASN A 35 -3.39 16.42 -3.21
N GLY A 36 -3.34 15.19 -3.70
CA GLY A 36 -3.49 14.95 -5.13
C GLY A 36 -2.17 14.62 -5.80
N VAL A 37 -1.25 14.06 -5.04
CA VAL A 37 0.05 13.67 -5.58
C VAL A 37 0.10 12.16 -5.82
N LYS A 38 0.76 11.74 -6.88
CA LYS A 38 0.84 10.33 -7.22
C LYS A 38 2.21 9.76 -6.89
N ILE A 39 2.22 8.64 -6.20
CA ILE A 39 3.48 7.99 -5.78
C ILE A 39 3.42 6.49 -6.05
N ALA A 40 4.58 5.85 -6.11
CA ALA A 40 4.67 4.41 -6.23
C ALA A 40 5.40 3.81 -5.04
N VAL A 41 4.71 2.98 -4.30
CA VAL A 41 5.27 2.37 -3.10
C VAL A 41 5.44 0.88 -3.32
N ALA A 42 6.60 0.36 -2.94
CA ALA A 42 6.87 -1.07 -3.11
C ALA A 42 6.00 -1.90 -2.17
N ALA A 43 5.29 -2.87 -2.74
CA ALA A 43 4.40 -3.74 -1.97
C ALA A 43 5.16 -4.63 -0.99
N ASP A 44 6.46 -4.72 -1.16
CA ASP A 44 7.27 -5.67 -0.40
C ASP A 44 7.85 -5.04 0.87
N LYS A 45 7.81 -3.73 0.95
CA LYS A 45 8.31 -3.04 2.13
C LYS A 45 7.16 -2.70 3.07
N LEU A 46 5.97 -3.04 2.62
CA LEU A 46 4.75 -2.61 3.27
C LEU A 46 4.37 -3.54 4.43
N SER A 47 3.54 -3.03 5.33
CA SER A 47 3.06 -3.81 6.46
C SER A 47 2.07 -4.86 6.00
N ASN A 48 1.97 -5.95 6.76
CA ASN A 48 1.12 -7.07 6.39
C ASN A 48 -0.35 -6.64 6.39
N GLU A 49 -0.67 -5.65 7.22
CA GLU A 49 -2.00 -5.12 7.29
C GLU A 49 -2.34 -4.42 5.99
N ASP A 50 -1.42 -3.59 5.53
CA ASP A 50 -1.54 -2.89 4.29
C ASP A 50 -1.60 -3.88 3.13
N LEU A 51 -0.91 -5.01 3.27
CA LEU A 51 -0.93 -6.05 2.26
C LEU A 51 -2.32 -6.65 2.16
N ALA A 52 -2.87 -7.05 3.30
CA ALA A 52 -4.20 -7.65 3.35
C ALA A 52 -5.27 -6.65 2.91
N TYR A 53 -4.97 -5.37 3.10
CA TYR A 53 -5.86 -4.30 2.70
C TYR A 53 -5.89 -4.20 1.16
N VAL A 54 -4.71 -4.20 0.56
CA VAL A 54 -4.59 -4.14 -0.88
C VAL A 54 -5.21 -5.37 -1.53
N GLU A 55 -5.11 -6.52 -0.85
CA GLU A 55 -5.76 -7.75 -1.30
C GLU A 55 -7.26 -7.50 -1.49
N LYS A 56 -7.81 -6.63 -0.66
CA LYS A 56 -9.22 -6.35 -0.70
C LYS A 56 -9.52 -5.36 -1.84
N ILE A 57 -8.74 -4.30 -1.93
CA ILE A 57 -8.97 -3.28 -2.96
C ILE A 57 -8.81 -3.85 -4.36
N THR A 58 -7.87 -4.77 -4.55
CA THR A 58 -7.57 -5.28 -5.87
C THR A 58 -8.15 -6.67 -6.10
N GLY A 59 -7.97 -7.55 -5.13
CA GLY A 59 -8.36 -8.93 -5.29
C GLY A 59 -7.14 -9.83 -5.39
N PHE A 60 -5.97 -9.21 -5.48
CA PHE A 60 -4.73 -9.95 -5.55
C PHE A 60 -4.17 -10.18 -4.16
N SER A 61 -3.72 -11.40 -3.91
CA SER A 61 -3.19 -11.77 -2.64
C SER A 61 -1.73 -11.33 -2.52
N LEU A 62 -1.40 -10.68 -1.41
CA LEU A 62 -0.04 -10.20 -1.18
C LEU A 62 0.65 -11.09 -0.16
N GLU A 63 0.25 -12.36 -0.15
CA GLU A 63 0.76 -13.34 0.76
C GLU A 63 2.29 -13.44 0.72
N LYS A 64 2.86 -13.51 -0.47
CA LYS A 64 4.31 -13.63 -0.62
C LYS A 64 5.03 -12.37 -0.15
N PHE A 65 4.29 -11.29 0.04
CA PHE A 65 4.87 -10.05 0.52
C PHE A 65 4.78 -9.97 2.04
N LYS A 66 3.95 -10.83 2.62
CA LYS A 66 3.75 -10.85 4.05
C LYS A 66 4.80 -11.71 4.73
N ALA A 67 4.83 -11.66 6.05
CA ALA A 67 5.71 -12.49 6.84
C ALA A 67 4.90 -13.36 7.79
N ASN A 68 4.24 -14.37 7.24
CA ASN A 68 3.38 -15.24 8.04
C ASN A 68 4.20 -16.40 8.60
N LYS A 3 -12.57 2.55 -0.49
CA LYS A 3 -11.77 3.56 -1.19
C LYS A 3 -11.54 4.77 -0.28
N LYS A 4 -10.76 4.57 0.77
CA LYS A 4 -10.53 5.60 1.76
C LYS A 4 -9.05 5.92 1.90
N SER A 5 -8.71 7.18 1.67
CA SER A 5 -7.33 7.62 1.86
C SER A 5 -6.94 7.43 3.31
N ARG A 6 -5.86 6.71 3.52
CA ARG A 6 -5.53 6.24 4.85
C ARG A 6 -4.03 6.25 5.08
N LEU A 7 -3.65 5.82 6.27
CA LEU A 7 -2.27 5.83 6.71
C LEU A 7 -1.63 4.47 6.44
N TRP A 8 -0.79 4.44 5.42
CA TRP A 8 -0.05 3.24 5.06
C TRP A 8 1.30 3.26 5.77
N VAL A 9 1.73 2.11 6.27
CA VAL A 9 2.98 2.02 7.01
C VAL A 9 3.94 1.06 6.32
N ASP A 10 5.21 1.47 6.27
CA ASP A 10 6.27 0.59 5.79
C ASP A 10 6.40 -0.61 6.71
N ARG A 11 6.97 -1.66 6.20
CA ARG A 11 7.12 -2.90 6.92
C ARG A 11 8.21 -2.76 7.98
N SER A 12 9.23 -1.98 7.63
CA SER A 12 10.32 -1.71 8.55
C SER A 12 10.08 -0.38 9.26
N GLY A 13 8.86 0.13 9.13
CA GLY A 13 8.51 1.40 9.75
C GLY A 13 9.30 2.55 9.16
N THR A 14 9.67 2.40 7.90
CA THR A 14 10.49 3.39 7.21
C THR A 14 9.69 4.68 6.99
N PHE A 15 8.41 4.56 6.71
CA PHE A 15 7.57 5.73 6.48
C PHE A 15 6.10 5.41 6.69
N LYS A 16 5.33 6.46 6.97
CA LYS A 16 3.88 6.38 7.02
C LYS A 16 3.30 7.42 6.07
N VAL A 17 2.35 7.02 5.26
CA VAL A 17 1.80 7.91 4.25
C VAL A 17 0.28 7.85 4.18
N ASP A 18 -0.32 9.00 3.98
CA ASP A 18 -1.77 9.11 3.82
C ASP A 18 -2.13 9.11 2.36
N ALA A 19 -2.85 8.07 1.93
CA ALA A 19 -3.14 7.86 0.53
C ALA A 19 -4.15 6.75 0.34
N GLU A 20 -4.67 6.66 -0.87
CA GLU A 20 -5.54 5.56 -1.25
C GLU A 20 -4.86 4.80 -2.38
N PHE A 21 -4.95 3.48 -2.34
CA PHE A 21 -4.40 2.64 -3.39
C PHE A 21 -5.15 2.89 -4.68
N ILE A 22 -4.41 3.03 -5.77
CA ILE A 22 -5.03 3.23 -7.07
C ILE A 22 -4.81 2.00 -7.93
N GLY A 23 -3.56 1.52 -7.97
CA GLY A 23 -3.23 0.36 -8.78
C GLY A 23 -1.89 -0.22 -8.41
N CYS A 24 -1.80 -1.54 -8.37
CA CYS A 24 -0.56 -2.22 -8.05
C CYS A 24 0.15 -2.66 -9.34
N ALA A 25 1.41 -2.28 -9.49
CA ALA A 25 2.15 -2.58 -10.71
C ALA A 25 3.62 -2.78 -10.40
N LYS A 26 4.21 -3.81 -11.01
CA LYS A 26 5.63 -4.13 -10.83
C LYS A 26 5.91 -4.50 -9.37
N GLY A 27 4.89 -5.03 -8.71
CA GLY A 27 5.03 -5.40 -7.32
C GLY A 27 4.91 -4.20 -6.40
N LYS A 28 4.63 -3.04 -6.97
CA LYS A 28 4.49 -1.83 -6.19
C LYS A 28 3.04 -1.38 -6.20
N ILE A 29 2.74 -0.39 -5.39
CA ILE A 29 1.38 0.13 -5.28
C ILE A 29 1.38 1.63 -5.55
N HIS A 30 0.69 2.04 -6.61
CA HIS A 30 0.51 3.45 -6.88
C HIS A 30 -0.52 4.00 -5.92
N LEU A 31 -0.17 5.07 -5.25
CA LEU A 31 -1.00 5.60 -4.19
C LEU A 31 -1.29 7.07 -4.40
N HIS A 32 -2.54 7.42 -4.16
CA HIS A 32 -3.01 8.79 -4.35
C HIS A 32 -3.12 9.46 -2.99
N LYS A 33 -2.14 10.31 -2.69
CA LYS A 33 -2.04 10.99 -1.41
C LYS A 33 -3.19 11.96 -1.19
N ALA A 34 -3.35 12.35 0.07
CA ALA A 34 -4.41 13.27 0.47
C ALA A 34 -4.15 14.68 -0.05
N ASN A 35 -2.92 14.90 -0.52
CA ASN A 35 -2.53 16.18 -1.11
C ASN A 35 -2.86 16.19 -2.61
N GLY A 36 -3.20 15.02 -3.14
CA GLY A 36 -3.53 14.92 -4.54
C GLY A 36 -2.39 14.34 -5.34
N VAL A 37 -1.20 14.37 -4.76
CA VAL A 37 0.00 13.87 -5.43
C VAL A 37 -0.01 12.33 -5.47
N LYS A 38 0.57 11.78 -6.52
CA LYS A 38 0.57 10.34 -6.73
C LYS A 38 1.98 9.78 -6.56
N ILE A 39 2.08 8.69 -5.81
CA ILE A 39 3.36 8.04 -5.57
C ILE A 39 3.28 6.56 -5.90
N ALA A 40 4.41 5.87 -5.85
CA ALA A 40 4.46 4.44 -6.07
C ALA A 40 5.29 3.77 -5.00
N VAL A 41 4.62 3.14 -4.06
CA VAL A 41 5.27 2.46 -2.96
C VAL A 41 5.18 0.96 -3.16
N ALA A 42 6.32 0.30 -3.27
CA ALA A 42 6.36 -1.14 -3.49
C ALA A 42 5.63 -1.86 -2.37
N ALA A 43 4.88 -2.90 -2.73
CA ALA A 43 4.03 -3.60 -1.78
C ALA A 43 4.84 -4.49 -0.85
N ASP A 44 6.11 -4.63 -1.16
CA ASP A 44 6.96 -5.58 -0.45
C ASP A 44 7.51 -5.00 0.85
N LYS A 45 7.75 -3.69 0.90
CA LYS A 45 8.19 -3.10 2.15
C LYS A 45 7.02 -2.44 2.86
N LEU A 46 5.82 -2.93 2.63
CA LEU A 46 4.68 -2.39 3.33
C LEU A 46 4.23 -3.28 4.45
N SER A 47 3.44 -2.68 5.29
CA SER A 47 2.84 -3.35 6.42
C SER A 47 1.76 -4.32 5.95
N ASN A 48 1.80 -5.51 6.53
CA ASN A 48 0.87 -6.60 6.21
C ASN A 48 -0.55 -6.11 6.21
N GLU A 49 -0.85 -5.24 7.16
CA GLU A 49 -2.16 -4.66 7.31
C GLU A 49 -2.58 -3.94 6.04
N ASP A 50 -1.66 -3.14 5.51
CA ASP A 50 -1.91 -2.39 4.34
C ASP A 50 -2.06 -3.30 3.14
N LEU A 51 -1.31 -4.42 3.11
CA LEU A 51 -1.47 -5.36 2.03
C LEU A 51 -2.79 -6.07 2.17
N ALA A 52 -3.15 -6.46 3.38
CA ALA A 52 -4.40 -7.17 3.64
C ALA A 52 -5.58 -6.31 3.21
N TYR A 53 -5.40 -5.01 3.30
CA TYR A 53 -6.39 -4.07 2.84
C TYR A 53 -6.46 -4.06 1.30
N VAL A 54 -5.32 -3.90 0.66
CA VAL A 54 -5.29 -3.82 -0.80
C VAL A 54 -5.59 -5.18 -1.44
N GLU A 55 -5.28 -6.27 -0.74
CA GLU A 55 -5.74 -7.61 -1.12
C GLU A 55 -7.25 -7.59 -1.34
N LYS A 56 -7.94 -6.84 -0.48
CA LYS A 56 -9.38 -6.75 -0.52
C LYS A 56 -9.79 -5.83 -1.67
N ILE A 57 -9.07 -4.74 -1.84
CA ILE A 57 -9.38 -3.78 -2.90
C ILE A 57 -9.26 -4.43 -4.27
N THR A 58 -8.29 -5.32 -4.42
CA THR A 58 -7.94 -5.87 -5.74
C THR A 58 -8.50 -7.26 -5.95
N GLY A 59 -8.28 -8.14 -4.99
CA GLY A 59 -8.68 -9.52 -5.15
C GLY A 59 -7.50 -10.47 -5.05
N PHE A 60 -6.33 -10.04 -5.54
CA PHE A 60 -5.16 -10.90 -5.52
C PHE A 60 -4.41 -10.74 -4.21
N SER A 61 -3.91 -11.85 -3.71
CA SER A 61 -3.32 -11.90 -2.37
C SER A 61 -1.89 -11.35 -2.37
N LEU A 62 -1.59 -10.53 -1.38
CA LEU A 62 -0.26 -9.96 -1.25
C LEU A 62 0.50 -10.65 -0.13
N GLU A 63 0.07 -11.87 0.19
CA GLU A 63 0.74 -12.71 1.16
C GLU A 63 2.24 -12.81 0.85
N LYS A 64 2.52 -12.88 -0.44
CA LYS A 64 3.90 -12.98 -0.94
C LYS A 64 4.70 -11.71 -0.69
N PHE A 65 4.03 -10.68 -0.17
CA PHE A 65 4.69 -9.43 0.18
C PHE A 65 4.60 -9.21 1.69
N LYS A 66 3.75 -9.98 2.34
CA LYS A 66 3.46 -9.78 3.75
C LYS A 66 4.42 -10.60 4.61
N ALA A 67 4.86 -10.01 5.71
CA ALA A 67 5.85 -10.63 6.57
C ALA A 67 5.20 -11.35 7.75
N ASN A 68 4.27 -12.25 7.45
CA ASN A 68 3.65 -13.07 8.47
C ASN A 68 4.05 -14.52 8.28
N LYS A 3 -14.42 9.55 2.34
CA LYS A 3 -13.43 9.18 3.36
C LYS A 3 -12.22 8.53 2.69
N LYS A 4 -11.48 9.34 1.95
CA LYS A 4 -10.35 8.84 1.18
C LYS A 4 -9.02 9.24 1.81
N SER A 5 -7.96 8.69 1.23
CA SER A 5 -6.58 8.88 1.69
C SER A 5 -6.40 8.53 3.16
N ARG A 6 -5.78 7.38 3.36
CA ARG A 6 -5.63 6.79 4.67
C ARG A 6 -4.15 6.67 5.02
N LEU A 7 -3.86 6.20 6.23
CA LEU A 7 -2.50 6.17 6.72
C LEU A 7 -1.86 4.80 6.48
N TRP A 8 -0.98 4.73 5.50
CA TRP A 8 -0.25 3.52 5.15
C TRP A 8 1.07 3.46 5.90
N VAL A 9 1.57 2.26 6.16
CA VAL A 9 2.86 2.07 6.82
C VAL A 9 3.65 0.98 6.10
N ASP A 10 4.98 1.15 6.00
CA ASP A 10 5.81 0.12 5.38
C ASP A 10 6.21 -0.93 6.40
N ARG A 11 6.95 -1.95 5.94
CA ARG A 11 7.36 -3.05 6.80
C ARG A 11 8.18 -2.58 8.00
N SER A 12 9.06 -1.62 7.74
CA SER A 12 9.99 -1.18 8.77
C SER A 12 9.35 -0.12 9.66
N GLY A 13 8.27 0.48 9.17
CA GLY A 13 7.60 1.54 9.91
C GLY A 13 8.26 2.88 9.71
N THR A 14 9.12 2.95 8.70
CA THR A 14 9.91 4.14 8.45
C THR A 14 9.09 5.19 7.71
N PHE A 15 8.22 4.76 6.79
CA PHE A 15 7.39 5.73 6.09
C PHE A 15 5.92 5.43 6.24
N LYS A 16 5.20 6.44 6.72
CA LYS A 16 3.77 6.40 6.83
C LYS A 16 3.18 7.46 5.92
N VAL A 17 2.20 7.08 5.13
CA VAL A 17 1.67 7.98 4.11
C VAL A 17 0.16 8.06 4.11
N ASP A 18 -0.32 9.28 3.98
CA ASP A 18 -1.75 9.52 3.81
C ASP A 18 -2.06 9.53 2.34
N ALA A 19 -2.70 8.47 1.89
CA ALA A 19 -2.90 8.25 0.47
C ALA A 19 -4.01 7.25 0.20
N GLU A 20 -4.51 7.28 -1.01
CA GLU A 20 -5.49 6.32 -1.46
C GLU A 20 -4.88 5.34 -2.43
N PHE A 21 -5.30 4.09 -2.33
CA PHE A 21 -4.87 3.08 -3.28
C PHE A 21 -5.58 3.31 -4.60
N ILE A 22 -4.81 3.34 -5.66
CA ILE A 22 -5.38 3.52 -6.97
C ILE A 22 -5.15 2.28 -7.83
N GLY A 23 -3.92 1.78 -7.83
CA GLY A 23 -3.61 0.60 -8.61
C GLY A 23 -2.30 -0.03 -8.18
N CYS A 24 -2.20 -1.33 -8.32
CA CYS A 24 -1.01 -2.04 -7.89
C CYS A 24 -0.44 -2.85 -9.06
N ALA A 25 0.85 -2.65 -9.35
CA ALA A 25 1.45 -3.26 -10.51
C ALA A 25 2.79 -3.90 -10.15
N LYS A 26 2.85 -5.22 -10.30
CA LYS A 26 4.10 -5.98 -10.14
C LYS A 26 4.73 -5.71 -8.77
N GLY A 27 3.91 -5.73 -7.74
CA GLY A 27 4.42 -5.58 -6.39
C GLY A 27 4.56 -4.13 -5.95
N LYS A 28 4.18 -3.20 -6.81
CA LYS A 28 4.17 -1.79 -6.45
C LYS A 28 2.75 -1.31 -6.25
N ILE A 29 2.58 -0.32 -5.40
CA ILE A 29 1.28 0.27 -5.17
C ILE A 29 1.29 1.75 -5.55
N HIS A 30 0.39 2.13 -6.44
CA HIS A 30 0.21 3.53 -6.79
C HIS A 30 -0.72 4.16 -5.78
N LEU A 31 -0.25 5.22 -5.15
CA LEU A 31 -1.01 5.88 -4.12
C LEU A 31 -1.16 7.36 -4.43
N HIS A 32 -2.34 7.88 -4.19
CA HIS A 32 -2.61 9.30 -4.35
C HIS A 32 -2.75 9.94 -2.98
N LYS A 33 -1.69 10.61 -2.54
CA LYS A 33 -1.65 11.23 -1.22
C LYS A 33 -2.67 12.35 -1.10
N ALA A 34 -3.01 12.68 0.13
CA ALA A 34 -3.95 13.76 0.41
C ALA A 34 -3.33 15.11 0.07
N ASN A 35 -2.01 15.10 -0.09
CA ASN A 35 -1.27 16.27 -0.53
C ASN A 35 -1.51 16.53 -2.02
N GLY A 36 -1.98 15.51 -2.72
CA GLY A 36 -2.29 15.66 -4.13
C GLY A 36 -1.30 14.92 -5.00
N VAL A 37 -0.14 14.64 -4.46
CA VAL A 37 0.92 13.98 -5.21
C VAL A 37 0.68 12.48 -5.30
N LYS A 38 1.00 11.92 -6.44
CA LYS A 38 0.88 10.49 -6.65
C LYS A 38 2.23 9.82 -6.50
N ILE A 39 2.28 8.80 -5.66
CA ILE A 39 3.52 8.13 -5.34
C ILE A 39 3.43 6.64 -5.66
N ALA A 40 4.58 6.00 -5.75
CA ALA A 40 4.65 4.56 -5.94
C ALA A 40 5.48 3.93 -4.83
N VAL A 41 4.87 3.01 -4.11
CA VAL A 41 5.59 2.30 -3.07
C VAL A 41 5.61 0.83 -3.41
N ALA A 42 6.47 0.07 -2.77
CA ALA A 42 6.49 -1.35 -2.98
C ALA A 42 5.62 -2.04 -1.97
N ALA A 43 4.61 -2.74 -2.48
CA ALA A 43 3.71 -3.54 -1.65
C ALA A 43 4.48 -4.65 -0.97
N ASP A 44 5.60 -4.97 -1.59
CA ASP A 44 6.44 -6.10 -1.20
C ASP A 44 7.13 -5.85 0.14
N LYS A 45 7.26 -4.59 0.51
CA LYS A 45 7.89 -4.23 1.77
C LYS A 45 7.00 -3.31 2.58
N LEU A 46 5.71 -3.45 2.37
CA LEU A 46 4.72 -2.67 3.06
C LEU A 46 4.21 -3.44 4.28
N SER A 47 3.44 -2.79 5.14
CA SER A 47 2.88 -3.46 6.32
C SER A 47 1.76 -4.41 5.89
N ASN A 48 1.73 -5.57 6.54
CA ASN A 48 0.87 -6.67 6.10
C ASN A 48 -0.59 -6.33 6.27
N GLU A 49 -0.88 -5.42 7.18
CA GLU A 49 -2.22 -4.94 7.34
C GLU A 49 -2.66 -4.22 6.08
N ASP A 50 -1.78 -3.35 5.61
CA ASP A 50 -1.97 -2.62 4.38
C ASP A 50 -2.14 -3.58 3.22
N LEU A 51 -1.31 -4.64 3.14
CA LEU A 51 -1.44 -5.58 2.05
C LEU A 51 -2.74 -6.36 2.15
N ALA A 52 -3.09 -6.78 3.35
CA ALA A 52 -4.29 -7.60 3.54
C ALA A 52 -5.53 -6.82 3.10
N TYR A 53 -5.44 -5.51 3.23
CA TYR A 53 -6.49 -4.62 2.77
C TYR A 53 -6.48 -4.48 1.24
N VAL A 54 -5.31 -4.22 0.67
CA VAL A 54 -5.22 -4.03 -0.77
C VAL A 54 -5.45 -5.35 -1.53
N GLU A 55 -5.14 -6.46 -0.87
CA GLU A 55 -5.57 -7.78 -1.37
C GLU A 55 -7.07 -7.75 -1.64
N LYS A 56 -7.81 -7.11 -0.73
CA LYS A 56 -9.26 -7.09 -0.82
C LYS A 56 -9.71 -6.15 -1.93
N ILE A 57 -9.01 -5.04 -2.08
CA ILE A 57 -9.31 -4.09 -3.16
C ILE A 57 -9.07 -4.73 -4.53
N THR A 58 -8.01 -5.52 -4.63
CA THR A 58 -7.54 -5.97 -5.93
C THR A 58 -8.07 -7.36 -6.31
N GLY A 59 -8.05 -8.26 -5.34
CA GLY A 59 -8.43 -9.64 -5.63
C GLY A 59 -7.21 -10.54 -5.73
N PHE A 60 -6.05 -9.98 -5.41
CA PHE A 60 -4.80 -10.72 -5.39
C PHE A 60 -4.42 -11.05 -3.96
N SER A 61 -3.34 -11.78 -3.77
CA SER A 61 -2.83 -12.05 -2.45
C SER A 61 -1.37 -11.59 -2.34
N LEU A 62 -1.11 -10.74 -1.37
CA LEU A 62 0.21 -10.14 -1.19
C LEU A 62 0.95 -10.82 -0.06
N GLU A 63 0.81 -12.13 -0.03
CA GLU A 63 1.39 -12.97 1.00
C GLU A 63 2.88 -12.70 1.22
N LYS A 64 3.69 -12.86 0.18
CA LYS A 64 5.14 -12.67 0.31
C LYS A 64 5.44 -11.19 0.49
N PHE A 65 4.43 -10.36 0.28
CA PHE A 65 4.58 -8.93 0.34
C PHE A 65 4.29 -8.43 1.74
N LYS A 66 3.70 -9.30 2.55
CA LYS A 66 3.28 -8.94 3.90
C LYS A 66 4.47 -8.79 4.82
N ALA A 67 4.43 -7.73 5.63
CA ALA A 67 5.48 -7.42 6.58
C ALA A 67 5.57 -8.49 7.66
N ASN A 68 6.69 -9.18 7.71
CA ASN A 68 6.92 -10.20 8.73
C ASN A 68 8.40 -10.31 9.04
N LYS A 3 -8.81 12.35 -1.58
CA LYS A 3 -9.77 11.48 -2.24
C LYS A 3 -9.74 10.08 -1.64
N LYS A 4 -10.52 9.88 -0.58
CA LYS A 4 -10.71 8.55 0.03
C LYS A 4 -9.40 8.03 0.62
N SER A 5 -8.49 8.94 0.83
CA SER A 5 -7.14 8.62 1.19
C SER A 5 -7.02 8.27 2.68
N ARG A 6 -6.14 7.32 2.98
CA ARG A 6 -5.99 6.80 4.33
C ARG A 6 -4.52 6.65 4.70
N LEU A 7 -4.27 6.16 5.90
CA LEU A 7 -2.92 6.12 6.45
C LEU A 7 -2.27 4.76 6.16
N TRP A 8 -1.21 4.80 5.36
CA TRP A 8 -0.44 3.61 5.01
C TRP A 8 0.86 3.58 5.78
N VAL A 9 1.35 2.38 6.09
CA VAL A 9 2.61 2.21 6.81
C VAL A 9 3.42 1.10 6.18
N ASP A 10 4.75 1.19 6.26
CA ASP A 10 5.61 0.15 5.71
C ASP A 10 6.03 -0.82 6.81
N ARG A 11 6.72 -1.88 6.44
CA ARG A 11 7.07 -2.93 7.39
C ARG A 11 8.06 -2.41 8.43
N SER A 12 8.94 -1.50 8.02
CA SER A 12 9.99 -1.00 8.91
C SER A 12 9.43 0.00 9.92
N GLY A 13 8.30 0.60 9.58
CA GLY A 13 7.68 1.58 10.45
C GLY A 13 8.13 2.99 10.11
N THR A 14 8.94 3.10 9.07
CA THR A 14 9.49 4.38 8.64
C THR A 14 8.45 5.12 7.80
N PHE A 15 7.77 4.37 6.95
CA PHE A 15 6.77 4.94 6.06
C PHE A 15 5.42 5.04 6.74
N LYS A 16 4.86 6.23 6.69
CA LYS A 16 3.46 6.44 7.03
C LYS A 16 2.96 7.66 6.29
N VAL A 17 1.85 7.50 5.58
CA VAL A 17 1.33 8.56 4.71
C VAL A 17 -0.14 8.39 4.44
N ASP A 18 -0.79 9.50 4.11
CA ASP A 18 -2.17 9.51 3.70
C ASP A 18 -2.27 9.39 2.18
N ALA A 19 -2.90 8.32 1.73
CA ALA A 19 -3.02 8.06 0.31
C ALA A 19 -4.11 7.02 0.05
N GLU A 20 -4.52 6.92 -1.20
CA GLU A 20 -5.45 5.88 -1.60
C GLU A 20 -4.77 4.97 -2.61
N PHE A 21 -4.98 3.68 -2.47
CA PHE A 21 -4.41 2.73 -3.40
C PHE A 21 -5.17 2.79 -4.72
N ILE A 22 -4.46 3.15 -5.76
CA ILE A 22 -5.05 3.31 -7.08
C ILE A 22 -4.87 2.04 -7.90
N GLY A 23 -3.66 1.51 -7.87
CA GLY A 23 -3.35 0.31 -8.62
C GLY A 23 -1.99 -0.24 -8.26
N CYS A 24 -1.88 -1.55 -8.23
CA CYS A 24 -0.62 -2.20 -7.92
C CYS A 24 0.03 -2.67 -9.23
N ALA A 25 1.31 -2.42 -9.41
CA ALA A 25 1.96 -2.70 -10.69
C ALA A 25 3.44 -3.01 -10.51
N LYS A 26 3.86 -4.14 -11.05
CA LYS A 26 5.27 -4.55 -11.04
C LYS A 26 5.78 -4.71 -9.60
N GLY A 27 4.89 -5.16 -8.72
CA GLY A 27 5.24 -5.34 -7.33
C GLY A 27 5.20 -4.04 -6.56
N LYS A 28 4.74 -2.98 -7.21
CA LYS A 28 4.60 -1.68 -6.57
C LYS A 28 3.15 -1.39 -6.26
N ILE A 29 2.94 -0.39 -5.44
CA ILE A 29 1.61 0.09 -5.12
C ILE A 29 1.54 1.58 -5.40
N HIS A 30 0.70 1.96 -6.36
CA HIS A 30 0.51 3.36 -6.69
C HIS A 30 -0.50 3.96 -5.72
N LEU A 31 -0.12 5.05 -5.09
CA LEU A 31 -0.95 5.66 -4.07
C LEU A 31 -1.21 7.12 -4.39
N HIS A 32 -2.44 7.54 -4.16
CA HIS A 32 -2.86 8.90 -4.40
C HIS A 32 -2.99 9.63 -3.06
N LYS A 33 -2.02 10.50 -2.78
CA LYS A 33 -1.92 11.17 -1.48
C LYS A 33 -3.15 12.04 -1.20
N ALA A 34 -3.31 12.40 0.07
CA ALA A 34 -4.42 13.25 0.50
C ALA A 34 -4.27 14.66 -0.04
N ASN A 35 -3.09 14.97 -0.57
CA ASN A 35 -2.84 16.26 -1.19
C ASN A 35 -3.19 16.20 -2.67
N GLY A 36 -3.37 14.98 -3.18
CA GLY A 36 -3.65 14.81 -4.59
C GLY A 36 -2.42 14.41 -5.39
N VAL A 37 -1.32 14.22 -4.68
CA VAL A 37 -0.05 13.83 -5.32
C VAL A 37 -0.02 12.31 -5.53
N LYS A 38 0.64 11.88 -6.60
CA LYS A 38 0.78 10.46 -6.89
C LYS A 38 2.14 9.94 -6.44
N ILE A 39 2.12 8.88 -5.64
CA ILE A 39 3.34 8.24 -5.18
C ILE A 39 3.31 6.75 -5.53
N ALA A 40 4.44 6.09 -5.39
CA ALA A 40 4.53 4.66 -5.60
C ALA A 40 5.44 4.04 -4.55
N VAL A 41 4.90 3.06 -3.83
CA VAL A 41 5.68 2.31 -2.86
C VAL A 41 5.80 0.88 -3.31
N ALA A 42 6.72 0.14 -2.73
CA ALA A 42 6.86 -1.27 -3.05
C ALA A 42 5.91 -2.09 -2.20
N ALA A 43 5.11 -2.93 -2.86
CA ALA A 43 4.10 -3.75 -2.19
C ALA A 43 4.72 -4.76 -1.22
N ASP A 44 6.04 -4.84 -1.21
CA ASP A 44 6.72 -5.84 -0.39
C ASP A 44 7.47 -5.21 0.78
N LYS A 45 7.68 -3.90 0.73
CA LYS A 45 8.35 -3.22 1.84
C LYS A 45 7.30 -2.62 2.76
N LEU A 46 6.06 -2.85 2.40
CA LEU A 46 4.92 -2.29 3.11
C LEU A 46 4.54 -3.19 4.27
N SER A 47 3.65 -2.71 5.14
CA SER A 47 3.21 -3.49 6.26
C SER A 47 2.16 -4.50 5.81
N ASN A 48 2.29 -5.71 6.33
CA ASN A 48 1.45 -6.84 5.98
C ASN A 48 -0.02 -6.50 6.12
N GLU A 49 -0.34 -5.65 7.09
CA GLU A 49 -1.68 -5.20 7.33
C GLU A 49 -2.18 -4.42 6.13
N ASP A 50 -1.36 -3.50 5.67
CA ASP A 50 -1.64 -2.71 4.51
C ASP A 50 -1.84 -3.60 3.30
N LEU A 51 -1.04 -4.66 3.16
CA LEU A 51 -1.19 -5.54 2.02
C LEU A 51 -2.49 -6.34 2.14
N ALA A 52 -2.81 -6.75 3.36
CA ALA A 52 -4.04 -7.50 3.62
C ALA A 52 -5.25 -6.65 3.24
N TYR A 53 -5.07 -5.34 3.36
CA TYR A 53 -6.10 -4.39 2.99
C TYR A 53 -6.20 -4.25 1.46
N VAL A 54 -5.07 -4.07 0.78
CA VAL A 54 -5.10 -3.96 -0.67
C VAL A 54 -5.56 -5.26 -1.31
N GLU A 55 -5.32 -6.37 -0.61
CA GLU A 55 -5.97 -7.64 -0.97
C GLU A 55 -7.48 -7.46 -1.10
N LYS A 56 -8.08 -6.72 -0.16
CA LYS A 56 -9.52 -6.51 -0.16
C LYS A 56 -9.90 -5.55 -1.28
N ILE A 57 -9.00 -4.63 -1.59
CA ILE A 57 -9.23 -3.66 -2.66
C ILE A 57 -9.26 -4.34 -4.03
N THR A 58 -8.34 -5.26 -4.26
CA THR A 58 -8.17 -5.83 -5.59
C THR A 58 -8.74 -7.24 -5.72
N GLY A 59 -8.43 -8.08 -4.74
CA GLY A 59 -8.76 -9.48 -4.84
C GLY A 59 -7.51 -10.33 -4.94
N PHE A 60 -6.39 -9.66 -5.22
CA PHE A 60 -5.10 -10.34 -5.28
C PHE A 60 -4.58 -10.55 -3.88
N SER A 61 -4.03 -11.71 -3.61
CA SER A 61 -3.50 -12.01 -2.29
C SER A 61 -2.04 -11.58 -2.20
N LEU A 62 -1.77 -10.57 -1.41
CA LEU A 62 -0.41 -10.07 -1.26
C LEU A 62 0.29 -10.76 -0.10
N GLU A 63 -0.18 -11.97 0.22
CA GLU A 63 0.43 -12.81 1.23
C GLU A 63 1.92 -12.99 0.93
N LYS A 64 2.24 -13.31 -0.32
CA LYS A 64 3.61 -13.56 -0.73
C LYS A 64 4.42 -12.26 -0.80
N PHE A 65 3.75 -11.13 -0.59
CA PHE A 65 4.42 -9.84 -0.55
C PHE A 65 4.69 -9.43 0.89
N LYS A 66 4.01 -10.11 1.81
CA LYS A 66 4.09 -9.75 3.22
C LYS A 66 5.43 -10.16 3.81
N ALA A 67 5.89 -9.39 4.77
CA ALA A 67 7.25 -9.53 5.28
C ALA A 67 7.28 -10.11 6.69
N ASN A 68 8.46 -10.52 7.10
CA ASN A 68 8.68 -11.09 8.42
C ASN A 68 9.37 -10.09 9.33
N LYS A 3 -14.37 7.54 4.96
CA LYS A 3 -13.32 8.51 4.69
C LYS A 3 -12.74 8.32 3.29
N LYS A 4 -11.96 9.31 2.87
CA LYS A 4 -11.20 9.20 1.64
C LYS A 4 -9.72 9.20 1.99
N SER A 5 -8.96 8.28 1.39
CA SER A 5 -7.55 8.09 1.70
C SER A 5 -7.37 7.48 3.10
N ARG A 6 -6.21 6.89 3.34
CA ARG A 6 -5.89 6.30 4.64
C ARG A 6 -4.41 6.40 4.94
N LEU A 7 -4.03 5.89 6.09
CA LEU A 7 -2.65 5.99 6.55
C LEU A 7 -1.95 4.64 6.37
N TRP A 8 -1.05 4.60 5.40
CA TRP A 8 -0.30 3.39 5.09
C TRP A 8 1.02 3.39 5.83
N VAL A 9 1.48 2.21 6.25
CA VAL A 9 2.75 2.09 6.94
C VAL A 9 3.61 1.02 6.27
N ASP A 10 4.92 1.18 6.29
CA ASP A 10 5.81 0.15 5.72
C ASP A 10 6.12 -0.94 6.74
N ARG A 11 6.87 -1.95 6.31
CA ARG A 11 7.20 -3.09 7.17
C ARG A 11 7.87 -2.67 8.48
N SER A 12 8.81 -1.76 8.40
CA SER A 12 9.61 -1.38 9.56
C SER A 12 8.91 -0.30 10.38
N GLY A 13 8.12 0.51 9.69
CA GLY A 13 7.48 1.64 10.35
C GLY A 13 8.29 2.90 10.18
N THR A 14 9.15 2.91 9.19
CA THR A 14 10.01 4.04 8.90
C THR A 14 9.23 5.13 8.18
N PHE A 15 8.33 4.71 7.28
CA PHE A 15 7.54 5.68 6.55
C PHE A 15 6.06 5.32 6.52
N LYS A 16 5.25 6.34 6.79
CA LYS A 16 3.81 6.21 6.73
C LYS A 16 3.27 7.25 5.76
N VAL A 17 2.24 6.90 5.02
CA VAL A 17 1.72 7.80 3.99
C VAL A 17 0.20 7.85 3.97
N ASP A 18 -0.33 9.06 3.86
CA ASP A 18 -1.76 9.27 3.69
C ASP A 18 -2.11 9.17 2.24
N ALA A 19 -2.72 8.09 1.87
CA ALA A 19 -2.95 7.80 0.47
C ALA A 19 -4.11 6.86 0.25
N GLU A 20 -4.58 6.86 -0.98
CA GLU A 20 -5.58 5.90 -1.41
C GLU A 20 -5.00 5.07 -2.55
N PHE A 21 -5.29 3.78 -2.54
CA PHE A 21 -4.82 2.89 -3.59
C PHE A 21 -5.55 3.22 -4.88
N ILE A 22 -4.78 3.33 -5.95
CA ILE A 22 -5.34 3.66 -7.25
C ILE A 22 -5.16 2.49 -8.20
N GLY A 23 -3.94 1.97 -8.24
CA GLY A 23 -3.63 0.85 -9.09
C GLY A 23 -2.36 0.17 -8.63
N CYS A 24 -2.18 -1.09 -9.00
CA CYS A 24 -1.02 -1.85 -8.57
C CYS A 24 -0.18 -2.24 -9.77
N ALA A 25 1.15 -2.18 -9.65
CA ALA A 25 2.00 -2.42 -10.80
C ALA A 25 3.15 -3.35 -10.45
N LYS A 26 3.05 -4.59 -10.91
CA LYS A 26 4.09 -5.58 -10.69
C LYS A 26 4.29 -5.78 -9.20
N GLY A 27 3.19 -5.83 -8.47
CA GLY A 27 3.23 -6.04 -7.04
C GLY A 27 3.26 -4.74 -6.26
N LYS A 28 3.63 -3.65 -6.91
CA LYS A 28 3.74 -2.38 -6.20
C LYS A 28 2.41 -1.65 -6.21
N ILE A 29 2.30 -0.67 -5.35
CA ILE A 29 1.05 0.05 -5.18
C ILE A 29 1.20 1.51 -5.58
N HIS A 30 0.32 1.98 -6.46
CA HIS A 30 0.22 3.41 -6.73
C HIS A 30 -0.71 4.03 -5.73
N LEU A 31 -0.25 5.06 -5.07
CA LEU A 31 -1.02 5.69 -4.03
C LEU A 31 -1.17 7.17 -4.28
N HIS A 32 -2.37 7.66 -4.04
CA HIS A 32 -2.66 9.07 -4.21
C HIS A 32 -2.78 9.71 -2.84
N LYS A 33 -1.81 10.55 -2.49
CA LYS A 33 -1.81 11.26 -1.21
C LYS A 33 -3.06 12.10 -1.09
N ALA A 34 -3.49 12.31 0.15
CA ALA A 34 -4.68 13.12 0.42
C ALA A 34 -4.43 14.57 0.03
N ASN A 35 -3.16 14.92 -0.15
CA ASN A 35 -2.77 16.28 -0.54
C ASN A 35 -2.72 16.42 -2.07
N GLY A 36 -2.88 15.31 -2.78
CA GLY A 36 -2.93 15.38 -4.23
C GLY A 36 -1.77 14.69 -4.92
N VAL A 37 -0.66 14.56 -4.22
CA VAL A 37 0.54 13.95 -4.80
C VAL A 37 0.31 12.45 -5.07
N LYS A 38 0.92 11.94 -6.14
CA LYS A 38 0.82 10.52 -6.44
C LYS A 38 2.18 9.85 -6.28
N ILE A 39 2.20 8.75 -5.54
CA ILE A 39 3.44 8.03 -5.27
C ILE A 39 3.31 6.57 -5.68
N ALA A 40 4.43 5.88 -5.75
CA ALA A 40 4.44 4.44 -5.99
C ALA A 40 5.25 3.76 -4.90
N VAL A 41 4.64 2.81 -4.23
CA VAL A 41 5.26 2.13 -3.11
C VAL A 41 5.12 0.63 -3.29
N ALA A 42 6.24 -0.07 -3.35
CA ALA A 42 6.21 -1.51 -3.50
C ALA A 42 5.60 -2.15 -2.25
N ALA A 43 4.63 -3.02 -2.46
CA ALA A 43 3.86 -3.60 -1.37
C ALA A 43 4.70 -4.56 -0.53
N ASP A 44 5.80 -4.99 -1.10
CA ASP A 44 6.65 -6.00 -0.44
C ASP A 44 7.41 -5.42 0.73
N LYS A 45 7.65 -4.12 0.73
CA LYS A 45 8.31 -3.48 1.86
C LYS A 45 7.30 -2.64 2.64
N LEU A 46 6.05 -3.09 2.58
CA LEU A 46 4.96 -2.41 3.25
C LEU A 46 4.48 -3.23 4.45
N SER A 47 3.56 -2.68 5.22
CA SER A 47 3.02 -3.37 6.40
C SER A 47 1.94 -4.37 5.98
N ASN A 48 2.02 -5.54 6.62
CA ASN A 48 1.15 -6.68 6.33
C ASN A 48 -0.31 -6.28 6.33
N GLU A 49 -0.68 -5.45 7.28
CA GLU A 49 -2.05 -5.04 7.46
C GLU A 49 -2.52 -4.25 6.25
N ASP A 50 -1.66 -3.33 5.83
CA ASP A 50 -1.89 -2.54 4.66
C ASP A 50 -2.00 -3.44 3.44
N LEU A 51 -1.22 -4.53 3.41
CA LEU A 51 -1.31 -5.47 2.31
C LEU A 51 -2.65 -6.19 2.37
N ALA A 52 -3.06 -6.59 3.56
CA ALA A 52 -4.30 -7.33 3.74
C ALA A 52 -5.47 -6.52 3.26
N TYR A 53 -5.33 -5.21 3.36
CA TYR A 53 -6.34 -4.29 2.87
C TYR A 53 -6.31 -4.21 1.34
N VAL A 54 -5.13 -3.97 0.78
CA VAL A 54 -4.99 -3.82 -0.66
C VAL A 54 -5.24 -5.14 -1.38
N GLU A 55 -5.00 -6.25 -0.69
CA GLU A 55 -5.44 -7.56 -1.18
C GLU A 55 -6.92 -7.50 -1.56
N LYS A 56 -7.70 -6.86 -0.70
CA LYS A 56 -9.14 -6.76 -0.91
C LYS A 56 -9.44 -5.79 -2.02
N ILE A 57 -8.63 -4.74 -2.12
CA ILE A 57 -8.82 -3.75 -3.18
C ILE A 57 -8.48 -4.34 -4.56
N THR A 58 -7.51 -5.25 -4.59
CA THR A 58 -6.98 -5.73 -5.86
C THR A 58 -7.57 -7.08 -6.27
N GLY A 59 -7.58 -8.01 -5.33
CA GLY A 59 -7.93 -9.38 -5.65
C GLY A 59 -6.71 -10.26 -5.63
N PHE A 60 -5.56 -9.66 -5.35
CA PHE A 60 -4.30 -10.39 -5.24
C PHE A 60 -3.95 -10.58 -3.78
N SER A 61 -3.42 -11.74 -3.43
CA SER A 61 -2.99 -11.99 -2.07
C SER A 61 -1.55 -11.52 -1.91
N LEU A 62 -1.36 -10.46 -1.13
CA LEU A 62 -0.04 -9.89 -0.94
C LEU A 62 0.67 -10.53 0.25
N GLU A 63 0.28 -11.76 0.59
CA GLU A 63 0.92 -12.51 1.62
C GLU A 63 2.41 -12.68 1.32
N LYS A 64 2.70 -12.94 0.05
CA LYS A 64 4.08 -13.13 -0.41
C LYS A 64 4.84 -11.80 -0.41
N PHE A 65 4.13 -10.72 -0.12
CA PHE A 65 4.74 -9.40 -0.03
C PHE A 65 4.78 -8.93 1.42
N LYS A 66 4.19 -9.73 2.31
CA LYS A 66 4.10 -9.36 3.71
C LYS A 66 5.35 -9.75 4.47
N ALA A 67 5.74 -8.91 5.41
CA ALA A 67 6.89 -9.13 6.27
C ALA A 67 8.19 -9.10 5.47
N ASN A 68 8.73 -7.90 5.31
CA ASN A 68 10.02 -7.72 4.66
C ASN A 68 11.12 -7.69 5.71
N LYS A 3 -14.50 8.44 4.68
CA LYS A 3 -13.05 8.58 4.74
C LYS A 3 -12.40 7.97 3.50
N LYS A 4 -12.25 8.76 2.46
CA LYS A 4 -11.43 8.36 1.33
C LYS A 4 -9.99 8.62 1.66
N SER A 5 -9.10 7.86 1.02
CA SER A 5 -7.68 7.86 1.38
C SER A 5 -7.50 7.23 2.77
N ARG A 6 -6.33 6.71 3.05
CA ARG A 6 -6.09 6.04 4.33
C ARG A 6 -4.63 6.13 4.74
N LEU A 7 -4.35 5.66 5.93
CA LEU A 7 -3.03 5.76 6.52
C LEU A 7 -2.24 4.47 6.27
N TRP A 8 -1.31 4.55 5.34
CA TRP A 8 -0.45 3.43 4.98
C TRP A 8 0.84 3.50 5.80
N VAL A 9 1.35 2.34 6.19
CA VAL A 9 2.61 2.25 6.91
C VAL A 9 3.53 1.25 6.22
N ASP A 10 4.82 1.53 6.20
CA ASP A 10 5.78 0.56 5.67
C ASP A 10 6.25 -0.35 6.81
N ARG A 11 6.79 -1.52 6.44
CA ARG A 11 7.09 -2.57 7.40
C ARG A 11 8.26 -2.20 8.29
N SER A 12 9.08 -1.26 7.85
CA SER A 12 10.21 -0.81 8.63
C SER A 12 9.74 0.23 9.66
N GLY A 13 8.52 0.70 9.47
CA GLY A 13 7.95 1.68 10.38
C GLY A 13 8.57 3.04 10.23
N THR A 14 8.99 3.35 9.00
CA THR A 14 9.66 4.61 8.72
C THR A 14 8.67 5.67 8.25
N PHE A 15 7.76 5.29 7.36
CA PHE A 15 6.82 6.25 6.82
C PHE A 15 5.38 5.79 6.95
N LYS A 16 4.56 6.71 7.46
CA LYS A 16 3.12 6.55 7.49
C LYS A 16 2.52 7.64 6.62
N VAL A 17 1.63 7.28 5.72
CA VAL A 17 1.11 8.26 4.77
C VAL A 17 -0.37 8.09 4.52
N ASP A 18 -1.04 9.21 4.32
CA ASP A 18 -2.45 9.19 3.96
C ASP A 18 -2.58 9.28 2.45
N ALA A 19 -3.09 8.23 1.89
CA ALA A 19 -3.13 8.05 0.44
C ALA A 19 -4.17 7.02 0.01
N GLU A 20 -4.53 7.05 -1.26
CA GLU A 20 -5.45 6.08 -1.84
C GLU A 20 -4.73 5.12 -2.76
N PHE A 21 -5.08 3.84 -2.67
CA PHE A 21 -4.53 2.85 -3.58
C PHE A 21 -5.27 2.94 -4.90
N ILE A 22 -4.53 3.23 -5.95
CA ILE A 22 -5.11 3.45 -7.25
C ILE A 22 -4.88 2.26 -8.18
N GLY A 23 -3.68 1.72 -8.11
CA GLY A 23 -3.34 0.60 -8.95
C GLY A 23 -2.07 -0.08 -8.48
N CYS A 24 -2.06 -1.40 -8.58
CA CYS A 24 -0.90 -2.18 -8.19
C CYS A 24 -0.17 -2.64 -9.45
N ALA A 25 1.12 -2.35 -9.54
CA ALA A 25 1.86 -2.61 -10.77
C ALA A 25 3.08 -3.47 -10.51
N LYS A 26 3.07 -4.68 -11.08
CA LYS A 26 4.17 -5.63 -10.95
C LYS A 26 4.32 -6.10 -9.51
N GLY A 27 4.88 -5.26 -8.66
CA GLY A 27 5.01 -5.60 -7.26
C GLY A 27 4.92 -4.38 -6.37
N LYS A 28 4.38 -3.30 -6.92
CA LYS A 28 4.27 -2.06 -6.15
C LYS A 28 2.84 -1.55 -6.13
N ILE A 29 2.60 -0.60 -5.25
CA ILE A 29 1.30 0.00 -5.07
C ILE A 29 1.37 1.48 -5.40
N HIS A 30 0.51 1.94 -6.28
CA HIS A 30 0.46 3.35 -6.62
C HIS A 30 -0.55 4.03 -5.71
N LEU A 31 -0.10 5.09 -5.06
CA LEU A 31 -0.94 5.80 -4.12
C LEU A 31 -1.09 7.26 -4.53
N HIS A 32 -2.29 7.77 -4.35
CA HIS A 32 -2.53 9.19 -4.50
C HIS A 32 -2.66 9.80 -3.12
N LYS A 33 -1.60 10.44 -2.66
CA LYS A 33 -1.55 11.00 -1.32
C LYS A 33 -2.51 12.18 -1.18
N ALA A 34 -2.93 12.40 0.05
CA ALA A 34 -3.84 13.50 0.37
C ALA A 34 -3.20 14.86 0.11
N ASN A 35 -1.88 14.87 -0.07
CA ASN A 35 -1.18 16.10 -0.38
C ASN A 35 -1.30 16.44 -1.86
N GLY A 36 -1.65 15.45 -2.68
CA GLY A 36 -1.86 15.71 -4.09
C GLY A 36 -0.92 14.92 -5.00
N VAL A 37 0.20 14.48 -4.46
CA VAL A 37 1.18 13.78 -5.27
C VAL A 37 0.85 12.29 -5.39
N LYS A 38 1.27 11.70 -6.51
CA LYS A 38 1.05 10.28 -6.76
C LYS A 38 2.38 9.54 -6.62
N ILE A 39 2.39 8.52 -5.80
CA ILE A 39 3.62 7.81 -5.47
C ILE A 39 3.51 6.33 -5.82
N ALA A 40 4.64 5.64 -5.75
CA ALA A 40 4.67 4.20 -5.94
C ALA A 40 5.44 3.55 -4.81
N VAL A 41 4.74 2.95 -3.89
CA VAL A 41 5.36 2.27 -2.78
C VAL A 41 5.35 0.77 -3.04
N ALA A 42 6.52 0.18 -3.03
CA ALA A 42 6.65 -1.25 -3.27
C ALA A 42 5.88 -2.04 -2.22
N ALA A 43 5.05 -2.98 -2.68
CA ALA A 43 4.14 -3.69 -1.81
C ALA A 43 4.85 -4.70 -0.92
N ASP A 44 6.14 -4.85 -1.16
CA ASP A 44 6.92 -5.88 -0.50
C ASP A 44 7.70 -5.32 0.69
N LYS A 45 7.89 -4.02 0.70
CA LYS A 45 8.56 -3.37 1.83
C LYS A 45 7.54 -2.68 2.72
N LEU A 46 6.29 -2.91 2.37
CA LEU A 46 5.17 -2.26 3.05
C LEU A 46 4.67 -3.13 4.20
N SER A 47 3.79 -2.56 5.02
CA SER A 47 3.24 -3.30 6.15
C SER A 47 2.20 -4.31 5.68
N ASN A 48 2.30 -5.51 6.22
CA ASN A 48 1.46 -6.64 5.82
C ASN A 48 0.00 -6.33 6.04
N GLU A 49 -0.29 -5.54 7.06
CA GLU A 49 -1.63 -5.12 7.36
C GLU A 49 -2.19 -4.30 6.22
N ASP A 50 -1.36 -3.40 5.71
CA ASP A 50 -1.71 -2.57 4.59
C ASP A 50 -1.91 -3.42 3.35
N LEU A 51 -1.09 -4.46 3.17
CA LEU A 51 -1.26 -5.35 2.04
C LEU A 51 -2.55 -6.12 2.17
N ALA A 52 -2.85 -6.55 3.40
CA ALA A 52 -4.06 -7.31 3.67
C ALA A 52 -5.28 -6.49 3.30
N TYR A 53 -5.15 -5.18 3.47
CA TYR A 53 -6.20 -4.26 3.10
C TYR A 53 -6.33 -4.13 1.58
N VAL A 54 -5.21 -3.93 0.89
CA VAL A 54 -5.25 -3.79 -0.57
C VAL A 54 -5.61 -5.11 -1.24
N GLU A 55 -5.30 -6.23 -0.57
CA GLU A 55 -5.84 -7.53 -0.97
C GLU A 55 -7.36 -7.45 -1.10
N LYS A 56 -7.98 -6.69 -0.20
CA LYS A 56 -9.42 -6.51 -0.21
C LYS A 56 -9.83 -5.60 -1.35
N ILE A 57 -9.08 -4.51 -1.54
CA ILE A 57 -9.37 -3.58 -2.64
C ILE A 57 -9.34 -4.30 -3.99
N THR A 58 -8.41 -5.22 -4.14
CA THR A 58 -8.15 -5.83 -5.44
C THR A 58 -8.83 -7.19 -5.62
N GLY A 59 -8.71 -8.03 -4.61
CA GLY A 59 -9.16 -9.39 -4.74
C GLY A 59 -7.97 -10.34 -4.89
N PHE A 60 -6.78 -9.74 -4.95
CA PHE A 60 -5.55 -10.50 -5.04
C PHE A 60 -5.00 -10.75 -3.64
N SER A 61 -3.96 -11.55 -3.53
CA SER A 61 -3.33 -11.78 -2.25
C SER A 61 -1.89 -11.30 -2.29
N LEU A 62 -1.54 -10.47 -1.32
CA LEU A 62 -0.20 -9.91 -1.24
C LEU A 62 0.58 -10.59 -0.12
N GLU A 63 0.11 -11.76 0.28
CA GLU A 63 0.78 -12.58 1.27
C GLU A 63 2.24 -12.80 0.86
N LYS A 64 2.43 -13.08 -0.43
CA LYS A 64 3.74 -13.27 -1.01
C LYS A 64 4.63 -12.04 -0.83
N PHE A 65 4.01 -10.89 -0.65
CA PHE A 65 4.75 -9.63 -0.48
C PHE A 65 4.89 -9.30 1.00
N LYS A 66 4.14 -9.99 1.84
CA LYS A 66 4.15 -9.71 3.26
C LYS A 66 5.40 -10.28 3.91
N ALA A 67 5.97 -9.53 4.83
CA ALA A 67 7.20 -9.93 5.49
C ALA A 67 6.91 -10.74 6.75
N ASN A 68 7.18 -12.02 6.68
CA ASN A 68 7.02 -12.90 7.82
C ASN A 68 8.34 -13.59 8.12
N LYS A 3 -12.27 12.50 3.77
CA LYS A 3 -12.82 11.55 2.82
C LYS A 3 -11.78 11.18 1.78
N LYS A 4 -11.55 9.86 1.64
CA LYS A 4 -10.55 9.32 0.72
C LYS A 4 -9.13 9.63 1.20
N SER A 5 -8.18 8.84 0.74
CA SER A 5 -6.80 8.91 1.16
C SER A 5 -6.67 8.58 2.64
N ARG A 6 -6.04 7.45 2.90
CA ARG A 6 -5.98 6.89 4.23
C ARG A 6 -4.53 6.63 4.64
N LEU A 7 -4.34 6.16 5.87
CA LEU A 7 -3.01 6.03 6.45
C LEU A 7 -2.40 4.66 6.13
N TRP A 8 -1.27 4.68 5.43
CA TRP A 8 -0.52 3.47 5.12
C TRP A 8 0.77 3.43 5.92
N VAL A 9 1.22 2.24 6.29
CA VAL A 9 2.45 2.07 7.07
C VAL A 9 3.37 1.05 6.41
N ASP A 10 4.69 1.27 6.48
CA ASP A 10 5.64 0.33 5.90
C ASP A 10 5.99 -0.79 6.89
N ARG A 11 6.85 -1.70 6.44
CA ARG A 11 7.27 -2.86 7.24
C ARG A 11 7.78 -2.45 8.61
N SER A 12 8.60 -1.41 8.66
CA SER A 12 9.23 -1.00 9.90
C SER A 12 8.35 -0.01 10.66
N GLY A 13 7.43 0.61 9.94
CA GLY A 13 6.58 1.62 10.54
C GLY A 13 7.22 2.99 10.49
N THR A 14 8.26 3.11 9.69
CA THR A 14 9.05 4.32 9.61
C THR A 14 8.29 5.40 8.85
N PHE A 15 7.59 5.01 7.79
CA PHE A 15 6.80 5.97 7.04
C PHE A 15 5.33 5.62 7.03
N LYS A 16 4.55 6.55 7.55
CA LYS A 16 3.11 6.50 7.46
C LYS A 16 2.66 7.61 6.55
N VAL A 17 1.82 7.30 5.59
CA VAL A 17 1.39 8.29 4.62
C VAL A 17 -0.10 8.21 4.34
N ASP A 18 -0.69 9.36 4.11
CA ASP A 18 -2.07 9.44 3.67
C ASP A 18 -2.11 9.30 2.17
N ALA A 19 -2.87 8.33 1.70
CA ALA A 19 -2.94 8.03 0.29
C ALA A 19 -4.06 7.07 -0.01
N GLU A 20 -4.53 7.08 -1.23
CA GLU A 20 -5.48 6.10 -1.67
C GLU A 20 -4.86 5.19 -2.70
N PHE A 21 -5.19 3.91 -2.59
CA PHE A 21 -4.72 2.93 -3.55
C PHE A 21 -5.40 3.18 -4.89
N ILE A 22 -4.60 3.18 -5.94
CA ILE A 22 -5.12 3.37 -7.29
C ILE A 22 -4.80 2.17 -8.16
N GLY A 23 -3.55 1.75 -8.12
CA GLY A 23 -3.11 0.66 -8.97
C GLY A 23 -2.01 -0.17 -8.34
N CYS A 24 -2.03 -1.47 -8.58
CA CYS A 24 -1.01 -2.36 -8.03
C CYS A 24 -0.31 -3.12 -9.15
N ALA A 25 0.97 -2.86 -9.33
CA ALA A 25 1.74 -3.46 -10.42
C ALA A 25 3.22 -3.52 -10.08
N LYS A 26 3.88 -4.58 -10.56
CA LYS A 26 5.31 -4.78 -10.35
C LYS A 26 5.66 -4.82 -8.87
N GLY A 27 4.76 -5.38 -8.07
CA GLY A 27 4.95 -5.44 -6.64
C GLY A 27 4.95 -4.07 -6.00
N LYS A 28 4.44 -3.08 -6.73
CA LYS A 28 4.36 -1.72 -6.22
C LYS A 28 2.91 -1.30 -6.05
N ILE A 29 2.70 -0.38 -5.15
CA ILE A 29 1.37 0.15 -4.92
C ILE A 29 1.32 1.61 -5.31
N HIS A 30 0.56 1.89 -6.36
CA HIS A 30 0.34 3.23 -6.83
C HIS A 30 -0.63 3.93 -5.90
N LEU A 31 -0.19 5.03 -5.31
CA LEU A 31 -0.97 5.69 -4.27
C LEU A 31 -1.21 7.14 -4.60
N HIS A 32 -2.42 7.58 -4.30
CA HIS A 32 -2.84 8.94 -4.55
C HIS A 32 -2.97 9.68 -3.21
N LYS A 33 -1.94 10.45 -2.87
CA LYS A 33 -1.90 11.21 -1.62
C LYS A 33 -3.07 12.16 -1.50
N ALA A 34 -3.28 12.69 -0.31
CA ALA A 34 -4.34 13.65 -0.07
C ALA A 34 -4.13 14.91 -0.91
N ASN A 35 -2.86 15.20 -1.21
CA ASN A 35 -2.52 16.37 -2.03
C ASN A 35 -2.58 16.05 -3.51
N GLY A 36 -3.13 14.89 -3.84
CA GLY A 36 -3.24 14.50 -5.23
C GLY A 36 -1.92 14.09 -5.83
N VAL A 37 -1.02 13.61 -4.99
CA VAL A 37 0.31 13.22 -5.43
C VAL A 37 0.38 11.71 -5.62
N LYS A 38 1.02 11.26 -6.68
CA LYS A 38 1.17 9.84 -6.94
C LYS A 38 2.53 9.34 -6.52
N ILE A 39 2.53 8.34 -5.66
CA ILE A 39 3.77 7.70 -5.23
C ILE A 39 3.69 6.20 -5.44
N ALA A 40 4.83 5.59 -5.77
CA ALA A 40 4.91 4.14 -5.89
C ALA A 40 5.54 3.56 -4.64
N VAL A 41 4.70 2.99 -3.80
CA VAL A 41 5.18 2.35 -2.60
C VAL A 41 5.17 0.84 -2.79
N ALA A 42 6.36 0.27 -2.85
CA ALA A 42 6.49 -1.15 -3.08
C ALA A 42 5.75 -1.93 -1.99
N ALA A 43 4.90 -2.84 -2.43
CA ALA A 43 4.11 -3.65 -1.51
C ALA A 43 4.99 -4.61 -0.72
N ASP A 44 6.25 -4.67 -1.09
CA ASP A 44 7.18 -5.66 -0.55
C ASP A 44 8.00 -5.13 0.63
N LYS A 45 7.96 -3.83 0.89
CA LYS A 45 8.58 -3.31 2.10
C LYS A 45 7.52 -2.61 2.94
N LEU A 46 6.28 -2.92 2.60
CA LEU A 46 5.13 -2.32 3.26
C LEU A 46 4.61 -3.26 4.36
N SER A 47 3.74 -2.74 5.22
CA SER A 47 3.21 -3.52 6.32
C SER A 47 2.18 -4.52 5.82
N ASN A 48 2.27 -5.73 6.37
CA ASN A 48 1.41 -6.84 5.97
C ASN A 48 -0.05 -6.50 6.16
N GLU A 49 -0.32 -5.64 7.14
CA GLU A 49 -1.64 -5.15 7.42
C GLU A 49 -2.19 -4.42 6.20
N ASP A 50 -1.39 -3.50 5.69
CA ASP A 50 -1.71 -2.73 4.53
C ASP A 50 -1.86 -3.64 3.32
N LEU A 51 -1.05 -4.69 3.23
CA LEU A 51 -1.16 -5.64 2.13
C LEU A 51 -2.45 -6.44 2.25
N ALA A 52 -2.78 -6.85 3.47
CA ALA A 52 -3.99 -7.63 3.69
C ALA A 52 -5.21 -6.80 3.36
N TYR A 53 -5.06 -5.49 3.52
CA TYR A 53 -6.09 -4.54 3.19
C TYR A 53 -6.25 -4.39 1.68
N VAL A 54 -5.15 -4.21 0.97
CA VAL A 54 -5.22 -4.04 -0.48
C VAL A 54 -5.64 -5.34 -1.17
N GLU A 55 -5.36 -6.47 -0.51
CA GLU A 55 -5.94 -7.75 -0.92
C GLU A 55 -7.46 -7.63 -1.02
N LYS A 56 -8.03 -6.83 -0.14
CA LYS A 56 -9.46 -6.54 -0.16
C LYS A 56 -9.79 -5.62 -1.32
N ILE A 57 -9.04 -4.51 -1.43
CA ILE A 57 -9.30 -3.50 -2.47
C ILE A 57 -9.43 -4.12 -3.85
N THR A 58 -8.50 -5.01 -4.16
CA THR A 58 -8.37 -5.52 -5.51
C THR A 58 -8.89 -6.95 -5.66
N GLY A 59 -8.50 -7.80 -4.73
CA GLY A 59 -8.75 -9.21 -4.86
C GLY A 59 -7.47 -9.97 -5.08
N PHE A 60 -6.38 -9.24 -5.25
CA PHE A 60 -5.07 -9.84 -5.40
C PHE A 60 -4.50 -10.16 -4.02
N SER A 61 -3.83 -11.28 -3.91
CA SER A 61 -3.26 -11.66 -2.64
C SER A 61 -1.83 -11.13 -2.53
N LEU A 62 -1.63 -10.13 -1.68
CA LEU A 62 -0.32 -9.53 -1.51
C LEU A 62 0.47 -10.30 -0.45
N GLU A 63 0.05 -11.54 -0.19
CA GLU A 63 0.74 -12.44 0.70
C GLU A 63 2.20 -12.60 0.30
N LYS A 64 2.41 -12.73 -1.00
CA LYS A 64 3.74 -12.94 -1.57
C LYS A 64 4.61 -11.69 -1.41
N PHE A 65 4.00 -10.57 -1.05
CA PHE A 65 4.73 -9.33 -0.88
C PHE A 65 4.82 -8.95 0.59
N LYS A 66 4.23 -9.77 1.46
CA LYS A 66 4.26 -9.50 2.88
C LYS A 66 5.62 -9.85 3.46
N ALA A 67 6.09 -9.04 4.41
CA ALA A 67 7.47 -9.08 4.85
C ALA A 67 7.73 -10.13 5.93
N ASN A 68 7.36 -11.37 5.63
CA ASN A 68 7.65 -12.51 6.50
C ASN A 68 7.01 -12.35 7.88
N LYS A 3 -13.45 2.52 1.25
CA LYS A 3 -12.24 2.90 0.55
C LYS A 3 -11.95 4.38 0.82
N LYS A 4 -10.96 4.63 1.67
CA LYS A 4 -10.70 5.97 2.16
C LYS A 4 -9.21 6.19 2.33
N SER A 5 -8.75 7.39 1.94
CA SER A 5 -7.38 7.79 2.17
C SER A 5 -7.01 7.65 3.63
N ARG A 6 -6.03 6.82 3.87
CA ARG A 6 -5.66 6.45 5.23
C ARG A 6 -4.15 6.44 5.37
N LEU A 7 -3.70 6.11 6.56
CA LEU A 7 -2.28 6.12 6.86
C LEU A 7 -1.65 4.78 6.53
N TRP A 8 -0.82 4.77 5.50
CA TRP A 8 -0.11 3.57 5.08
C TRP A 8 1.23 3.50 5.77
N VAL A 9 1.60 2.32 6.22
CA VAL A 9 2.81 2.13 6.99
C VAL A 9 3.66 1.00 6.42
N ASP A 10 4.98 1.19 6.47
CA ASP A 10 5.93 0.14 6.09
C ASP A 10 6.00 -0.92 7.17
N ARG A 11 6.47 -2.08 6.77
CA ARG A 11 6.49 -3.29 7.60
C ARG A 11 7.39 -3.13 8.82
N SER A 12 8.33 -2.20 8.73
CA SER A 12 9.20 -1.89 9.86
C SER A 12 8.93 -0.47 10.37
N GLY A 13 7.90 0.16 9.83
CA GLY A 13 7.57 1.52 10.24
C GLY A 13 8.53 2.54 9.66
N THR A 14 9.16 2.20 8.54
CA THR A 14 10.14 3.07 7.90
C THR A 14 9.48 4.31 7.31
N PHE A 15 8.30 4.14 6.70
CA PHE A 15 7.60 5.27 6.12
C PHE A 15 6.11 5.18 6.45
N LYS A 16 5.49 6.32 6.70
CA LYS A 16 4.05 6.40 6.90
C LYS A 16 3.49 7.60 6.17
N VAL A 17 2.44 7.39 5.40
CA VAL A 17 1.79 8.49 4.69
C VAL A 17 0.29 8.24 4.54
N ASP A 18 -0.47 9.31 4.57
CA ASP A 18 -1.90 9.23 4.35
C ASP A 18 -2.16 9.22 2.85
N ALA A 19 -2.79 8.19 2.37
CA ALA A 19 -2.96 8.01 0.94
C ALA A 19 -4.08 7.04 0.61
N GLU A 20 -4.40 6.95 -0.67
CA GLU A 20 -5.44 6.06 -1.15
C GLU A 20 -4.90 5.20 -2.28
N PHE A 21 -5.32 3.95 -2.32
CA PHE A 21 -4.85 3.01 -3.34
C PHE A 21 -5.53 3.27 -4.66
N ILE A 22 -4.75 3.33 -5.71
CA ILE A 22 -5.30 3.56 -7.03
C ILE A 22 -5.12 2.32 -7.90
N GLY A 23 -3.90 1.80 -7.94
CA GLY A 23 -3.61 0.66 -8.79
C GLY A 23 -2.32 -0.03 -8.40
N CYS A 24 -2.26 -1.34 -8.54
CA CYS A 24 -1.08 -2.10 -8.19
C CYS A 24 -0.59 -2.93 -9.38
N ALA A 25 0.70 -2.83 -9.67
CA ALA A 25 1.29 -3.50 -10.81
C ALA A 25 2.77 -3.77 -10.57
N LYS A 26 3.24 -4.91 -11.06
CA LYS A 26 4.65 -5.29 -10.95
C LYS A 26 5.10 -5.39 -9.49
N GLY A 27 4.15 -5.72 -8.61
CA GLY A 27 4.47 -5.86 -7.20
C GLY A 27 4.51 -4.52 -6.49
N LYS A 28 4.23 -3.45 -7.22
CA LYS A 28 4.22 -2.12 -6.63
C LYS A 28 2.81 -1.61 -6.49
N ILE A 29 2.64 -0.62 -5.63
CA ILE A 29 1.35 -0.04 -5.38
C ILE A 29 1.37 1.45 -5.64
N HIS A 30 0.47 1.89 -6.52
CA HIS A 30 0.33 3.31 -6.79
C HIS A 30 -0.66 3.91 -5.80
N LEU A 31 -0.23 4.98 -5.16
CA LEU A 31 -1.02 5.61 -4.13
C LEU A 31 -1.23 7.07 -4.46
N HIS A 32 -2.37 7.56 -4.02
CA HIS A 32 -2.69 8.97 -4.14
C HIS A 32 -2.70 9.57 -2.74
N LYS A 33 -1.60 10.24 -2.40
CA LYS A 33 -1.41 10.75 -1.06
C LYS A 33 -2.32 11.93 -0.78
N ALA A 34 -2.67 12.11 0.49
CA ALA A 34 -3.50 13.22 0.92
C ALA A 34 -2.78 14.54 0.69
N ASN A 35 -1.49 14.42 0.41
CA ASN A 35 -0.65 15.56 0.07
C ASN A 35 -1.02 16.09 -1.31
N GLY A 36 -1.66 15.24 -2.12
CA GLY A 36 -2.04 15.61 -3.47
C GLY A 36 -1.13 14.98 -4.50
N VAL A 37 -0.18 14.18 -4.03
CA VAL A 37 0.82 13.57 -4.90
C VAL A 37 0.51 12.10 -5.15
N LYS A 38 0.74 11.66 -6.38
CA LYS A 38 0.62 10.25 -6.73
C LYS A 38 1.98 9.59 -6.71
N ILE A 39 2.08 8.49 -5.99
CA ILE A 39 3.35 7.80 -5.80
C ILE A 39 3.24 6.32 -6.17
N ALA A 40 4.39 5.65 -6.25
CA ALA A 40 4.42 4.22 -6.47
C ALA A 40 5.44 3.58 -5.52
N VAL A 41 4.95 2.85 -4.54
CA VAL A 41 5.82 2.17 -3.60
C VAL A 41 5.74 0.67 -3.83
N ALA A 42 6.83 -0.04 -3.61
CA ALA A 42 6.82 -1.48 -3.73
C ALA A 42 6.07 -2.08 -2.56
N ALA A 43 5.12 -2.96 -2.87
CA ALA A 43 4.21 -3.53 -1.86
C ALA A 43 4.94 -4.33 -0.78
N ASP A 44 6.19 -4.70 -1.06
CA ASP A 44 6.93 -5.59 -0.17
C ASP A 44 7.38 -4.89 1.10
N LYS A 45 7.50 -3.58 1.05
CA LYS A 45 7.93 -2.83 2.23
C LYS A 45 6.74 -2.13 2.86
N LEU A 46 5.61 -2.82 2.86
CA LEU A 46 4.40 -2.34 3.51
C LEU A 46 3.99 -3.24 4.67
N SER A 47 3.15 -2.71 5.54
CA SER A 47 2.62 -3.48 6.65
C SER A 47 1.56 -4.46 6.15
N ASN A 48 1.59 -5.64 6.74
CA ASN A 48 0.70 -6.75 6.38
C ASN A 48 -0.75 -6.30 6.34
N GLU A 49 -1.08 -5.38 7.24
CA GLU A 49 -2.40 -4.81 7.32
C GLU A 49 -2.77 -4.14 6.00
N ASP A 50 -1.86 -3.29 5.54
CA ASP A 50 -2.03 -2.57 4.32
C ASP A 50 -2.15 -3.53 3.16
N LEU A 51 -1.39 -4.63 3.18
CA LEU A 51 -1.48 -5.59 2.09
C LEU A 51 -2.81 -6.32 2.14
N ALA A 52 -3.23 -6.74 3.34
CA ALA A 52 -4.48 -7.48 3.50
C ALA A 52 -5.64 -6.66 2.98
N TYR A 53 -5.51 -5.35 3.10
CA TYR A 53 -6.50 -4.41 2.61
C TYR A 53 -6.48 -4.31 1.09
N VAL A 54 -5.30 -4.11 0.51
CA VAL A 54 -5.19 -3.92 -0.93
C VAL A 54 -5.47 -5.22 -1.69
N GLU A 55 -5.18 -6.36 -1.05
CA GLU A 55 -5.62 -7.66 -1.56
C GLU A 55 -7.11 -7.63 -1.83
N LYS A 56 -7.85 -6.98 -0.94
CA LYS A 56 -9.28 -6.95 -1.04
C LYS A 56 -9.69 -5.92 -2.08
N ILE A 57 -8.90 -4.87 -2.23
CA ILE A 57 -9.16 -3.85 -3.24
C ILE A 57 -9.00 -4.42 -4.66
N THR A 58 -8.05 -5.32 -4.83
CA THR A 58 -7.67 -5.76 -6.16
C THR A 58 -8.12 -7.19 -6.47
N GLY A 59 -7.87 -8.10 -5.55
CA GLY A 59 -8.22 -9.50 -5.78
C GLY A 59 -7.04 -10.42 -5.63
N PHE A 60 -5.84 -9.95 -5.95
CA PHE A 60 -4.65 -10.77 -5.83
C PHE A 60 -4.06 -10.67 -4.43
N SER A 61 -3.37 -11.73 -4.02
CA SER A 61 -2.89 -11.86 -2.65
C SER A 61 -1.47 -11.31 -2.53
N LEU A 62 -1.22 -10.63 -1.42
CA LEU A 62 0.08 -10.00 -1.20
C LEU A 62 0.78 -10.62 0.00
N GLU A 63 0.53 -11.91 0.20
CA GLU A 63 1.21 -12.69 1.21
C GLU A 63 2.72 -12.58 1.06
N LYS A 64 3.17 -12.60 -0.19
CA LYS A 64 4.59 -12.53 -0.53
C LYS A 64 5.21 -11.20 -0.09
N PHE A 65 4.36 -10.23 0.22
CA PHE A 65 4.84 -8.91 0.62
C PHE A 65 4.65 -8.70 2.12
N LYS A 66 3.98 -9.64 2.75
CA LYS A 66 3.72 -9.57 4.18
C LYS A 66 4.89 -10.15 4.96
N ALA A 67 5.12 -9.64 6.15
CA ALA A 67 6.21 -10.12 6.99
C ALA A 67 5.65 -10.95 8.15
N ASN A 68 5.97 -12.24 8.13
CA ASN A 68 5.57 -13.17 9.20
C ASN A 68 4.05 -13.33 9.24
N LYS A 3 -13.43 4.94 1.80
CA LYS A 3 -12.34 4.58 0.93
C LYS A 3 -11.59 5.84 0.50
N LYS A 4 -11.19 6.62 1.49
CA LYS A 4 -10.44 7.85 1.24
C LYS A 4 -8.95 7.62 1.41
N SER A 5 -8.18 8.68 1.21
CA SER A 5 -6.75 8.64 1.43
C SER A 5 -6.48 8.37 2.90
N ARG A 6 -5.71 7.35 3.17
CA ARG A 6 -5.54 6.85 4.52
C ARG A 6 -4.07 6.66 4.85
N LEU A 7 -3.80 6.20 6.05
CA LEU A 7 -2.45 6.15 6.56
C LEU A 7 -1.84 4.77 6.34
N TRP A 8 -0.93 4.69 5.37
CA TRP A 8 -0.20 3.46 5.08
C TRP A 8 1.09 3.43 5.87
N VAL A 9 1.46 2.26 6.36
CA VAL A 9 2.63 2.14 7.22
C VAL A 9 3.53 0.99 6.80
N ASP A 10 4.83 1.24 6.80
CA ASP A 10 5.82 0.19 6.58
C ASP A 10 5.90 -0.72 7.80
N ARG A 11 6.30 -1.95 7.54
CA ARG A 11 6.22 -3.03 8.52
C ARG A 11 7.11 -2.76 9.73
N SER A 12 8.18 -2.01 9.51
CA SER A 12 9.10 -1.67 10.58
C SER A 12 8.73 -0.32 11.21
N GLY A 13 7.77 0.35 10.60
CA GLY A 13 7.36 1.66 11.07
C GLY A 13 8.25 2.76 10.54
N THR A 14 8.95 2.45 9.45
CA THR A 14 9.93 3.36 8.87
C THR A 14 9.26 4.59 8.25
N PHE A 15 8.20 4.38 7.50
CA PHE A 15 7.50 5.49 6.87
C PHE A 15 5.99 5.31 6.97
N LYS A 16 5.31 6.43 7.15
CA LYS A 16 3.86 6.45 7.19
C LYS A 16 3.36 7.57 6.31
N VAL A 17 2.41 7.28 5.45
CA VAL A 17 1.91 8.28 4.51
C VAL A 17 0.42 8.15 4.30
N ASP A 18 -0.19 9.27 3.95
CA ASP A 18 -1.60 9.28 3.58
C ASP A 18 -1.71 9.08 2.09
N ALA A 19 -2.57 8.16 1.71
CA ALA A 19 -2.76 7.83 0.30
C ALA A 19 -3.94 6.89 0.12
N GLU A 20 -4.49 6.90 -1.09
CA GLU A 20 -5.53 5.96 -1.46
C GLU A 20 -5.03 5.08 -2.59
N PHE A 21 -5.36 3.81 -2.54
CA PHE A 21 -4.90 2.85 -3.55
C PHE A 21 -5.61 3.08 -4.86
N ILE A 22 -4.84 3.16 -5.91
CA ILE A 22 -5.38 3.39 -7.24
C ILE A 22 -5.17 2.15 -8.11
N GLY A 23 -3.95 1.65 -8.12
CA GLY A 23 -3.62 0.49 -8.93
C GLY A 23 -2.29 -0.12 -8.53
N CYS A 24 -2.16 -1.41 -8.67
CA CYS A 24 -0.94 -2.11 -8.29
C CYS A 24 -0.29 -2.77 -9.50
N ALA A 25 1.01 -2.61 -9.64
CA ALA A 25 1.72 -3.09 -10.82
C ALA A 25 3.09 -3.61 -10.46
N LYS A 26 3.49 -4.71 -11.11
CA LYS A 26 4.76 -5.38 -10.86
C LYS A 26 4.87 -5.88 -9.42
N GLY A 27 5.16 -4.98 -8.51
CA GLY A 27 5.21 -5.31 -7.11
C GLY A 27 4.97 -4.09 -6.25
N LYS A 28 4.50 -3.02 -6.88
CA LYS A 28 4.28 -1.77 -6.17
C LYS A 28 2.80 -1.41 -6.16
N ILE A 29 2.43 -0.55 -5.24
CA ILE A 29 1.10 -0.01 -5.16
C ILE A 29 1.12 1.48 -5.49
N HIS A 30 0.33 1.89 -6.47
CA HIS A 30 0.18 3.30 -6.79
C HIS A 30 -0.80 3.92 -5.82
N LEU A 31 -0.42 5.03 -5.25
CA LEU A 31 -1.20 5.67 -4.21
C LEU A 31 -1.38 7.15 -4.52
N HIS A 32 -2.57 7.65 -4.26
CA HIS A 32 -2.85 9.06 -4.44
C HIS A 32 -3.05 9.72 -3.08
N LYS A 33 -2.11 10.57 -2.71
CA LYS A 33 -2.10 11.19 -1.39
C LYS A 33 -3.21 12.19 -1.21
N ALA A 34 -3.38 12.65 0.02
CA ALA A 34 -4.44 13.61 0.34
C ALA A 34 -4.07 14.98 -0.21
N ASN A 35 -2.77 15.16 -0.45
CA ASN A 35 -2.24 16.40 -1.01
C ASN A 35 -2.45 16.40 -2.52
N GLY A 36 -2.90 15.28 -3.05
CA GLY A 36 -3.06 15.15 -4.49
C GLY A 36 -1.81 14.61 -5.15
N VAL A 37 -0.81 14.32 -4.34
CA VAL A 37 0.45 13.78 -4.85
C VAL A 37 0.29 12.31 -5.21
N LYS A 38 0.82 11.91 -6.34
CA LYS A 38 0.74 10.52 -6.77
C LYS A 38 2.05 9.81 -6.46
N ILE A 39 1.99 8.80 -5.60
CA ILE A 39 3.17 8.05 -5.21
C ILE A 39 3.02 6.58 -5.58
N ALA A 40 4.09 5.81 -5.43
CA ALA A 40 4.07 4.39 -5.72
C ALA A 40 5.07 3.67 -4.85
N VAL A 41 4.58 2.88 -3.92
CA VAL A 41 5.45 2.16 -3.00
C VAL A 41 5.39 0.67 -3.26
N ALA A 42 6.54 0.05 -3.41
CA ALA A 42 6.60 -1.39 -3.56
C ALA A 42 6.04 -2.08 -2.32
N ALA A 43 5.15 -3.02 -2.57
CA ALA A 43 4.38 -3.70 -1.52
C ALA A 43 5.26 -4.33 -0.44
N ASP A 44 6.48 -4.67 -0.81
CA ASP A 44 7.37 -5.38 0.09
C ASP A 44 7.94 -4.48 1.19
N LYS A 45 7.73 -3.17 1.07
CA LYS A 45 8.22 -2.26 2.09
C LYS A 45 7.09 -1.84 3.01
N LEU A 46 6.01 -2.59 3.00
CA LEU A 46 4.86 -2.22 3.81
C LEU A 46 4.59 -3.22 4.89
N SER A 47 3.50 -2.97 5.55
CA SER A 47 3.02 -3.84 6.61
C SER A 47 1.96 -4.76 6.04
N ASN A 48 1.95 -5.99 6.53
CA ASN A 48 1.08 -7.04 6.01
C ASN A 48 -0.38 -6.67 6.16
N GLU A 49 -0.67 -5.80 7.09
CA GLU A 49 -1.98 -5.24 7.26
C GLU A 49 -2.35 -4.44 6.01
N ASP A 50 -1.43 -3.60 5.58
CA ASP A 50 -1.61 -2.78 4.41
C ASP A 50 -1.74 -3.66 3.18
N LEU A 51 -0.96 -4.75 3.10
CA LEU A 51 -1.04 -5.63 1.95
C LEU A 51 -2.35 -6.41 1.95
N ALA A 52 -2.80 -6.82 3.13
CA ALA A 52 -4.04 -7.57 3.25
C ALA A 52 -5.22 -6.68 2.91
N TYR A 53 -5.04 -5.38 3.12
CA TYR A 53 -6.04 -4.40 2.76
C TYR A 53 -6.08 -4.18 1.25
N VAL A 54 -4.93 -3.96 0.64
CA VAL A 54 -4.90 -3.62 -0.77
C VAL A 54 -5.26 -4.82 -1.63
N GLU A 55 -4.92 -6.01 -1.16
CA GLU A 55 -5.33 -7.24 -1.84
C GLU A 55 -6.84 -7.42 -1.71
N LYS A 56 -7.41 -6.80 -0.68
CA LYS A 56 -8.84 -6.83 -0.48
C LYS A 56 -9.52 -5.94 -1.52
N ILE A 57 -8.89 -4.78 -1.78
CA ILE A 57 -9.36 -3.86 -2.81
C ILE A 57 -9.30 -4.49 -4.20
N THR A 58 -8.19 -5.16 -4.46
CA THR A 58 -7.92 -5.68 -5.80
C THR A 58 -8.68 -6.97 -6.08
N GLY A 59 -8.70 -7.87 -5.11
CA GLY A 59 -9.33 -9.15 -5.30
C GLY A 59 -8.32 -10.27 -5.35
N PHE A 60 -7.07 -9.90 -5.17
CA PHE A 60 -5.98 -10.87 -5.15
C PHE A 60 -5.50 -11.07 -3.71
N SER A 61 -4.36 -11.69 -3.55
CA SER A 61 -3.76 -11.82 -2.24
C SER A 61 -2.30 -11.39 -2.28
N LEU A 62 -1.90 -10.56 -1.33
CA LEU A 62 -0.53 -10.10 -1.25
C LEU A 62 0.19 -10.83 -0.13
N GLU A 63 -0.26 -12.06 0.09
CA GLU A 63 0.35 -12.99 1.03
C GLU A 63 1.87 -13.02 0.90
N LYS A 64 2.35 -13.16 -0.34
CA LYS A 64 3.79 -13.23 -0.60
C LYS A 64 4.48 -11.91 -0.23
N PHE A 65 3.70 -10.85 -0.11
CA PHE A 65 4.23 -9.53 0.19
C PHE A 65 4.04 -9.21 1.66
N LYS A 66 3.37 -10.08 2.39
CA LYS A 66 3.12 -9.86 3.80
C LYS A 66 4.35 -10.14 4.63
N ALA A 67 4.96 -9.08 5.05
CA ALA A 67 6.11 -9.15 5.95
C ALA A 67 5.61 -9.29 7.38
N ASN A 68 5.78 -10.48 7.94
CA ASN A 68 5.29 -10.78 9.27
C ASN A 68 6.37 -10.51 10.31
N LYS A 3 -13.23 9.49 5.64
CA LYS A 3 -12.13 10.17 4.95
C LYS A 3 -11.52 9.27 3.89
N LYS A 4 -11.23 9.86 2.73
CA LYS A 4 -10.48 9.18 1.70
C LYS A 4 -8.99 9.45 1.90
N SER A 5 -8.17 8.69 1.19
CA SER A 5 -6.72 8.74 1.31
C SER A 5 -6.27 8.60 2.76
N ARG A 6 -5.92 7.38 3.09
CA ARG A 6 -5.75 6.98 4.47
C ARG A 6 -4.28 6.77 4.82
N LEU A 7 -4.01 6.42 6.06
CA LEU A 7 -2.65 6.33 6.57
C LEU A 7 -2.08 4.92 6.34
N TRP A 8 -1.13 4.84 5.42
CA TRP A 8 -0.44 3.59 5.12
C TRP A 8 0.90 3.54 5.86
N VAL A 9 1.37 2.33 6.13
CA VAL A 9 2.65 2.14 6.83
C VAL A 9 3.49 1.08 6.11
N ASP A 10 4.80 1.23 6.12
CA ASP A 10 5.68 0.19 5.60
C ASP A 10 5.93 -0.88 6.68
N ARG A 11 6.71 -1.91 6.33
CA ARG A 11 6.92 -3.03 7.23
C ARG A 11 8.00 -2.70 8.27
N SER A 12 8.87 -1.76 7.94
CA SER A 12 9.97 -1.41 8.82
C SER A 12 9.56 -0.29 9.79
N GLY A 13 8.63 0.54 9.34
CA GLY A 13 8.18 1.66 10.16
C GLY A 13 8.89 2.94 9.77
N THR A 14 9.40 2.96 8.55
CA THR A 14 10.15 4.08 8.04
C THR A 14 9.22 5.22 7.62
N PHE A 15 8.10 4.87 6.99
CA PHE A 15 7.21 5.87 6.46
C PHE A 15 5.75 5.52 6.60
N LYS A 16 5.00 6.49 7.12
CA LYS A 16 3.56 6.42 7.14
C LYS A 16 3.02 7.59 6.33
N VAL A 17 2.11 7.32 5.41
CA VAL A 17 1.63 8.34 4.49
C VAL A 17 0.15 8.25 4.25
N ASP A 18 -0.43 9.38 3.91
CA ASP A 18 -1.83 9.46 3.52
C ASP A 18 -1.96 9.28 2.02
N ALA A 19 -2.83 8.37 1.63
CA ALA A 19 -3.03 8.09 0.21
C ALA A 19 -4.11 7.04 0.03
N GLU A 20 -4.67 6.98 -1.16
CA GLU A 20 -5.54 5.88 -1.53
C GLU A 20 -4.87 5.04 -2.57
N PHE A 21 -5.12 3.76 -2.47
CA PHE A 21 -4.58 2.83 -3.44
C PHE A 21 -5.37 2.94 -4.74
N ILE A 22 -4.66 3.27 -5.80
CA ILE A 22 -5.27 3.45 -7.10
C ILE A 22 -5.10 2.20 -7.95
N GLY A 23 -3.85 1.76 -8.05
CA GLY A 23 -3.54 0.62 -8.88
C GLY A 23 -2.21 0.00 -8.51
N CYS A 24 -2.14 -1.32 -8.55
CA CYS A 24 -0.93 -2.03 -8.20
C CYS A 24 -0.20 -2.45 -9.46
N ALA A 25 1.13 -2.42 -9.42
CA ALA A 25 1.92 -2.74 -10.60
C ALA A 25 3.20 -3.47 -10.22
N LYS A 26 3.25 -4.76 -10.55
CA LYS A 26 4.44 -5.59 -10.34
C LYS A 26 4.90 -5.52 -8.88
N GLY A 27 3.97 -5.77 -7.97
CA GLY A 27 4.31 -5.80 -6.56
C GLY A 27 4.32 -4.43 -5.91
N LYS A 28 4.17 -3.38 -6.72
CA LYS A 28 4.12 -2.03 -6.19
C LYS A 28 2.70 -1.51 -6.10
N ILE A 29 2.52 -0.49 -5.30
CA ILE A 29 1.22 0.11 -5.10
C ILE A 29 1.27 1.60 -5.43
N HIS A 30 0.45 2.02 -6.39
CA HIS A 30 0.35 3.44 -6.74
C HIS A 30 -0.70 4.09 -5.84
N LEU A 31 -0.35 5.21 -5.26
CA LEU A 31 -1.17 5.82 -4.24
C LEU A 31 -1.42 7.29 -4.54
N HIS A 32 -2.65 7.70 -4.30
CA HIS A 32 -3.06 9.09 -4.47
C HIS A 32 -3.22 9.74 -3.10
N LYS A 33 -2.24 10.56 -2.73
CA LYS A 33 -2.20 11.16 -1.40
C LYS A 33 -3.34 12.13 -1.15
N ALA A 34 -3.47 12.53 0.11
CA ALA A 34 -4.56 13.40 0.51
C ALA A 34 -4.34 14.81 -0.02
N ASN A 35 -3.10 15.09 -0.40
CA ASN A 35 -2.74 16.39 -0.94
C ASN A 35 -2.57 16.31 -2.45
N GLY A 36 -3.05 15.22 -3.04
CA GLY A 36 -3.09 15.13 -4.49
C GLY A 36 -1.86 14.49 -5.09
N VAL A 37 -0.79 14.41 -4.31
CA VAL A 37 0.47 13.85 -4.80
C VAL A 37 0.31 12.36 -5.11
N LYS A 38 0.91 11.93 -6.20
CA LYS A 38 0.85 10.53 -6.60
C LYS A 38 2.17 9.86 -6.29
N ILE A 39 2.12 8.79 -5.52
CA ILE A 39 3.32 8.08 -5.10
C ILE A 39 3.23 6.60 -5.46
N ALA A 40 4.38 5.95 -5.51
CA ALA A 40 4.44 4.52 -5.75
C ALA A 40 5.36 3.85 -4.74
N VAL A 41 4.83 2.90 -3.98
CA VAL A 41 5.62 2.16 -3.02
C VAL A 41 5.60 0.69 -3.38
N ALA A 42 6.69 -0.01 -3.07
CA ALA A 42 6.71 -1.45 -3.25
C ALA A 42 5.99 -2.11 -2.08
N ALA A 43 4.98 -2.91 -2.39
CA ALA A 43 4.16 -3.56 -1.38
C ALA A 43 4.94 -4.59 -0.59
N ASP A 44 6.04 -5.02 -1.18
CA ASP A 44 6.87 -6.06 -0.60
C ASP A 44 7.69 -5.57 0.58
N LYS A 45 7.78 -4.26 0.75
CA LYS A 45 8.44 -3.71 1.92
C LYS A 45 7.43 -2.92 2.74
N LEU A 46 6.16 -3.20 2.46
CA LEU A 46 5.07 -2.51 3.10
C LEU A 46 4.49 -3.34 4.23
N SER A 47 3.65 -2.72 5.05
CA SER A 47 3.02 -3.41 6.17
C SER A 47 2.05 -4.48 5.70
N ASN A 48 2.11 -5.63 6.38
CA ASN A 48 1.27 -6.78 6.06
C ASN A 48 -0.19 -6.43 6.13
N GLU A 49 -0.52 -5.58 7.11
CA GLU A 49 -1.88 -5.17 7.35
C GLU A 49 -2.40 -4.37 6.16
N ASP A 50 -1.56 -3.45 5.71
CA ASP A 50 -1.84 -2.63 4.58
C ASP A 50 -1.99 -3.49 3.34
N LEU A 51 -1.19 -4.55 3.26
CA LEU A 51 -1.29 -5.49 2.17
C LEU A 51 -2.61 -6.21 2.23
N ALA A 52 -2.98 -6.67 3.41
CA ALA A 52 -4.19 -7.46 3.60
C ALA A 52 -5.41 -6.65 3.22
N TYR A 53 -5.30 -5.34 3.38
CA TYR A 53 -6.34 -4.41 2.98
C TYR A 53 -6.39 -4.25 1.46
N VAL A 54 -5.23 -3.99 0.86
CA VAL A 54 -5.18 -3.79 -0.58
C VAL A 54 -5.44 -5.10 -1.33
N GLU A 55 -5.12 -6.22 -0.69
CA GLU A 55 -5.56 -7.53 -1.18
C GLU A 55 -7.06 -7.52 -1.42
N LYS A 56 -7.78 -6.87 -0.52
CA LYS A 56 -9.22 -6.83 -0.59
C LYS A 56 -9.66 -5.85 -1.68
N ILE A 57 -8.94 -4.76 -1.83
CA ILE A 57 -9.24 -3.81 -2.91
C ILE A 57 -9.02 -4.46 -4.28
N THR A 58 -7.96 -5.24 -4.40
CA THR A 58 -7.52 -5.75 -5.69
C THR A 58 -8.15 -7.08 -6.06
N GLY A 59 -8.12 -8.01 -5.11
CA GLY A 59 -8.49 -9.37 -5.40
C GLY A 59 -7.26 -10.24 -5.55
N PHE A 60 -6.10 -9.59 -5.50
CA PHE A 60 -4.82 -10.29 -5.54
C PHE A 60 -4.34 -10.52 -4.13
N SER A 61 -3.41 -11.43 -3.94
CA SER A 61 -2.91 -11.72 -2.62
C SER A 61 -1.48 -11.24 -2.47
N LEU A 62 -1.28 -10.29 -1.55
CA LEU A 62 0.03 -9.77 -1.27
C LEU A 62 0.67 -10.57 -0.14
N GLU A 63 0.11 -11.74 0.10
CA GLU A 63 0.60 -12.65 1.12
C GLU A 63 2.07 -12.99 0.87
N LYS A 64 2.39 -13.18 -0.40
CA LYS A 64 3.76 -13.48 -0.83
C LYS A 64 4.73 -12.35 -0.46
N PHE A 65 4.19 -11.16 -0.22
CA PHE A 65 5.01 -10.02 0.15
C PHE A 65 4.99 -9.80 1.65
N LYS A 66 4.02 -10.42 2.31
CA LYS A 66 3.83 -10.24 3.74
C LYS A 66 4.88 -11.02 4.52
N ALA A 67 5.32 -10.45 5.63
CA ALA A 67 6.34 -11.07 6.47
C ALA A 67 5.70 -11.88 7.58
N ASN A 68 4.40 -12.01 7.50
CA ASN A 68 3.62 -12.76 8.47
C ASN A 68 2.24 -13.02 7.88
N LYS A 3 -14.54 8.07 3.34
CA LYS A 3 -13.17 8.25 3.82
C LYS A 3 -12.17 7.91 2.75
N LYS A 4 -11.51 8.93 2.24
CA LYS A 4 -10.54 8.77 1.17
C LYS A 4 -9.17 9.22 1.63
N SER A 5 -8.13 8.60 1.05
CA SER A 5 -6.75 8.85 1.43
C SER A 5 -6.52 8.51 2.90
N ARG A 6 -5.97 7.35 3.10
CA ARG A 6 -5.85 6.77 4.43
C ARG A 6 -4.40 6.57 4.81
N LEU A 7 -4.17 6.14 6.04
CA LEU A 7 -2.83 6.02 6.57
C LEU A 7 -2.19 4.70 6.17
N TRP A 8 -1.11 4.78 5.41
CA TRP A 8 -0.32 3.61 5.02
C TRP A 8 1.01 3.61 5.76
N VAL A 9 1.49 2.42 6.09
CA VAL A 9 2.77 2.28 6.79
C VAL A 9 3.62 1.22 6.10
N ASP A 10 4.92 1.47 5.94
CA ASP A 10 5.81 0.45 5.40
C ASP A 10 6.28 -0.51 6.50
N ARG A 11 6.89 -1.60 6.11
CA ARG A 11 7.28 -2.64 7.06
C ARG A 11 8.37 -2.15 8.01
N SER A 12 9.26 -1.32 7.51
CA SER A 12 10.39 -0.84 8.30
C SER A 12 9.96 0.29 9.24
N GLY A 13 8.76 0.82 9.03
CA GLY A 13 8.25 1.91 9.84
C GLY A 13 8.85 3.23 9.42
N THR A 14 9.39 3.24 8.22
CA THR A 14 10.06 4.40 7.67
C THR A 14 9.07 5.54 7.43
N PHE A 15 7.96 5.21 6.80
CA PHE A 15 7.00 6.22 6.41
C PHE A 15 5.56 5.78 6.66
N LYS A 16 4.81 6.69 7.28
CA LYS A 16 3.38 6.57 7.34
C LYS A 16 2.77 7.80 6.69
N VAL A 17 1.84 7.58 5.78
CA VAL A 17 1.30 8.66 4.97
C VAL A 17 -0.13 8.42 4.59
N ASP A 18 -0.81 9.50 4.24
CA ASP A 18 -2.19 9.45 3.80
C ASP A 18 -2.25 9.36 2.28
N ALA A 19 -2.89 8.33 1.79
CA ALA A 19 -3.02 8.11 0.36
C ALA A 19 -4.14 7.12 0.07
N GLU A 20 -4.68 7.20 -1.13
CA GLU A 20 -5.68 6.23 -1.55
C GLU A 20 -5.09 5.32 -2.61
N PHE A 21 -5.42 4.05 -2.51
CA PHE A 21 -4.96 3.06 -3.48
C PHE A 21 -5.62 3.31 -4.82
N ILE A 22 -4.81 3.29 -5.86
CA ILE A 22 -5.30 3.52 -7.20
C ILE A 22 -5.08 2.27 -8.05
N GLY A 23 -3.86 1.76 -8.02
CA GLY A 23 -3.52 0.59 -8.79
C GLY A 23 -2.29 -0.09 -8.25
N CYS A 24 -2.18 -1.39 -8.48
CA CYS A 24 -1.03 -2.15 -8.01
C CYS A 24 -0.43 -2.94 -9.15
N ALA A 25 0.89 -2.84 -9.32
CA ALA A 25 1.57 -3.48 -10.43
C ALA A 25 2.96 -3.92 -10.01
N LYS A 26 3.32 -5.15 -10.36
CA LYS A 26 4.64 -5.72 -10.04
C LYS A 26 4.82 -5.84 -8.52
N GLY A 27 3.72 -5.74 -7.80
CA GLY A 27 3.78 -5.80 -6.35
C GLY A 27 3.93 -4.42 -5.74
N LYS A 28 3.95 -3.39 -6.56
CA LYS A 28 4.02 -2.03 -6.06
C LYS A 28 2.63 -1.44 -5.93
N ILE A 29 2.45 -0.59 -4.94
CA ILE A 29 1.19 0.06 -4.68
C ILE A 29 1.24 1.50 -5.14
N HIS A 30 0.38 1.86 -6.08
CA HIS A 30 0.29 3.24 -6.53
C HIS A 30 -0.74 3.96 -5.67
N LEU A 31 -0.30 5.05 -5.08
CA LEU A 31 -1.12 5.76 -4.10
C LEU A 31 -1.23 7.23 -4.44
N HIS A 32 -2.43 7.76 -4.26
CA HIS A 32 -2.66 9.18 -4.44
C HIS A 32 -2.74 9.87 -3.08
N LYS A 33 -1.68 10.62 -2.76
CA LYS A 33 -1.61 11.34 -1.51
C LYS A 33 -2.68 12.41 -1.43
N ALA A 34 -3.09 12.72 -0.21
CA ALA A 34 -4.08 13.77 0.04
C ALA A 34 -3.51 15.14 -0.33
N ASN A 35 -2.20 15.18 -0.51
CA ASN A 35 -1.51 16.40 -0.89
C ASN A 35 -1.26 16.43 -2.39
N GLY A 36 -1.91 15.53 -3.13
CA GLY A 36 -1.90 15.60 -4.57
C GLY A 36 -0.91 14.66 -5.24
N VAL A 37 0.20 14.38 -4.57
CA VAL A 37 1.27 13.59 -5.15
C VAL A 37 0.84 12.14 -5.39
N LYS A 38 1.25 11.60 -6.53
CA LYS A 38 1.04 10.19 -6.81
C LYS A 38 2.35 9.44 -6.60
N ILE A 39 2.31 8.46 -5.73
CA ILE A 39 3.51 7.71 -5.39
C ILE A 39 3.35 6.24 -5.72
N ALA A 40 4.46 5.53 -5.80
CA ALA A 40 4.46 4.10 -6.04
C ALA A 40 5.46 3.43 -5.12
N VAL A 41 4.96 2.74 -4.11
CA VAL A 41 5.82 2.06 -3.16
C VAL A 41 5.71 0.56 -3.39
N ALA A 42 6.79 -0.17 -3.19
CA ALA A 42 6.72 -1.60 -3.30
C ALA A 42 6.05 -2.18 -2.06
N ALA A 43 4.97 -2.91 -2.28
CA ALA A 43 4.22 -3.54 -1.19
C ALA A 43 5.08 -4.57 -0.51
N ASP A 44 6.08 -5.01 -1.25
CA ASP A 44 7.09 -5.97 -0.79
C ASP A 44 7.70 -5.55 0.55
N LYS A 45 7.81 -4.24 0.76
CA LYS A 45 8.39 -3.73 1.99
C LYS A 45 7.37 -2.93 2.78
N LEU A 46 6.11 -3.26 2.60
CA LEU A 46 5.02 -2.57 3.26
C LEU A 46 4.53 -3.40 4.45
N SER A 47 3.62 -2.83 5.24
CA SER A 47 3.05 -3.53 6.38
C SER A 47 1.96 -4.50 5.94
N ASN A 48 2.04 -5.71 6.48
CA ASN A 48 1.18 -6.83 6.07
C ASN A 48 -0.28 -6.48 6.17
N GLU A 49 -0.64 -5.68 7.17
CA GLU A 49 -2.00 -5.29 7.39
C GLU A 49 -2.47 -4.41 6.24
N ASP A 50 -1.62 -3.47 5.85
CA ASP A 50 -1.85 -2.62 4.72
C ASP A 50 -2.05 -3.47 3.48
N LEU A 51 -1.25 -4.54 3.33
CA LEU A 51 -1.40 -5.41 2.19
C LEU A 51 -2.70 -6.19 2.29
N ALA A 52 -3.05 -6.62 3.49
CA ALA A 52 -4.25 -7.42 3.69
C ALA A 52 -5.47 -6.63 3.23
N TYR A 53 -5.39 -5.32 3.40
CA TYR A 53 -6.43 -4.43 2.95
C TYR A 53 -6.42 -4.26 1.43
N VAL A 54 -5.26 -3.98 0.86
CA VAL A 54 -5.17 -3.77 -0.58
C VAL A 54 -5.42 -5.07 -1.35
N GLU A 55 -5.11 -6.20 -0.74
CA GLU A 55 -5.56 -7.51 -1.24
C GLU A 55 -7.06 -7.49 -1.47
N LYS A 56 -7.78 -6.85 -0.56
CA LYS A 56 -9.23 -6.84 -0.62
C LYS A 56 -9.72 -5.82 -1.65
N ILE A 57 -8.93 -4.78 -1.87
CA ILE A 57 -9.23 -3.83 -2.95
C ILE A 57 -9.06 -4.49 -4.31
N THR A 58 -7.99 -5.26 -4.46
CA THR A 58 -7.60 -5.78 -5.76
C THR A 58 -8.22 -7.14 -6.05
N GLY A 59 -8.13 -8.04 -5.09
CA GLY A 59 -8.64 -9.38 -5.28
C GLY A 59 -7.53 -10.41 -5.25
N PHE A 60 -6.30 -9.97 -5.47
CA PHE A 60 -5.17 -10.88 -5.47
C PHE A 60 -4.33 -10.71 -4.20
N SER A 61 -3.70 -11.78 -3.77
CA SER A 61 -3.03 -11.82 -2.48
C SER A 61 -1.64 -11.19 -2.55
N LEU A 62 -1.33 -10.40 -1.53
CA LEU A 62 -0.04 -9.76 -1.44
C LEU A 62 0.80 -10.42 -0.36
N GLU A 63 0.43 -11.65 -0.01
CA GLU A 63 1.14 -12.44 0.98
C GLU A 63 2.61 -12.58 0.61
N LYS A 64 2.87 -12.86 -0.66
CA LYS A 64 4.22 -13.00 -1.18
C LYS A 64 4.97 -11.68 -1.12
N PHE A 65 4.24 -10.58 -0.92
CA PHE A 65 4.83 -9.26 -0.85
C PHE A 65 4.88 -8.77 0.60
N LYS A 66 4.38 -9.58 1.52
CA LYS A 66 4.36 -9.20 2.92
C LYS A 66 5.68 -9.58 3.59
N ALA A 67 5.75 -9.36 4.90
CA ALA A 67 6.94 -9.72 5.66
C ALA A 67 7.15 -11.22 5.66
N ASN A 68 8.04 -11.69 4.80
CA ASN A 68 8.36 -13.10 4.70
C ASN A 68 9.78 -13.35 5.17
N LYS A 3 -11.18 5.39 -1.64
CA LYS A 3 -11.96 5.14 -0.43
C LYS A 3 -11.36 5.85 0.77
N LYS A 4 -11.16 7.15 0.64
CA LYS A 4 -10.56 7.98 1.69
C LYS A 4 -9.11 7.60 1.94
N SER A 5 -8.24 8.50 1.50
CA SER A 5 -6.80 8.36 1.68
C SER A 5 -6.47 8.13 3.16
N ARG A 6 -5.80 7.03 3.43
CA ARG A 6 -5.56 6.59 4.79
C ARG A 6 -4.08 6.36 5.03
N LEU A 7 -3.76 5.92 6.24
CA LEU A 7 -2.39 5.88 6.70
C LEU A 7 -1.72 4.55 6.33
N TRP A 8 -0.85 4.60 5.33
CA TRP A 8 -0.08 3.44 4.91
C TRP A 8 1.28 3.46 5.59
N VAL A 9 1.74 2.29 6.02
CA VAL A 9 2.97 2.18 6.79
C VAL A 9 3.90 1.12 6.20
N ASP A 10 5.20 1.42 6.23
CA ASP A 10 6.23 0.43 5.91
C ASP A 10 6.30 -0.61 7.03
N ARG A 11 6.81 -1.77 6.71
CA ARG A 11 6.83 -2.88 7.65
C ARG A 11 7.97 -2.70 8.63
N SER A 12 8.98 -1.98 8.19
CA SER A 12 10.10 -1.64 9.04
C SER A 12 9.95 -0.22 9.57
N GLY A 13 8.80 0.38 9.30
CA GLY A 13 8.50 1.72 9.77
C GLY A 13 9.32 2.77 9.05
N THR A 14 9.66 2.50 7.79
CA THR A 14 10.44 3.43 6.99
C THR A 14 9.64 4.69 6.66
N PHE A 15 8.36 4.51 6.35
CA PHE A 15 7.53 5.66 5.99
C PHE A 15 6.08 5.43 6.36
N LYS A 16 5.39 6.53 6.65
CA LYS A 16 3.96 6.53 6.87
C LYS A 16 3.34 7.67 6.06
N VAL A 17 2.29 7.38 5.33
CA VAL A 17 1.65 8.39 4.48
C VAL A 17 0.15 8.18 4.39
N ASP A 18 -0.59 9.27 4.29
CA ASP A 18 -2.02 9.22 4.07
C ASP A 18 -2.32 9.30 2.59
N ALA A 19 -2.82 8.19 2.08
CA ALA A 19 -3.05 8.02 0.65
C ALA A 19 -4.04 6.91 0.41
N GLU A 20 -4.52 6.79 -0.81
CA GLU A 20 -5.42 5.71 -1.16
C GLU A 20 -4.88 4.96 -2.36
N PHE A 21 -5.02 3.65 -2.33
CA PHE A 21 -4.49 2.79 -3.38
C PHE A 21 -5.33 2.95 -4.65
N ILE A 22 -4.64 3.22 -5.76
CA ILE A 22 -5.31 3.44 -7.03
C ILE A 22 -5.11 2.24 -7.96
N GLY A 23 -3.85 1.80 -8.04
CA GLY A 23 -3.51 0.69 -8.91
C GLY A 23 -2.28 -0.04 -8.42
N CYS A 24 -2.18 -1.31 -8.77
CA CYS A 24 -1.04 -2.11 -8.33
C CYS A 24 -0.18 -2.47 -9.54
N ALA A 25 1.12 -2.31 -9.41
CA ALA A 25 2.02 -2.50 -10.54
C ALA A 25 3.12 -3.50 -10.22
N LYS A 26 2.91 -4.76 -10.63
CA LYS A 26 3.93 -5.80 -10.53
C LYS A 26 4.42 -6.00 -9.09
N GLY A 27 3.58 -5.63 -8.13
CA GLY A 27 3.96 -5.77 -6.74
C GLY A 27 4.12 -4.42 -6.06
N LYS A 28 4.04 -3.35 -6.83
CA LYS A 28 4.10 -2.01 -6.27
C LYS A 28 2.70 -1.47 -6.03
N ILE A 29 2.62 -0.47 -5.18
CA ILE A 29 1.35 0.16 -4.84
C ILE A 29 1.35 1.60 -5.35
N HIS A 30 0.46 1.89 -6.29
CA HIS A 30 0.28 3.23 -6.78
C HIS A 30 -0.73 3.94 -5.89
N LEU A 31 -0.30 5.00 -5.22
CA LEU A 31 -1.12 5.63 -4.20
C LEU A 31 -1.45 7.08 -4.52
N HIS A 32 -2.68 7.44 -4.24
CA HIS A 32 -3.14 8.81 -4.38
C HIS A 32 -3.11 9.49 -3.02
N LYS A 33 -2.20 10.43 -2.87
CA LYS A 33 -2.02 11.12 -1.59
C LYS A 33 -3.24 11.97 -1.30
N ALA A 34 -3.46 12.23 -0.02
CA ALA A 34 -4.60 13.00 0.44
C ALA A 34 -4.59 14.42 -0.12
N ASN A 35 -3.44 14.83 -0.66
CA ASN A 35 -3.30 16.18 -1.21
C ASN A 35 -3.28 16.12 -2.73
N GLY A 36 -3.82 15.04 -3.30
CA GLY A 36 -3.97 14.95 -4.74
C GLY A 36 -2.74 14.38 -5.44
N VAL A 37 -1.61 14.37 -4.73
CA VAL A 37 -0.36 13.87 -5.29
C VAL A 37 -0.45 12.37 -5.56
N LYS A 38 0.34 11.87 -6.48
CA LYS A 38 0.35 10.44 -6.79
C LYS A 38 1.76 9.87 -6.62
N ILE A 39 1.86 8.83 -5.82
CA ILE A 39 3.16 8.23 -5.51
C ILE A 39 3.16 6.75 -5.88
N ALA A 40 4.32 6.10 -5.71
CA ALA A 40 4.46 4.69 -5.98
C ALA A 40 5.46 4.06 -5.05
N VAL A 41 5.00 3.13 -4.23
CA VAL A 41 5.88 2.36 -3.37
C VAL A 41 5.78 0.90 -3.75
N ALA A 42 6.70 0.08 -3.30
CA ALA A 42 6.59 -1.35 -3.53
C ALA A 42 5.99 -2.02 -2.30
N ALA A 43 5.03 -2.91 -2.53
CA ALA A 43 4.29 -3.56 -1.44
C ALA A 43 5.15 -4.49 -0.60
N ASP A 44 6.37 -4.72 -1.05
CA ASP A 44 7.22 -5.72 -0.44
C ASP A 44 7.74 -5.32 0.93
N LYS A 45 7.89 -4.02 1.18
CA LYS A 45 8.32 -3.58 2.49
C LYS A 45 7.16 -2.94 3.22
N LEU A 46 5.97 -3.18 2.71
CA LEU A 46 4.80 -2.56 3.27
C LEU A 46 4.28 -3.36 4.45
N SER A 47 3.50 -2.73 5.30
CA SER A 47 2.91 -3.41 6.44
C SER A 47 1.84 -4.38 5.97
N ASN A 48 1.90 -5.58 6.52
CA ASN A 48 1.08 -6.71 6.08
C ASN A 48 -0.40 -6.39 6.16
N GLU A 49 -0.76 -5.55 7.11
CA GLU A 49 -2.11 -5.13 7.29
C GLU A 49 -2.57 -4.31 6.09
N ASP A 50 -1.69 -3.40 5.69
CA ASP A 50 -1.89 -2.59 4.53
C ASP A 50 -2.02 -3.46 3.30
N LEU A 51 -1.23 -4.54 3.24
CA LEU A 51 -1.31 -5.46 2.11
C LEU A 51 -2.62 -6.20 2.10
N ALA A 52 -3.05 -6.69 3.26
CA ALA A 52 -4.29 -7.45 3.37
C ALA A 52 -5.46 -6.58 2.96
N TYR A 53 -5.30 -5.28 3.16
CA TYR A 53 -6.27 -4.31 2.72
C TYR A 53 -6.24 -4.12 1.20
N VAL A 54 -5.06 -3.87 0.65
CA VAL A 54 -4.96 -3.55 -0.77
C VAL A 54 -5.23 -4.78 -1.63
N GLU A 55 -4.85 -5.95 -1.14
CA GLU A 55 -5.15 -7.19 -1.84
C GLU A 55 -6.65 -7.44 -1.81
N LYS A 56 -7.33 -6.87 -0.82
CA LYS A 56 -8.77 -6.96 -0.74
C LYS A 56 -9.35 -6.09 -1.86
N ILE A 57 -8.82 -4.87 -1.97
CA ILE A 57 -9.25 -3.93 -3.01
C ILE A 57 -9.11 -4.53 -4.40
N THR A 58 -8.00 -5.21 -4.63
CA THR A 58 -7.69 -5.75 -5.94
C THR A 58 -8.40 -7.07 -6.21
N GLY A 59 -8.39 -7.95 -5.22
CA GLY A 59 -8.94 -9.28 -5.40
C GLY A 59 -7.85 -10.32 -5.32
N PHE A 60 -6.61 -9.84 -5.39
CA PHE A 60 -5.43 -10.69 -5.28
C PHE A 60 -5.16 -11.00 -3.81
N SER A 61 -3.99 -11.54 -3.55
CA SER A 61 -3.52 -11.72 -2.19
C SER A 61 -2.07 -11.30 -2.11
N LEU A 62 -1.74 -10.46 -1.14
CA LEU A 62 -0.38 -9.95 -1.00
C LEU A 62 0.31 -10.66 0.15
N GLU A 63 -0.18 -11.83 0.47
CA GLU A 63 0.44 -12.70 1.46
C GLU A 63 1.91 -12.93 1.16
N LYS A 64 2.22 -13.09 -0.12
CA LYS A 64 3.60 -13.31 -0.55
C LYS A 64 4.41 -12.03 -0.39
N PHE A 65 3.75 -10.95 -0.02
CA PHE A 65 4.40 -9.68 0.22
C PHE A 65 4.41 -9.35 1.71
N LYS A 66 3.80 -10.23 2.50
CA LYS A 66 3.77 -10.03 3.94
C LYS A 66 5.13 -10.35 4.53
N ALA A 67 5.66 -9.40 5.27
CA ALA A 67 7.02 -9.47 5.76
C ALA A 67 7.08 -9.99 7.19
N ASN A 68 7.67 -11.17 7.34
CA ASN A 68 7.86 -11.77 8.65
C ASN A 68 8.72 -13.03 8.51
N LYS A 3 -12.84 1.78 0.09
CA LYS A 3 -11.70 2.39 -0.58
C LYS A 3 -11.52 3.79 -0.03
N LYS A 4 -10.63 3.91 0.95
CA LYS A 4 -10.52 5.12 1.75
C LYS A 4 -9.07 5.50 1.92
N SER A 5 -8.76 6.78 1.67
CA SER A 5 -7.41 7.27 1.84
C SER A 5 -7.05 7.22 3.31
N ARG A 6 -6.00 6.48 3.61
CA ARG A 6 -5.69 6.15 4.98
C ARG A 6 -4.20 6.16 5.23
N LEU A 7 -3.83 5.84 6.46
CA LEU A 7 -2.45 5.91 6.90
C LEU A 7 -1.74 4.59 6.56
N TRP A 8 -0.94 4.62 5.51
CA TRP A 8 -0.15 3.46 5.10
C TRP A 8 1.22 3.51 5.77
N VAL A 9 1.73 2.35 6.12
CA VAL A 9 3.02 2.24 6.79
C VAL A 9 3.90 1.22 6.07
N ASP A 10 5.20 1.46 6.04
CA ASP A 10 6.12 0.46 5.50
C ASP A 10 6.56 -0.48 6.62
N ARG A 11 7.04 -1.66 6.23
CA ARG A 11 7.34 -2.72 7.18
C ARG A 11 8.52 -2.38 8.10
N SER A 12 9.32 -1.41 7.71
CA SER A 12 10.44 -0.99 8.53
C SER A 12 9.98 0.05 9.55
N GLY A 13 8.77 0.56 9.32
CA GLY A 13 8.20 1.55 10.21
C GLY A 13 8.89 2.88 10.09
N THR A 14 9.28 3.23 8.87
CA THR A 14 10.01 4.46 8.64
C THR A 14 9.09 5.54 8.07
N PHE A 15 8.21 5.17 7.14
CA PHE A 15 7.32 6.16 6.56
C PHE A 15 5.86 5.76 6.68
N LYS A 16 5.06 6.76 7.01
CA LYS A 16 3.63 6.62 7.13
C LYS A 16 2.95 7.79 6.44
N VAL A 17 1.97 7.50 5.61
CA VAL A 17 1.32 8.54 4.82
C VAL A 17 -0.14 8.23 4.56
N ASP A 18 -0.91 9.29 4.34
CA ASP A 18 -2.33 9.14 4.02
C ASP A 18 -2.51 9.09 2.52
N ALA A 19 -3.14 8.03 2.05
CA ALA A 19 -3.28 7.82 0.61
C ALA A 19 -4.34 6.77 0.32
N GLU A 20 -4.90 6.82 -0.88
CA GLU A 20 -5.82 5.81 -1.34
C GLU A 20 -5.13 4.96 -2.40
N PHE A 21 -5.46 3.68 -2.44
CA PHE A 21 -4.88 2.77 -3.41
C PHE A 21 -5.50 2.99 -4.79
N ILE A 22 -4.66 3.09 -5.80
CA ILE A 22 -5.14 3.31 -7.14
C ILE A 22 -4.89 2.08 -8.00
N GLY A 23 -3.67 1.54 -7.92
CA GLY A 23 -3.31 0.37 -8.70
C GLY A 23 -2.02 -0.26 -8.21
N CYS A 24 -1.91 -1.56 -8.36
CA CYS A 24 -0.71 -2.28 -7.94
C CYS A 24 -0.12 -3.04 -9.11
N ALA A 25 1.16 -2.81 -9.37
CA ALA A 25 1.83 -3.42 -10.51
C ALA A 25 3.32 -3.56 -10.24
N LYS A 26 3.89 -4.67 -10.70
CA LYS A 26 5.33 -4.94 -10.56
C LYS A 26 5.77 -4.90 -9.10
N GLY A 27 4.86 -5.29 -8.20
CA GLY A 27 5.18 -5.32 -6.79
C GLY A 27 5.12 -3.95 -6.16
N LYS A 28 4.61 -2.97 -6.89
CA LYS A 28 4.51 -1.61 -6.40
C LYS A 28 3.07 -1.23 -6.14
N ILE A 29 2.87 -0.42 -5.12
CA ILE A 29 1.56 0.10 -4.79
C ILE A 29 1.48 1.56 -5.20
N HIS A 30 0.63 1.84 -6.19
CA HIS A 30 0.42 3.21 -6.61
C HIS A 30 -0.60 3.83 -5.67
N LEU A 31 -0.19 4.90 -5.02
CA LEU A 31 -1.03 5.53 -4.03
C LEU A 31 -1.28 6.99 -4.36
N HIS A 32 -2.51 7.42 -4.12
CA HIS A 32 -2.87 8.82 -4.29
C HIS A 32 -2.87 9.48 -2.93
N LYS A 33 -1.83 10.26 -2.67
CA LYS A 33 -1.64 10.92 -1.39
C LYS A 33 -2.78 11.89 -1.11
N ALA A 34 -3.04 12.13 0.17
CA ALA A 34 -4.00 13.15 0.58
C ALA A 34 -3.48 14.53 0.15
N ASN A 35 -2.17 14.58 -0.07
CA ASN A 35 -1.50 15.76 -0.63
C ASN A 35 -2.02 16.00 -2.05
N GLY A 36 -2.35 14.92 -2.75
CA GLY A 36 -2.79 15.03 -4.13
C GLY A 36 -1.78 14.46 -5.11
N VAL A 37 -0.66 14.00 -4.58
CA VAL A 37 0.41 13.45 -5.40
C VAL A 37 0.26 11.94 -5.56
N LYS A 38 0.72 11.40 -6.68
CA LYS A 38 0.69 9.97 -6.93
C LYS A 38 2.07 9.39 -6.70
N ILE A 39 2.14 8.38 -5.84
CA ILE A 39 3.42 7.77 -5.48
C ILE A 39 3.43 6.28 -5.81
N ALA A 40 4.61 5.68 -5.84
CA ALA A 40 4.75 4.24 -6.03
C ALA A 40 5.60 3.64 -4.92
N VAL A 41 4.95 2.98 -3.99
CA VAL A 41 5.65 2.35 -2.88
C VAL A 41 5.58 0.84 -3.02
N ALA A 42 6.73 0.19 -2.97
CA ALA A 42 6.80 -1.26 -3.10
C ALA A 42 5.93 -1.95 -2.05
N ALA A 43 5.04 -2.80 -2.54
CA ALA A 43 4.15 -3.58 -1.69
C ALA A 43 4.94 -4.51 -0.79
N ASP A 44 6.08 -4.93 -1.29
CA ASP A 44 6.91 -5.93 -0.61
C ASP A 44 7.52 -5.42 0.67
N LYS A 45 7.83 -4.13 0.73
CA LYS A 45 8.44 -3.57 1.93
C LYS A 45 7.41 -2.78 2.71
N LEU A 46 6.15 -3.00 2.37
CA LEU A 46 5.05 -2.28 2.97
C LEU A 46 4.46 -3.10 4.13
N SER A 47 3.63 -2.46 4.95
CA SER A 47 3.03 -3.13 6.09
C SER A 47 1.99 -4.15 5.65
N ASN A 48 2.10 -5.34 6.24
CA ASN A 48 1.23 -6.47 5.95
C ASN A 48 -0.23 -6.08 6.04
N GLU A 49 -0.54 -5.24 7.02
CA GLU A 49 -1.87 -4.72 7.22
C GLU A 49 -2.38 -4.05 5.95
N ASP A 50 -1.55 -3.18 5.41
CA ASP A 50 -1.88 -2.44 4.25
C ASP A 50 -2.00 -3.33 3.03
N LEU A 51 -1.20 -4.41 2.99
CA LEU A 51 -1.30 -5.35 1.88
C LEU A 51 -2.61 -6.12 1.99
N ALA A 52 -2.99 -6.51 3.20
CA ALA A 52 -4.23 -7.23 3.41
C ALA A 52 -5.40 -6.36 2.97
N TYR A 53 -5.25 -5.06 3.14
CA TYR A 53 -6.24 -4.10 2.70
C TYR A 53 -6.35 -4.05 1.17
N VAL A 54 -5.21 -3.90 0.50
CA VAL A 54 -5.21 -3.79 -0.95
C VAL A 54 -5.62 -5.11 -1.61
N GLU A 55 -5.28 -6.21 -0.98
CA GLU A 55 -5.79 -7.52 -1.38
C GLU A 55 -7.31 -7.49 -1.47
N LYS A 56 -7.94 -6.74 -0.57
CA LYS A 56 -9.39 -6.64 -0.55
C LYS A 56 -9.88 -5.64 -1.58
N ILE A 57 -9.06 -4.63 -1.84
CA ILE A 57 -9.38 -3.63 -2.86
C ILE A 57 -9.44 -4.26 -4.25
N THR A 58 -8.54 -5.20 -4.51
CA THR A 58 -8.36 -5.72 -5.87
C THR A 58 -8.69 -7.20 -5.99
N GLY A 59 -8.18 -8.00 -5.07
CA GLY A 59 -8.30 -9.43 -5.18
C GLY A 59 -6.96 -10.09 -5.42
N PHE A 60 -5.89 -9.28 -5.44
CA PHE A 60 -4.55 -9.80 -5.59
C PHE A 60 -4.04 -10.36 -4.26
N SER A 61 -3.12 -11.29 -4.33
CA SER A 61 -2.53 -11.84 -3.14
C SER A 61 -1.19 -11.17 -2.86
N LEU A 62 -1.18 -10.24 -1.92
CA LEU A 62 0.05 -9.58 -1.51
C LEU A 62 0.55 -10.24 -0.24
N GLU A 63 0.07 -11.46 0.00
CA GLU A 63 0.48 -12.25 1.11
C GLU A 63 1.96 -12.60 0.98
N LYS A 64 2.36 -12.90 -0.24
CA LYS A 64 3.77 -13.18 -0.53
C LYS A 64 4.60 -11.90 -0.39
N PHE A 65 3.93 -10.77 -0.23
CA PHE A 65 4.61 -9.50 -0.07
C PHE A 65 4.62 -9.10 1.39
N LYS A 66 3.94 -9.90 2.22
CA LYS A 66 3.90 -9.65 3.64
C LYS A 66 5.14 -10.20 4.31
N ALA A 67 5.67 -9.45 5.25
CA ALA A 67 6.82 -9.88 6.02
C ALA A 67 6.36 -10.78 7.17
N ASN A 68 6.32 -12.08 6.90
CA ASN A 68 5.90 -13.05 7.89
C ASN A 68 7.11 -13.74 8.49
N LYS A 3 -14.30 3.22 3.36
CA LYS A 3 -13.24 2.97 2.41
C LYS A 3 -12.83 4.26 1.69
N LYS A 4 -11.60 4.67 1.95
CA LYS A 4 -11.03 5.87 1.35
C LYS A 4 -9.56 5.95 1.71
N SER A 5 -8.90 7.03 1.31
CA SER A 5 -7.49 7.25 1.65
C SER A 5 -7.24 7.08 3.15
N ARG A 6 -6.03 6.63 3.49
CA ARG A 6 -5.67 6.37 4.87
C ARG A 6 -4.18 6.36 5.06
N LEU A 7 -3.74 6.09 6.26
CA LEU A 7 -2.33 6.14 6.60
C LEU A 7 -1.68 4.78 6.34
N TRP A 8 -0.88 4.71 5.28
CA TRP A 8 -0.18 3.49 4.91
C TRP A 8 1.19 3.47 5.58
N VAL A 9 1.61 2.32 6.07
CA VAL A 9 2.85 2.21 6.82
C VAL A 9 3.69 1.07 6.26
N ASP A 10 4.99 1.09 6.52
CA ASP A 10 5.88 0.02 6.10
C ASP A 10 6.01 -1.03 7.20
N ARG A 11 6.46 -2.22 6.85
CA ARG A 11 6.56 -3.32 7.79
C ARG A 11 7.42 -2.96 9.00
N SER A 12 8.49 -2.21 8.76
CA SER A 12 9.42 -1.83 9.83
C SER A 12 8.92 -0.60 10.59
N GLY A 13 7.96 0.10 10.00
CA GLY A 13 7.42 1.29 10.64
C GLY A 13 8.17 2.54 10.26
N THR A 14 8.95 2.45 9.20
CA THR A 14 9.74 3.58 8.72
C THR A 14 8.89 4.48 7.84
N PHE A 15 8.01 3.86 7.06
CA PHE A 15 7.11 4.58 6.19
C PHE A 15 5.76 4.81 6.83
N LYS A 16 5.24 6.01 6.65
CA LYS A 16 3.83 6.28 6.86
C LYS A 16 3.39 7.43 5.98
N VAL A 17 2.30 7.23 5.27
CA VAL A 17 1.75 8.24 4.38
C VAL A 17 0.26 8.10 4.20
N ASP A 18 -0.43 9.22 4.26
CA ASP A 18 -1.85 9.26 3.99
C ASP A 18 -2.08 9.16 2.50
N ALA A 19 -2.59 8.01 2.09
CA ALA A 19 -2.66 7.69 0.68
C ALA A 19 -3.87 6.83 0.37
N GLU A 20 -4.15 6.72 -0.91
CA GLU A 20 -5.30 5.98 -1.39
C GLU A 20 -4.87 5.07 -2.53
N PHE A 21 -5.15 3.78 -2.42
CA PHE A 21 -4.74 2.85 -3.47
C PHE A 21 -5.49 3.13 -4.75
N ILE A 22 -4.73 3.23 -5.82
CA ILE A 22 -5.30 3.48 -7.13
C ILE A 22 -5.12 2.26 -8.01
N GLY A 23 -3.88 1.82 -8.12
CA GLY A 23 -3.54 0.71 -8.97
C GLY A 23 -2.19 0.12 -8.60
N CYS A 24 -2.09 -1.19 -8.66
CA CYS A 24 -0.86 -1.86 -8.31
C CYS A 24 -0.14 -2.28 -9.60
N ALA A 25 1.18 -2.21 -9.61
CA ALA A 25 1.93 -2.48 -10.83
C ALA A 25 3.32 -3.00 -10.51
N LYS A 26 3.66 -4.15 -11.10
CA LYS A 26 5.00 -4.74 -10.95
C LYS A 26 5.35 -4.94 -9.49
N GLY A 27 4.38 -5.39 -8.70
CA GLY A 27 4.61 -5.66 -7.29
C GLY A 27 4.59 -4.40 -6.45
N LYS A 28 4.37 -3.26 -7.10
CA LYS A 28 4.30 -1.99 -6.41
C LYS A 28 2.86 -1.52 -6.30
N ILE A 29 2.66 -0.52 -5.46
CA ILE A 29 1.35 0.05 -5.23
C ILE A 29 1.37 1.54 -5.50
N HIS A 30 0.53 1.99 -6.43
CA HIS A 30 0.41 3.42 -6.71
C HIS A 30 -0.64 4.02 -5.78
N LEU A 31 -0.27 5.08 -5.12
CA LEU A 31 -1.11 5.66 -4.08
C LEU A 31 -1.41 7.12 -4.35
N HIS A 32 -2.67 7.45 -4.13
CA HIS A 32 -3.16 8.81 -4.24
C HIS A 32 -3.23 9.42 -2.84
N LYS A 33 -2.23 10.22 -2.50
CA LYS A 33 -2.20 10.87 -1.20
C LYS A 33 -3.40 11.79 -1.04
N ALA A 34 -3.76 12.06 0.21
CA ALA A 34 -4.91 12.91 0.50
C ALA A 34 -4.64 14.34 0.08
N ASN A 35 -3.38 14.63 -0.22
CA ASN A 35 -2.96 15.94 -0.70
C ASN A 35 -3.02 16.00 -2.23
N GLY A 36 -3.46 14.91 -2.84
CA GLY A 36 -3.61 14.89 -4.29
C GLY A 36 -2.43 14.26 -4.99
N VAL A 37 -1.27 14.29 -4.33
CA VAL A 37 -0.03 13.76 -4.90
C VAL A 37 -0.13 12.25 -5.11
N LYS A 38 0.49 11.74 -6.16
CA LYS A 38 0.47 10.31 -6.42
C LYS A 38 1.88 9.74 -6.30
N ILE A 39 1.99 8.65 -5.57
CA ILE A 39 3.28 8.02 -5.31
C ILE A 39 3.24 6.53 -5.62
N ALA A 40 4.41 5.91 -5.67
CA ALA A 40 4.51 4.47 -5.90
C ALA A 40 5.47 3.83 -4.91
N VAL A 41 4.95 2.91 -4.11
CA VAL A 41 5.76 2.17 -3.16
C VAL A 41 5.76 0.70 -3.51
N ALA A 42 6.77 -0.03 -3.07
CA ALA A 42 6.80 -1.47 -3.29
C ALA A 42 5.97 -2.17 -2.22
N ALA A 43 5.05 -3.03 -2.66
CA ALA A 43 4.09 -3.68 -1.77
C ALA A 43 4.77 -4.61 -0.76
N ASP A 44 6.01 -4.95 -1.03
CA ASP A 44 6.72 -5.94 -0.21
C ASP A 44 7.48 -5.29 0.94
N LYS A 45 7.64 -3.98 0.88
CA LYS A 45 8.29 -3.28 1.98
C LYS A 45 7.25 -2.48 2.74
N LEU A 46 6.00 -2.88 2.57
CA LEU A 46 4.87 -2.21 3.17
C LEU A 46 4.35 -3.01 4.36
N SER A 47 3.47 -2.41 5.15
CA SER A 47 2.87 -3.11 6.26
C SER A 47 1.85 -4.11 5.75
N ASN A 48 1.82 -5.26 6.39
CA ASN A 48 1.03 -6.38 5.91
C ASN A 48 -0.45 -6.14 6.13
N GLU A 49 -0.74 -5.21 7.02
CA GLU A 49 -2.10 -4.76 7.23
C GLU A 49 -2.56 -4.01 6.00
N ASP A 50 -1.66 -3.17 5.49
CA ASP A 50 -1.90 -2.44 4.27
C ASP A 50 -2.05 -3.40 3.10
N LEU A 51 -1.26 -4.47 3.09
CA LEU A 51 -1.38 -5.46 2.03
C LEU A 51 -2.72 -6.17 2.14
N ALA A 52 -3.11 -6.55 3.35
CA ALA A 52 -4.35 -7.28 3.56
C ALA A 52 -5.53 -6.45 3.08
N TYR A 53 -5.37 -5.14 3.22
CA TYR A 53 -6.38 -4.20 2.77
C TYR A 53 -6.42 -4.09 1.24
N VAL A 54 -5.25 -3.89 0.62
CA VAL A 54 -5.19 -3.75 -0.82
C VAL A 54 -5.52 -5.07 -1.52
N GLU A 55 -5.25 -6.19 -0.85
CA GLU A 55 -5.73 -7.50 -1.30
C GLU A 55 -7.24 -7.45 -1.52
N LYS A 56 -7.95 -6.79 -0.60
CA LYS A 56 -9.39 -6.72 -0.69
C LYS A 56 -9.83 -5.78 -1.80
N ILE A 57 -9.04 -4.74 -2.03
CA ILE A 57 -9.32 -3.82 -3.13
C ILE A 57 -9.10 -4.51 -4.49
N THR A 58 -8.09 -5.36 -4.57
CA THR A 58 -7.66 -5.92 -5.85
C THR A 58 -8.23 -7.31 -6.12
N GLY A 59 -8.18 -8.16 -5.11
CA GLY A 59 -8.54 -9.55 -5.29
C GLY A 59 -7.32 -10.44 -5.28
N PHE A 60 -6.15 -9.81 -5.26
CA PHE A 60 -4.89 -10.53 -5.26
C PHE A 60 -4.55 -11.03 -3.86
N SER A 61 -3.46 -11.76 -3.75
CA SER A 61 -2.96 -12.24 -2.48
C SER A 61 -1.54 -11.73 -2.25
N LEU A 62 -1.37 -10.88 -1.24
CA LEU A 62 -0.07 -10.27 -0.98
C LEU A 62 0.58 -10.94 0.21
N GLU A 63 0.24 -12.20 0.43
CA GLU A 63 0.85 -13.01 1.46
C GLU A 63 2.36 -13.07 1.27
N LYS A 64 2.78 -13.23 0.02
CA LYS A 64 4.21 -13.29 -0.32
C LYS A 64 4.88 -11.92 -0.19
N PHE A 65 4.08 -10.90 0.08
CA PHE A 65 4.60 -9.56 0.30
C PHE A 65 4.58 -9.25 1.79
N LYS A 66 4.11 -10.22 2.57
CA LYS A 66 4.04 -10.08 4.01
C LYS A 66 5.26 -10.72 4.66
N ALA A 67 5.70 -10.17 5.78
CA ALA A 67 6.94 -10.58 6.38
C ALA A 67 6.91 -10.45 7.89
N ASN A 68 8.04 -10.75 8.52
CA ASN A 68 8.16 -10.70 9.96
C ASN A 68 9.35 -9.81 10.35
N LYS A 3 -14.26 5.04 -0.19
CA LYS A 3 -13.13 5.02 0.73
C LYS A 3 -12.26 6.24 0.52
N LYS A 4 -11.88 6.89 1.62
CA LYS A 4 -11.06 8.08 1.56
C LYS A 4 -9.58 7.75 1.72
N SER A 5 -8.74 8.74 1.41
CA SER A 5 -7.31 8.64 1.64
C SER A 5 -7.02 8.25 3.09
N ARG A 6 -6.01 7.43 3.28
CA ARG A 6 -5.72 6.87 4.59
C ARG A 6 -4.22 6.82 4.85
N LEU A 7 -3.86 6.30 6.01
CA LEU A 7 -2.48 6.34 6.49
C LEU A 7 -1.82 4.97 6.29
N TRP A 8 -0.96 4.89 5.29
CA TRP A 8 -0.25 3.65 4.98
C TRP A 8 1.07 3.62 5.72
N VAL A 9 1.48 2.43 6.15
CA VAL A 9 2.70 2.25 6.94
C VAL A 9 3.50 1.06 6.43
N ASP A 10 4.83 1.15 6.50
CA ASP A 10 5.69 0.05 6.08
C ASP A 10 5.96 -0.88 7.26
N ARG A 11 6.63 -1.99 7.02
CA ARG A 11 6.90 -2.95 8.07
C ARG A 11 7.74 -2.35 9.18
N SER A 12 8.78 -1.60 8.80
CA SER A 12 9.74 -1.08 9.75
C SER A 12 9.12 -0.04 10.66
N GLY A 13 8.12 0.67 10.15
CA GLY A 13 7.49 1.72 10.92
C GLY A 13 8.07 3.07 10.59
N THR A 14 8.83 3.11 9.51
CA THR A 14 9.46 4.35 9.07
C THR A 14 8.55 5.06 8.08
N PHE A 15 7.91 4.27 7.23
CA PHE A 15 6.99 4.78 6.23
C PHE A 15 5.62 5.02 6.83
N LYS A 16 5.09 6.20 6.58
CA LYS A 16 3.72 6.52 6.88
C LYS A 16 3.27 7.67 6.02
N VAL A 17 2.16 7.49 5.34
CA VAL A 17 1.68 8.47 4.37
C VAL A 17 0.18 8.40 4.18
N ASP A 18 -0.41 9.56 3.94
CA ASP A 18 -1.81 9.67 3.62
C ASP A 18 -2.02 9.52 2.13
N ALA A 19 -2.73 8.49 1.75
CA ALA A 19 -2.97 8.19 0.34
C ALA A 19 -4.10 7.19 0.18
N GLU A 20 -4.62 7.10 -1.04
CA GLU A 20 -5.62 6.10 -1.35
C GLU A 20 -5.10 5.23 -2.50
N PHE A 21 -5.36 3.93 -2.41
CA PHE A 21 -4.90 3.00 -3.45
C PHE A 21 -5.65 3.22 -4.74
N ILE A 22 -4.90 3.28 -5.82
CA ILE A 22 -5.48 3.49 -7.14
C ILE A 22 -5.28 2.24 -7.98
N GLY A 23 -4.04 1.80 -8.06
CA GLY A 23 -3.71 0.64 -8.86
C GLY A 23 -2.34 0.10 -8.49
N CYS A 24 -2.19 -1.20 -8.52
CA CYS A 24 -0.94 -1.83 -8.13
C CYS A 24 -0.21 -2.32 -9.37
N ALA A 25 1.11 -2.20 -9.39
CA ALA A 25 1.89 -2.50 -10.59
C ALA A 25 3.16 -3.24 -10.26
N LYS A 26 3.22 -4.50 -10.67
CA LYS A 26 4.40 -5.35 -10.54
C LYS A 26 4.92 -5.38 -9.10
N GLY A 27 4.03 -5.71 -8.17
CA GLY A 27 4.43 -5.82 -6.78
C GLY A 27 4.48 -4.48 -6.07
N LYS A 28 4.24 -3.40 -6.80
CA LYS A 28 4.22 -2.08 -6.21
C LYS A 28 2.82 -1.52 -6.20
N ILE A 29 2.64 -0.42 -5.51
CA ILE A 29 1.33 0.17 -5.32
C ILE A 29 1.34 1.65 -5.69
N HIS A 30 0.41 2.06 -6.55
CA HIS A 30 0.24 3.47 -6.85
C HIS A 30 -0.78 4.06 -5.89
N LEU A 31 -0.41 5.14 -5.26
CA LEU A 31 -1.24 5.74 -4.23
C LEU A 31 -1.47 7.20 -4.51
N HIS A 32 -2.70 7.62 -4.32
CA HIS A 32 -3.08 9.01 -4.52
C HIS A 32 -3.09 9.73 -3.18
N LYS A 33 -2.02 10.48 -2.93
CA LYS A 33 -1.86 11.20 -1.67
C LYS A 33 -2.97 12.23 -1.50
N ALA A 34 -3.18 12.66 -0.27
CA ALA A 34 -4.20 13.65 0.03
C ALA A 34 -3.80 15.01 -0.54
N ASN A 35 -2.53 15.14 -0.90
CA ASN A 35 -2.03 16.37 -1.51
C ASN A 35 -2.30 16.35 -3.01
N GLY A 36 -2.77 15.21 -3.52
CA GLY A 36 -3.18 15.12 -4.91
C GLY A 36 -2.09 14.56 -5.82
N VAL A 37 -1.00 14.09 -5.23
CA VAL A 37 0.08 13.52 -6.02
C VAL A 37 0.10 12.00 -5.91
N LYS A 38 0.65 11.32 -6.89
CA LYS A 38 0.76 9.87 -6.85
C LYS A 38 2.14 9.44 -6.40
N ILE A 39 2.18 8.36 -5.64
CA ILE A 39 3.44 7.81 -5.18
C ILE A 39 3.53 6.33 -5.54
N ALA A 40 4.75 5.82 -5.61
CA ALA A 40 4.97 4.41 -5.89
C ALA A 40 5.59 3.73 -4.68
N VAL A 41 4.77 2.99 -3.95
CA VAL A 41 5.23 2.28 -2.78
C VAL A 41 5.24 0.79 -3.07
N ALA A 42 6.37 0.15 -2.87
CA ALA A 42 6.48 -1.28 -3.14
C ALA A 42 5.87 -2.07 -2.00
N ALA A 43 5.01 -3.01 -2.33
CA ALA A 43 4.26 -3.78 -1.35
C ALA A 43 5.15 -4.68 -0.51
N ASP A 44 6.43 -4.73 -0.86
CA ASP A 44 7.36 -5.68 -0.22
C ASP A 44 7.74 -5.26 1.18
N LYS A 45 8.00 -3.97 1.36
CA LYS A 45 8.45 -3.47 2.66
C LYS A 45 7.29 -2.87 3.41
N LEU A 46 6.10 -3.11 2.91
CA LEU A 46 4.89 -2.52 3.46
C LEU A 46 4.39 -3.34 4.65
N SER A 47 3.42 -2.79 5.38
CA SER A 47 2.86 -3.45 6.54
C SER A 47 1.98 -4.61 6.12
N ASN A 48 2.10 -5.71 6.84
CA ASN A 48 1.37 -6.94 6.55
C ASN A 48 -0.10 -6.65 6.32
N GLU A 49 -0.66 -5.91 7.25
CA GLU A 49 -2.07 -5.64 7.27
C GLU A 49 -2.46 -4.73 6.11
N ASP A 50 -1.53 -3.87 5.71
CA ASP A 50 -1.72 -2.98 4.61
C ASP A 50 -1.85 -3.78 3.33
N LEU A 51 -1.08 -4.86 3.20
CA LEU A 51 -1.21 -5.71 2.03
C LEU A 51 -2.53 -6.47 2.09
N ALA A 52 -2.85 -7.00 3.27
CA ALA A 52 -4.09 -7.75 3.44
C ALA A 52 -5.29 -6.89 3.07
N TYR A 53 -5.13 -5.59 3.29
CA TYR A 53 -6.16 -4.61 2.96
C TYR A 53 -6.25 -4.39 1.45
N VAL A 54 -5.12 -4.14 0.81
CA VAL A 54 -5.11 -3.88 -0.63
C VAL A 54 -5.45 -5.16 -1.41
N GLU A 55 -5.11 -6.31 -0.83
CA GLU A 55 -5.60 -7.59 -1.34
C GLU A 55 -7.12 -7.61 -1.40
N LYS A 56 -7.77 -6.89 -0.49
CA LYS A 56 -9.22 -6.83 -0.48
C LYS A 56 -9.72 -5.83 -1.51
N ILE A 57 -8.94 -4.78 -1.73
CA ILE A 57 -9.26 -3.80 -2.77
C ILE A 57 -9.22 -4.45 -4.16
N THR A 58 -8.24 -5.31 -4.39
CA THR A 58 -8.01 -5.84 -5.73
C THR A 58 -8.40 -7.30 -5.88
N GLY A 59 -7.99 -8.13 -4.93
CA GLY A 59 -8.19 -9.56 -5.05
C GLY A 59 -6.88 -10.26 -5.33
N PHE A 60 -5.82 -9.48 -5.54
CA PHE A 60 -4.51 -10.04 -5.80
C PHE A 60 -3.80 -10.34 -4.49
N SER A 61 -3.16 -11.50 -4.45
CA SER A 61 -2.48 -11.96 -3.27
C SER A 61 -1.16 -11.23 -3.06
N LEU A 62 -1.15 -10.25 -2.16
CA LEU A 62 0.08 -9.59 -1.77
C LEU A 62 0.63 -10.25 -0.52
N GLU A 63 0.17 -11.45 -0.27
CA GLU A 63 0.58 -12.22 0.87
C GLU A 63 1.99 -12.74 0.65
N LYS A 64 2.32 -12.97 -0.60
CA LYS A 64 3.69 -13.27 -0.99
C LYS A 64 4.59 -12.07 -0.70
N PHE A 65 3.97 -10.92 -0.46
CA PHE A 65 4.70 -9.71 -0.13
C PHE A 65 4.56 -9.39 1.35
N LYS A 66 3.71 -10.15 2.04
CA LYS A 66 3.47 -9.91 3.46
C LYS A 66 4.75 -10.07 4.26
N ALA A 67 5.04 -9.05 5.03
CA ALA A 67 6.19 -9.05 5.91
C ALA A 67 5.72 -9.14 7.35
N ASN A 68 6.20 -10.12 8.08
CA ASN A 68 5.77 -10.33 9.45
C ASN A 68 6.76 -9.68 10.41
N LYS A 3 -12.27 4.07 4.70
CA LYS A 3 -12.85 3.59 3.44
C LYS A 3 -11.94 3.96 2.26
N LYS A 4 -11.74 5.25 2.06
CA LYS A 4 -10.92 5.77 0.98
C LYS A 4 -9.47 5.89 1.40
N SER A 5 -8.81 6.93 0.92
CA SER A 5 -7.43 7.21 1.24
C SER A 5 -7.21 7.26 2.76
N ARG A 6 -6.15 6.60 3.20
CA ARG A 6 -5.90 6.43 4.62
C ARG A 6 -4.40 6.38 4.92
N LEU A 7 -4.10 6.19 6.19
CA LEU A 7 -2.73 6.14 6.66
C LEU A 7 -2.13 4.74 6.44
N TRP A 8 -1.24 4.66 5.45
CA TRP A 8 -0.48 3.44 5.17
C TRP A 8 0.85 3.50 5.92
N VAL A 9 1.40 2.35 6.28
CA VAL A 9 2.68 2.30 6.98
C VAL A 9 3.68 1.45 6.21
N ASP A 10 4.95 1.84 6.26
CA ASP A 10 6.02 1.06 5.64
C ASP A 10 6.49 -0.06 6.55
N ARG A 11 7.14 -1.05 5.96
CA ARG A 11 7.56 -2.26 6.68
C ARG A 11 8.34 -1.92 7.95
N SER A 12 9.29 -1.00 7.82
CA SER A 12 10.17 -0.65 8.91
C SER A 12 9.64 0.56 9.68
N GLY A 13 8.40 0.96 9.37
CA GLY A 13 7.79 2.10 10.01
C GLY A 13 8.52 3.40 9.69
N THR A 14 9.23 3.40 8.57
CA THR A 14 10.03 4.55 8.17
C THR A 14 9.14 5.70 7.74
N PHE A 15 8.01 5.36 7.13
CA PHE A 15 7.07 6.37 6.70
C PHE A 15 5.64 5.88 6.88
N LYS A 16 4.83 6.73 7.46
CA LYS A 16 3.40 6.54 7.47
C LYS A 16 2.80 7.60 6.55
N VAL A 17 1.96 7.19 5.64
CA VAL A 17 1.48 8.09 4.60
C VAL A 17 0.02 7.94 4.32
N ASP A 18 -0.65 9.05 4.20
CA ASP A 18 -2.05 9.07 3.80
C ASP A 18 -2.12 8.87 2.31
N ALA A 19 -2.78 7.82 1.89
CA ALA A 19 -2.78 7.46 0.50
C ALA A 19 -3.97 6.61 0.13
N GLU A 20 -4.29 6.62 -1.15
CA GLU A 20 -5.35 5.80 -1.68
C GLU A 20 -4.78 4.91 -2.76
N PHE A 21 -4.97 3.61 -2.62
CA PHE A 21 -4.46 2.67 -3.61
C PHE A 21 -5.24 2.79 -4.91
N ILE A 22 -4.53 3.06 -5.99
CA ILE A 22 -5.15 3.22 -7.28
C ILE A 22 -4.90 2.01 -8.16
N GLY A 23 -3.67 1.52 -8.16
CA GLY A 23 -3.32 0.37 -8.96
C GLY A 23 -2.02 -0.26 -8.52
N CYS A 24 -1.98 -1.59 -8.53
CA CYS A 24 -0.79 -2.32 -8.14
C CYS A 24 -0.18 -2.97 -9.36
N ALA A 25 1.06 -2.59 -9.68
CA ALA A 25 1.69 -3.05 -10.90
C ALA A 25 3.17 -3.28 -10.69
N LYS A 26 3.69 -4.35 -11.29
CA LYS A 26 5.11 -4.71 -11.22
C LYS A 26 5.51 -5.07 -9.79
N GLY A 27 4.52 -5.24 -8.92
CA GLY A 27 4.78 -5.55 -7.53
C GLY A 27 4.73 -4.32 -6.65
N LYS A 28 4.51 -3.16 -7.27
CA LYS A 28 4.41 -1.91 -6.53
C LYS A 28 2.96 -1.48 -6.39
N ILE A 29 2.72 -0.56 -5.49
CA ILE A 29 1.41 0.01 -5.30
C ILE A 29 1.44 1.50 -5.66
N HIS A 30 0.61 1.88 -6.63
CA HIS A 30 0.45 3.29 -6.96
C HIS A 30 -0.53 3.90 -6.00
N LEU A 31 -0.11 4.96 -5.34
CA LEU A 31 -0.93 5.56 -4.30
C LEU A 31 -1.16 7.03 -4.57
N HIS A 32 -2.40 7.45 -4.35
CA HIS A 32 -2.77 8.84 -4.47
C HIS A 32 -3.00 9.40 -3.07
N LYS A 33 -2.06 10.21 -2.60
CA LYS A 33 -2.08 10.69 -1.22
C LYS A 33 -3.25 11.61 -0.97
N ALA A 34 -3.50 11.87 0.32
CA ALA A 34 -4.63 12.70 0.72
C ALA A 34 -4.32 14.16 0.46
N ASN A 35 -3.05 14.44 0.19
CA ASN A 35 -2.62 15.77 -0.22
C ASN A 35 -2.90 15.96 -1.71
N GLY A 36 -2.98 14.85 -2.43
CA GLY A 36 -3.09 14.91 -3.88
C GLY A 36 -1.83 14.41 -4.56
N VAL A 37 -0.76 14.31 -3.78
CA VAL A 37 0.53 13.81 -4.28
C VAL A 37 0.41 12.34 -4.66
N LYS A 38 1.09 11.95 -5.73
CA LYS A 38 1.06 10.57 -6.17
C LYS A 38 2.41 9.90 -5.91
N ILE A 39 2.36 8.74 -5.28
CA ILE A 39 3.57 8.02 -4.91
C ILE A 39 3.51 6.59 -5.43
N ALA A 40 4.66 5.91 -5.40
CA ALA A 40 4.74 4.52 -5.84
C ALA A 40 5.57 3.72 -4.85
N VAL A 41 4.89 2.94 -4.03
CA VAL A 41 5.56 2.17 -2.99
C VAL A 41 5.37 0.69 -3.25
N ALA A 42 6.47 -0.05 -3.29
CA ALA A 42 6.42 -1.49 -3.52
C ALA A 42 5.60 -2.17 -2.44
N ALA A 43 4.74 -3.10 -2.87
CA ALA A 43 3.83 -3.81 -1.97
C ALA A 43 4.57 -4.71 -0.98
N ASP A 44 5.87 -4.82 -1.17
CA ASP A 44 6.69 -5.72 -0.35
C ASP A 44 7.22 -5.00 0.89
N LYS A 45 7.65 -3.76 0.70
CA LYS A 45 8.27 -3.00 1.79
C LYS A 45 7.23 -2.26 2.61
N LEU A 46 6.00 -2.72 2.57
CA LEU A 46 4.91 -2.04 3.23
C LEU A 46 4.39 -2.84 4.42
N SER A 47 3.57 -2.21 5.24
CA SER A 47 2.95 -2.88 6.36
C SER A 47 1.99 -3.95 5.84
N ASN A 48 2.14 -5.15 6.36
CA ASN A 48 1.41 -6.31 5.86
C ASN A 48 -0.08 -6.16 6.14
N GLU A 49 -0.40 -5.34 7.12
CA GLU A 49 -1.75 -4.94 7.40
C GLU A 49 -2.32 -4.24 6.18
N ASP A 50 -1.55 -3.30 5.67
CA ASP A 50 -1.94 -2.52 4.53
C ASP A 50 -1.98 -3.39 3.28
N LEU A 51 -1.13 -4.41 3.22
CA LEU A 51 -1.16 -5.32 2.08
C LEU A 51 -2.42 -6.15 2.12
N ALA A 52 -2.79 -6.61 3.32
CA ALA A 52 -4.01 -7.40 3.49
C ALA A 52 -5.22 -6.56 3.16
N TYR A 53 -5.08 -5.26 3.36
CA TYR A 53 -6.11 -4.31 3.00
C TYR A 53 -6.20 -4.12 1.48
N VAL A 54 -5.07 -3.85 0.84
CA VAL A 54 -5.06 -3.52 -0.59
C VAL A 54 -5.39 -4.75 -1.43
N GLU A 55 -4.96 -5.91 -0.96
CA GLU A 55 -5.32 -7.15 -1.63
C GLU A 55 -6.84 -7.38 -1.52
N LYS A 56 -7.44 -6.78 -0.50
CA LYS A 56 -8.88 -6.85 -0.35
C LYS A 56 -9.56 -5.82 -1.23
N ILE A 57 -8.86 -4.72 -1.52
CA ILE A 57 -9.35 -3.75 -2.49
C ILE A 57 -9.42 -4.39 -3.87
N THR A 58 -8.40 -5.18 -4.19
CA THR A 58 -8.27 -5.75 -5.52
C THR A 58 -9.03 -7.07 -5.68
N GLY A 59 -8.86 -7.96 -4.71
CA GLY A 59 -9.42 -9.29 -4.83
C GLY A 59 -8.32 -10.34 -4.89
N PHE A 60 -7.09 -9.86 -5.03
CA PHE A 60 -5.92 -10.72 -5.03
C PHE A 60 -5.42 -10.88 -3.61
N SER A 61 -4.28 -11.52 -3.41
CA SER A 61 -3.70 -11.63 -2.09
C SER A 61 -2.23 -11.25 -2.11
N LEU A 62 -1.86 -10.34 -1.20
CA LEU A 62 -0.48 -9.87 -1.14
C LEU A 62 0.29 -10.66 -0.09
N GLU A 63 -0.17 -11.89 0.15
CA GLU A 63 0.48 -12.83 1.03
C GLU A 63 2.00 -12.88 0.80
N LYS A 64 2.38 -13.04 -0.45
CA LYS A 64 3.78 -13.18 -0.84
C LYS A 64 4.55 -11.86 -0.70
N PHE A 65 3.82 -10.79 -0.46
CA PHE A 65 4.43 -9.47 -0.26
C PHE A 65 4.50 -9.14 1.22
N LYS A 66 4.03 -10.07 2.04
CA LYS A 66 4.00 -9.87 3.47
C LYS A 66 5.22 -10.49 4.14
N ALA A 67 5.72 -9.82 5.17
CA ALA A 67 6.86 -10.32 5.95
C ALA A 67 6.34 -11.14 7.12
N ASN A 68 5.13 -11.64 6.96
CA ASN A 68 4.48 -12.44 7.98
C ASN A 68 4.65 -13.92 7.65
N LYS A 3 -13.19 6.23 4.01
CA LYS A 3 -13.10 5.72 2.64
C LYS A 3 -12.34 6.72 1.79
N LYS A 4 -11.71 7.67 2.46
CA LYS A 4 -10.89 8.68 1.79
C LYS A 4 -9.45 8.22 1.72
N SER A 5 -8.55 9.16 1.50
CA SER A 5 -7.14 8.89 1.54
C SER A 5 -6.75 8.46 2.96
N ARG A 6 -6.22 7.25 3.06
CA ARG A 6 -6.05 6.61 4.36
C ARG A 6 -4.58 6.47 4.71
N LEU A 7 -4.33 6.01 5.93
CA LEU A 7 -2.98 5.96 6.48
C LEU A 7 -2.29 4.67 6.06
N TRP A 8 -1.23 4.80 5.27
CA TRP A 8 -0.42 3.67 4.83
C TRP A 8 0.91 3.67 5.58
N VAL A 9 1.42 2.48 5.86
CA VAL A 9 2.68 2.33 6.61
C VAL A 9 3.57 1.27 5.97
N ASP A 10 4.87 1.54 5.88
CA ASP A 10 5.82 0.51 5.45
C ASP A 10 6.22 -0.35 6.65
N ARG A 11 6.71 -1.54 6.37
CA ARG A 11 6.93 -2.55 7.41
C ARG A 11 8.16 -2.25 8.24
N SER A 12 8.87 -1.19 7.89
CA SER A 12 10.03 -0.77 8.65
C SER A 12 9.72 0.46 9.48
N GLY A 13 8.49 0.97 9.33
CA GLY A 13 8.07 2.15 10.07
C GLY A 13 8.78 3.40 9.63
N THR A 14 9.13 3.44 8.36
CA THR A 14 9.88 4.56 7.80
C THR A 14 8.95 5.69 7.39
N PHE A 15 7.84 5.33 6.77
CA PHE A 15 6.90 6.33 6.27
C PHE A 15 5.44 5.94 6.52
N LYS A 16 4.69 6.93 6.95
CA LYS A 16 3.25 6.80 7.07
C LYS A 16 2.61 7.94 6.31
N VAL A 17 1.64 7.63 5.47
CA VAL A 17 1.05 8.62 4.60
C VAL A 17 -0.45 8.48 4.50
N ASP A 18 -1.10 9.56 4.13
CA ASP A 18 -2.53 9.54 3.84
C ASP A 18 -2.72 9.56 2.35
N ALA A 19 -3.24 8.48 1.83
CA ALA A 19 -3.33 8.29 0.40
C ALA A 19 -4.37 7.25 0.05
N GLU A 20 -4.85 7.30 -1.17
CA GLU A 20 -5.77 6.29 -1.66
C GLU A 20 -5.07 5.37 -2.63
N PHE A 21 -5.36 4.10 -2.51
CA PHE A 21 -4.83 3.11 -3.43
C PHE A 21 -5.53 3.27 -4.77
N ILE A 22 -4.74 3.45 -5.80
CA ILE A 22 -5.28 3.66 -7.13
C ILE A 22 -5.08 2.43 -7.98
N GLY A 23 -3.90 1.85 -7.88
CA GLY A 23 -3.57 0.65 -8.62
C GLY A 23 -2.24 0.07 -8.19
N CYS A 24 -2.10 -1.24 -8.31
CA CYS A 24 -0.88 -1.91 -7.95
C CYS A 24 -0.25 -2.53 -9.21
N ALA A 25 1.07 -2.39 -9.35
CA ALA A 25 1.75 -2.82 -10.56
C ALA A 25 3.09 -3.46 -10.24
N LYS A 26 3.22 -4.73 -10.62
CA LYS A 26 4.47 -5.47 -10.49
C LYS A 26 4.97 -5.47 -9.04
N GLY A 27 4.04 -5.64 -8.11
CA GLY A 27 4.40 -5.73 -6.72
C GLY A 27 4.43 -4.39 -6.01
N LYS A 28 4.23 -3.33 -6.76
CA LYS A 28 4.23 -1.99 -6.18
C LYS A 28 2.85 -1.40 -6.16
N ILE A 29 2.64 -0.41 -5.31
CA ILE A 29 1.34 0.17 -5.11
C ILE A 29 1.36 1.67 -5.40
N HIS A 30 0.48 2.11 -6.29
CA HIS A 30 0.33 3.52 -6.58
C HIS A 30 -0.66 4.13 -5.62
N LEU A 31 -0.25 5.18 -4.95
CA LEU A 31 -1.09 5.84 -3.98
C LEU A 31 -1.21 7.31 -4.31
N HIS A 32 -2.43 7.81 -4.19
CA HIS A 32 -2.69 9.22 -4.41
C HIS A 32 -2.84 9.91 -3.06
N LYS A 33 -1.77 10.58 -2.63
CA LYS A 33 -1.73 11.22 -1.33
C LYS A 33 -2.76 12.33 -1.23
N ALA A 34 -3.10 12.69 0.01
CA ALA A 34 -4.05 13.75 0.29
C ALA A 34 -3.55 15.10 -0.23
N ASN A 35 -2.26 15.16 -0.53
CA ASN A 35 -1.64 16.36 -1.09
C ASN A 35 -1.91 16.44 -2.59
N GLY A 36 -2.12 15.29 -3.21
CA GLY A 36 -2.33 15.23 -4.65
C GLY A 36 -1.18 14.54 -5.36
N VAL A 37 -0.13 14.22 -4.61
CA VAL A 37 1.02 13.53 -5.18
C VAL A 37 0.73 12.05 -5.37
N LYS A 38 1.15 11.50 -6.50
CA LYS A 38 1.01 10.08 -6.76
C LYS A 38 2.34 9.38 -6.55
N ILE A 39 2.35 8.38 -5.70
CA ILE A 39 3.57 7.66 -5.36
C ILE A 39 3.44 6.17 -5.65
N ALA A 40 4.56 5.51 -5.90
CA ALA A 40 4.58 4.07 -6.10
C ALA A 40 5.51 3.42 -5.10
N VAL A 41 4.93 2.81 -4.08
CA VAL A 41 5.73 2.13 -3.07
C VAL A 41 5.76 0.64 -3.35
N ALA A 42 6.81 -0.02 -2.91
CA ALA A 42 6.89 -1.46 -3.06
C ALA A 42 6.11 -2.14 -1.95
N ALA A 43 5.14 -2.95 -2.34
CA ALA A 43 4.26 -3.63 -1.39
C ALA A 43 5.01 -4.70 -0.62
N ASP A 44 6.12 -5.12 -1.18
CA ASP A 44 6.90 -6.20 -0.61
C ASP A 44 7.73 -5.75 0.59
N LYS A 45 7.82 -4.45 0.80
CA LYS A 45 8.47 -3.93 2.01
C LYS A 45 7.45 -3.17 2.83
N LEU A 46 6.21 -3.31 2.42
CA LEU A 46 5.11 -2.59 3.05
C LEU A 46 4.54 -3.43 4.19
N SER A 47 3.78 -2.80 5.08
CA SER A 47 3.23 -3.49 6.23
C SER A 47 2.17 -4.51 5.79
N ASN A 48 2.17 -5.64 6.49
CA ASN A 48 1.34 -6.77 6.15
C ASN A 48 -0.14 -6.45 6.30
N GLU A 49 -0.44 -5.51 7.21
CA GLU A 49 -1.78 -5.03 7.41
C GLU A 49 -2.26 -4.32 6.15
N ASP A 50 -1.41 -3.43 5.65
CA ASP A 50 -1.64 -2.73 4.43
C ASP A 50 -1.75 -3.70 3.27
N LEU A 51 -0.97 -4.79 3.33
CA LEU A 51 -1.01 -5.80 2.30
C LEU A 51 -2.36 -6.52 2.30
N ALA A 52 -2.81 -6.90 3.49
CA ALA A 52 -4.10 -7.56 3.65
C ALA A 52 -5.23 -6.63 3.21
N TYR A 53 -5.00 -5.33 3.32
CA TYR A 53 -5.97 -4.35 2.89
C TYR A 53 -6.05 -4.30 1.36
N VAL A 54 -4.88 -4.23 0.71
CA VAL A 54 -4.83 -4.19 -0.74
C VAL A 54 -5.41 -5.47 -1.34
N GLU A 55 -5.23 -6.60 -0.65
CA GLU A 55 -5.87 -7.85 -1.05
C GLU A 55 -7.37 -7.65 -1.24
N LYS A 56 -7.95 -6.79 -0.41
CA LYS A 56 -9.37 -6.52 -0.46
C LYS A 56 -9.72 -5.51 -1.54
N ILE A 57 -8.86 -4.52 -1.72
CA ILE A 57 -9.11 -3.48 -2.72
C ILE A 57 -8.97 -4.05 -4.14
N THR A 58 -8.14 -5.07 -4.29
CA THR A 58 -7.82 -5.60 -5.61
C THR A 58 -8.53 -6.91 -5.92
N GLY A 59 -8.51 -7.82 -4.95
CA GLY A 59 -9.00 -9.16 -5.18
C GLY A 59 -7.86 -10.15 -5.36
N PHE A 60 -6.64 -9.64 -5.18
CA PHE A 60 -5.45 -10.46 -5.26
C PHE A 60 -4.93 -10.76 -3.87
N SER A 61 -3.80 -11.43 -3.76
CA SER A 61 -3.24 -11.76 -2.47
C SER A 61 -1.80 -11.26 -2.36
N LEU A 62 -1.55 -10.43 -1.35
CA LEU A 62 -0.23 -9.88 -1.14
C LEU A 62 0.53 -10.70 -0.10
N GLU A 63 0.12 -11.96 0.07
CA GLU A 63 0.78 -12.89 0.96
C GLU A 63 2.26 -13.02 0.59
N LYS A 64 2.50 -13.07 -0.72
CA LYS A 64 3.85 -13.20 -1.26
C LYS A 64 4.73 -12.00 -0.90
N PHE A 65 4.11 -10.93 -0.42
CA PHE A 65 4.83 -9.72 -0.06
C PHE A 65 4.96 -9.59 1.45
N LYS A 66 4.26 -10.45 2.17
CA LYS A 66 4.28 -10.42 3.63
C LYS A 66 5.49 -11.21 4.13
N ALA A 67 6.28 -10.56 4.95
CA ALA A 67 7.50 -11.15 5.49
C ALA A 67 7.18 -12.11 6.61
N ASN A 68 7.05 -11.56 7.78
CA ASN A 68 6.65 -12.31 8.95
C ASN A 68 5.37 -11.74 9.51
N LYS A 3 -15.02 8.20 1.91
CA LYS A 3 -13.79 8.40 2.67
C LYS A 3 -12.62 7.68 1.99
N LYS A 4 -11.92 8.40 1.14
CA LYS A 4 -10.79 7.83 0.41
C LYS A 4 -9.48 8.38 0.94
N SER A 5 -8.41 7.60 0.74
CA SER A 5 -7.06 7.99 1.14
C SER A 5 -6.87 7.96 2.65
N ARG A 6 -5.86 7.21 3.07
CA ARG A 6 -5.65 6.92 4.48
C ARG A 6 -4.16 6.75 4.78
N LEU A 7 -3.87 6.47 6.04
CA LEU A 7 -2.48 6.36 6.49
C LEU A 7 -1.94 4.95 6.27
N TRP A 8 -1.05 4.81 5.31
CA TRP A 8 -0.38 3.54 5.02
C TRP A 8 0.93 3.47 5.79
N VAL A 9 1.33 2.25 6.17
CA VAL A 9 2.58 2.04 6.89
C VAL A 9 3.39 0.92 6.22
N ASP A 10 4.71 0.94 6.39
CA ASP A 10 5.55 -0.07 5.76
C ASP A 10 5.98 -1.15 6.76
N ARG A 11 6.78 -2.10 6.28
CA ARG A 11 7.22 -3.23 7.09
C ARG A 11 8.02 -2.76 8.30
N SER A 12 9.04 -1.94 8.05
CA SER A 12 10.02 -1.61 9.07
C SER A 12 9.53 -0.50 10.01
N GLY A 13 8.38 0.08 9.69
CA GLY A 13 7.81 1.10 10.55
C GLY A 13 8.44 2.46 10.35
N THR A 14 8.93 2.70 9.15
CA THR A 14 9.54 3.97 8.80
C THR A 14 8.53 4.82 8.04
N PHE A 15 7.75 4.16 7.20
CA PHE A 15 6.79 4.82 6.35
C PHE A 15 5.46 5.03 7.03
N LYS A 16 5.01 6.28 7.02
CA LYS A 16 3.61 6.58 7.18
C LYS A 16 3.23 7.56 6.09
N VAL A 17 2.16 7.26 5.38
CA VAL A 17 1.74 8.11 4.28
C VAL A 17 0.25 8.06 4.06
N ASP A 18 -0.32 9.22 3.90
CA ASP A 18 -1.73 9.35 3.60
C ASP A 18 -1.95 9.29 2.11
N ALA A 19 -2.65 8.26 1.71
CA ALA A 19 -2.85 7.99 0.30
C ALA A 19 -3.92 6.93 0.11
N GLU A 20 -4.38 6.78 -1.10
CA GLU A 20 -5.32 5.72 -1.39
C GLU A 20 -4.82 4.88 -2.56
N PHE A 21 -4.95 3.57 -2.42
CA PHE A 21 -4.49 2.64 -3.44
C PHE A 21 -5.28 2.81 -4.72
N ILE A 22 -4.56 3.00 -5.82
CA ILE A 22 -5.18 3.16 -7.12
C ILE A 22 -4.98 1.89 -7.94
N GLY A 23 -3.73 1.44 -8.01
CA GLY A 23 -3.40 0.25 -8.77
C GLY A 23 -2.08 -0.34 -8.32
N CYS A 24 -1.96 -1.65 -8.42
CA CYS A 24 -0.74 -2.34 -8.00
C CYS A 24 0.01 -2.85 -9.22
N ALA A 25 1.29 -2.53 -9.30
CA ALA A 25 2.09 -2.85 -10.47
C ALA A 25 3.55 -3.05 -10.10
N LYS A 26 4.13 -4.14 -10.62
CA LYS A 26 5.55 -4.44 -10.45
C LYS A 26 5.89 -4.69 -8.97
N GLY A 27 4.89 -5.07 -8.19
CA GLY A 27 5.11 -5.27 -6.77
C GLY A 27 5.00 -3.96 -6.00
N LYS A 28 4.64 -2.90 -6.70
CA LYS A 28 4.48 -1.59 -6.10
C LYS A 28 3.01 -1.27 -5.92
N ILE A 29 2.72 -0.42 -4.98
CA ILE A 29 1.37 0.06 -4.77
C ILE A 29 1.29 1.52 -5.20
N HIS A 30 0.52 1.78 -6.25
CA HIS A 30 0.30 3.17 -6.67
C HIS A 30 -0.69 3.80 -5.71
N LEU A 31 -0.30 4.92 -5.15
CA LEU A 31 -1.09 5.57 -4.13
C LEU A 31 -1.28 7.03 -4.47
N HIS A 32 -2.50 7.49 -4.28
CA HIS A 32 -2.83 8.89 -4.50
C HIS A 32 -3.02 9.57 -3.15
N LYS A 33 -2.06 10.40 -2.79
CA LYS A 33 -2.04 11.05 -1.48
C LYS A 33 -3.16 12.05 -1.33
N ALA A 34 -3.39 12.46 -0.08
CA ALA A 34 -4.45 13.40 0.23
C ALA A 34 -4.06 14.81 -0.21
N ASN A 35 -2.78 14.97 -0.50
CA ASN A 35 -2.26 16.24 -1.01
C ASN A 35 -2.24 16.22 -2.54
N GLY A 36 -2.73 15.12 -3.12
CA GLY A 36 -2.81 15.02 -4.57
C GLY A 36 -1.63 14.31 -5.20
N VAL A 37 -0.55 14.21 -4.45
CA VAL A 37 0.68 13.57 -4.95
C VAL A 37 0.43 12.09 -5.24
N LYS A 38 1.00 11.61 -6.34
CA LYS A 38 0.88 10.21 -6.69
C LYS A 38 2.22 9.52 -6.48
N ILE A 39 2.20 8.49 -5.64
CA ILE A 39 3.42 7.81 -5.22
C ILE A 39 3.34 6.32 -5.52
N ALA A 40 4.49 5.68 -5.61
CA ALA A 40 4.55 4.22 -5.77
C ALA A 40 5.34 3.61 -4.61
N VAL A 41 4.62 3.02 -3.68
CA VAL A 41 5.26 2.39 -2.53
C VAL A 41 5.20 0.88 -2.70
N ALA A 42 6.37 0.25 -2.73
CA ALA A 42 6.46 -1.18 -2.92
C ALA A 42 5.71 -1.94 -1.85
N ALA A 43 4.80 -2.79 -2.30
CA ALA A 43 4.02 -3.63 -1.38
C ALA A 43 4.93 -4.62 -0.68
N ASP A 44 6.03 -4.92 -1.36
CA ASP A 44 7.03 -5.87 -0.88
C ASP A 44 7.62 -5.43 0.47
N LYS A 45 7.75 -4.13 0.66
CA LYS A 45 8.31 -3.60 1.89
C LYS A 45 7.24 -2.91 2.72
N LEU A 46 5.99 -3.21 2.43
CA LEU A 46 4.86 -2.58 3.08
C LEU A 46 4.38 -3.44 4.25
N SER A 47 3.48 -2.89 5.06
CA SER A 47 2.96 -3.62 6.20
C SER A 47 1.82 -4.53 5.78
N ASN A 48 1.84 -5.72 6.37
CA ASN A 48 0.88 -6.76 6.11
C ASN A 48 -0.56 -6.27 6.24
N GLU A 49 -0.78 -5.36 7.17
CA GLU A 49 -2.09 -4.80 7.41
C GLU A 49 -2.57 -4.07 6.18
N ASP A 50 -1.71 -3.19 5.69
CA ASP A 50 -1.98 -2.42 4.52
C ASP A 50 -2.20 -3.32 3.31
N LEU A 51 -1.45 -4.42 3.24
CA LEU A 51 -1.61 -5.35 2.16
C LEU A 51 -2.94 -6.06 2.27
N ALA A 52 -3.29 -6.48 3.48
CA ALA A 52 -4.55 -7.18 3.71
C ALA A 52 -5.72 -6.30 3.29
N TYR A 53 -5.50 -5.00 3.39
CA TYR A 53 -6.48 -4.03 2.95
C TYR A 53 -6.54 -3.94 1.43
N VAL A 54 -5.39 -3.80 0.77
CA VAL A 54 -5.37 -3.69 -0.68
C VAL A 54 -5.72 -5.03 -1.33
N GLU A 55 -5.40 -6.12 -0.65
CA GLU A 55 -5.91 -7.43 -1.03
C GLU A 55 -7.43 -7.42 -1.11
N LYS A 56 -8.06 -6.68 -0.21
CA LYS A 56 -9.50 -6.60 -0.17
C LYS A 56 -9.99 -5.76 -1.35
N ILE A 57 -9.26 -4.69 -1.64
CA ILE A 57 -9.59 -3.81 -2.75
C ILE A 57 -9.46 -4.55 -4.09
N THR A 58 -8.36 -5.26 -4.26
CA THR A 58 -8.06 -5.93 -5.52
C THR A 58 -8.79 -7.24 -5.68
N GLY A 59 -8.77 -8.05 -4.63
CA GLY A 59 -9.31 -9.39 -4.72
C GLY A 59 -8.20 -10.42 -4.80
N PHE A 60 -6.96 -9.94 -4.87
CA PHE A 60 -5.80 -10.79 -4.96
C PHE A 60 -5.15 -10.90 -3.58
N SER A 61 -4.08 -11.67 -3.48
CA SER A 61 -3.37 -11.81 -2.23
C SER A 61 -1.93 -11.31 -2.36
N LEU A 62 -1.48 -10.53 -1.39
CA LEU A 62 -0.14 -9.96 -1.42
C LEU A 62 0.83 -10.79 -0.60
N GLU A 63 0.62 -12.09 -0.64
CA GLU A 63 1.40 -13.07 0.10
C GLU A 63 2.90 -12.83 0.03
N LYS A 64 3.44 -12.81 -1.18
CA LYS A 64 4.89 -12.72 -1.36
C LYS A 64 5.43 -11.35 -0.95
N PHE A 65 4.53 -10.42 -0.71
CA PHE A 65 4.91 -9.06 -0.34
C PHE A 65 4.67 -8.82 1.14
N LYS A 66 4.01 -9.78 1.78
CA LYS A 66 3.59 -9.63 3.16
C LYS A 66 4.78 -9.48 4.10
N ALA A 67 4.57 -8.71 5.16
CA ALA A 67 5.60 -8.47 6.16
C ALA A 67 5.83 -9.72 7.01
N ASN A 68 6.39 -10.72 6.38
CA ASN A 68 6.70 -11.98 7.04
C ASN A 68 7.90 -12.61 6.34
N LYS A 3 -12.05 9.90 -2.36
CA LYS A 3 -10.67 9.69 -1.97
C LYS A 3 -10.56 8.90 -0.67
N LYS A 4 -10.70 9.59 0.47
CA LYS A 4 -10.49 8.98 1.77
C LYS A 4 -9.16 8.28 1.84
N SER A 5 -8.15 9.06 1.55
CA SER A 5 -6.78 8.61 1.62
C SER A 5 -6.37 8.42 3.08
N ARG A 6 -5.88 7.25 3.39
CA ARG A 6 -5.60 6.87 4.78
C ARG A 6 -4.12 6.66 4.99
N LEU A 7 -3.75 6.35 6.22
CA LEU A 7 -2.36 6.25 6.60
C LEU A 7 -1.79 4.87 6.27
N TRP A 8 -0.86 4.86 5.34
CA TRP A 8 -0.15 3.64 4.97
C TRP A 8 1.18 3.58 5.68
N VAL A 9 1.55 2.40 6.11
CA VAL A 9 2.80 2.21 6.85
C VAL A 9 3.66 1.15 6.17
N ASP A 10 4.97 1.33 6.21
CA ASP A 10 5.88 0.30 5.70
C ASP A 10 6.14 -0.74 6.78
N ARG A 11 6.78 -1.84 6.40
CA ARG A 11 6.97 -2.98 7.29
C ARG A 11 8.03 -2.71 8.34
N SER A 12 8.82 -1.68 8.14
CA SER A 12 9.90 -1.34 9.07
C SER A 12 9.47 -0.23 10.03
N GLY A 13 8.39 0.46 9.68
CA GLY A 13 7.92 1.56 10.49
C GLY A 13 8.73 2.82 10.27
N THR A 14 9.12 3.01 9.02
CA THR A 14 9.99 4.12 8.64
C THR A 14 9.17 5.26 8.05
N PHE A 15 8.13 4.94 7.30
CA PHE A 15 7.29 5.97 6.71
C PHE A 15 5.81 5.63 6.81
N LYS A 16 5.03 6.63 7.21
CA LYS A 16 3.59 6.54 7.22
C LYS A 16 3.03 7.74 6.47
N VAL A 17 2.12 7.50 5.55
CA VAL A 17 1.57 8.59 4.72
C VAL A 17 0.11 8.37 4.40
N ASP A 18 -0.62 9.47 4.31
CA ASP A 18 -2.04 9.41 3.94
C ASP A 18 -2.15 9.34 2.44
N ALA A 19 -2.77 8.27 1.99
CA ALA A 19 -2.92 8.00 0.58
C ALA A 19 -4.00 6.96 0.37
N GLU A 20 -4.50 6.86 -0.84
CA GLU A 20 -5.44 5.81 -1.15
C GLU A 20 -4.92 4.99 -2.32
N PHE A 21 -5.08 3.69 -2.23
CA PHE A 21 -4.58 2.80 -3.27
C PHE A 21 -5.39 2.93 -4.54
N ILE A 22 -4.70 3.26 -5.62
CA ILE A 22 -5.34 3.45 -6.91
C ILE A 22 -5.16 2.22 -7.77
N GLY A 23 -3.92 1.78 -7.91
CA GLY A 23 -3.60 0.64 -8.74
C GLY A 23 -2.26 0.04 -8.38
N CYS A 24 -2.09 -1.23 -8.66
CA CYS A 24 -0.86 -1.93 -8.32
C CYS A 24 -0.20 -2.49 -9.57
N ALA A 25 1.12 -2.38 -9.66
CA ALA A 25 1.84 -2.80 -10.85
C ALA A 25 3.23 -3.29 -10.51
N LYS A 26 3.58 -4.46 -11.04
CA LYS A 26 4.92 -5.05 -10.88
C LYS A 26 5.31 -5.22 -9.42
N GLY A 27 4.32 -5.37 -8.56
CA GLY A 27 4.60 -5.55 -7.14
C GLY A 27 4.59 -4.25 -6.37
N LYS A 28 4.36 -3.14 -7.05
CA LYS A 28 4.28 -1.85 -6.40
C LYS A 28 2.84 -1.38 -6.29
N ILE A 29 2.61 -0.47 -5.37
CA ILE A 29 1.30 0.07 -5.13
C ILE A 29 1.28 1.56 -5.43
N HIS A 30 0.40 1.97 -6.33
CA HIS A 30 0.22 3.39 -6.62
C HIS A 30 -0.75 3.98 -5.60
N LEU A 31 -0.33 5.04 -4.95
CA LEU A 31 -1.13 5.65 -3.92
C LEU A 31 -1.37 7.11 -4.22
N HIS A 32 -2.60 7.53 -4.03
CA HIS A 32 -2.97 8.91 -4.22
C HIS A 32 -2.93 9.60 -2.86
N LYS A 33 -1.90 10.39 -2.65
CA LYS A 33 -1.65 11.03 -1.36
C LYS A 33 -2.73 12.02 -1.02
N ALA A 34 -2.87 12.33 0.26
CA ALA A 34 -3.74 13.41 0.72
C ALA A 34 -3.24 14.74 0.18
N ASN A 35 -1.96 14.76 -0.19
CA ASN A 35 -1.34 15.90 -0.84
C ASN A 35 -1.96 16.10 -2.23
N GLY A 36 -2.34 14.98 -2.84
CA GLY A 36 -2.81 14.99 -4.20
C GLY A 36 -1.83 14.32 -5.13
N VAL A 37 -0.61 14.17 -4.65
CA VAL A 37 0.47 13.54 -5.41
C VAL A 37 0.24 12.03 -5.52
N LYS A 38 0.65 11.45 -6.62
CA LYS A 38 0.62 10.00 -6.79
C LYS A 38 1.99 9.42 -6.54
N ILE A 39 2.06 8.42 -5.69
CA ILE A 39 3.32 7.78 -5.34
C ILE A 39 3.28 6.31 -5.70
N ALA A 40 4.45 5.71 -5.83
CA ALA A 40 4.54 4.27 -6.05
C ALA A 40 5.40 3.64 -4.97
N VAL A 41 4.76 2.98 -4.03
CA VAL A 41 5.45 2.28 -2.96
C VAL A 41 5.35 0.79 -3.19
N ALA A 42 6.48 0.09 -3.15
CA ALA A 42 6.50 -1.33 -3.40
C ALA A 42 5.79 -2.08 -2.28
N ALA A 43 4.90 -2.98 -2.66
CA ALA A 43 4.07 -3.72 -1.71
C ALA A 43 4.90 -4.70 -0.89
N ASP A 44 6.16 -4.84 -1.24
CA ASP A 44 7.01 -5.86 -0.64
C ASP A 44 7.58 -5.45 0.72
N LYS A 45 7.87 -4.17 0.90
CA LYS A 45 8.41 -3.73 2.18
C LYS A 45 7.37 -2.94 2.94
N LEU A 46 6.11 -3.14 2.56
CA LEU A 46 5.01 -2.41 3.16
C LEU A 46 4.41 -3.20 4.32
N SER A 47 3.52 -2.56 5.08
CA SER A 47 2.89 -3.20 6.23
C SER A 47 1.84 -4.20 5.78
N ASN A 48 1.81 -5.33 6.48
CA ASN A 48 0.97 -6.47 6.11
C ASN A 48 -0.50 -6.11 6.17
N GLU A 49 -0.84 -5.20 7.07
CA GLU A 49 -2.20 -4.72 7.20
C GLU A 49 -2.62 -4.03 5.91
N ASP A 50 -1.74 -3.18 5.43
CA ASP A 50 -1.96 -2.44 4.23
C ASP A 50 -2.02 -3.37 3.03
N LEU A 51 -1.23 -4.45 3.05
CA LEU A 51 -1.26 -5.43 1.99
C LEU A 51 -2.57 -6.19 2.01
N ALA A 52 -2.97 -6.65 3.19
CA ALA A 52 -4.20 -7.42 3.33
C ALA A 52 -5.39 -6.58 2.89
N TYR A 53 -5.26 -5.29 3.09
CA TYR A 53 -6.29 -4.34 2.69
C TYR A 53 -6.36 -4.23 1.16
N VAL A 54 -5.21 -3.99 0.53
CA VAL A 54 -5.18 -3.81 -0.91
C VAL A 54 -5.49 -5.12 -1.64
N GLU A 55 -5.19 -6.23 -0.99
CA GLU A 55 -5.67 -7.52 -1.45
C GLU A 55 -7.17 -7.47 -1.67
N LYS A 56 -7.87 -6.96 -0.68
CA LYS A 56 -9.33 -6.94 -0.72
C LYS A 56 -9.83 -5.91 -1.72
N ILE A 57 -9.01 -4.88 -1.97
CA ILE A 57 -9.34 -3.91 -3.00
C ILE A 57 -9.27 -4.55 -4.39
N THR A 58 -8.24 -5.36 -4.62
CA THR A 58 -7.96 -5.86 -5.97
C THR A 58 -8.51 -7.25 -6.24
N GLY A 59 -8.27 -8.15 -5.31
CA GLY A 59 -8.61 -9.55 -5.52
C GLY A 59 -7.38 -10.42 -5.52
N PHE A 60 -6.22 -9.79 -5.48
CA PHE A 60 -4.95 -10.50 -5.43
C PHE A 60 -4.54 -10.68 -3.98
N SER A 61 -3.55 -11.51 -3.73
CA SER A 61 -3.04 -11.68 -2.39
C SER A 61 -1.58 -11.24 -2.34
N LEU A 62 -1.24 -10.46 -1.32
CA LEU A 62 0.11 -9.97 -1.15
C LEU A 62 0.79 -10.74 -0.03
N GLU A 63 0.32 -11.95 0.19
CA GLU A 63 0.85 -12.85 1.19
C GLU A 63 2.35 -13.06 1.00
N LYS A 64 2.75 -13.21 -0.25
CA LYS A 64 4.17 -13.36 -0.59
C LYS A 64 4.97 -12.15 -0.14
N PHE A 65 4.30 -11.03 0.07
CA PHE A 65 4.96 -9.81 0.50
C PHE A 65 4.77 -9.61 1.99
N LYS A 66 3.85 -10.37 2.57
CA LYS A 66 3.55 -10.28 3.98
C LYS A 66 4.57 -11.07 4.79
N ALA A 67 4.96 -10.51 5.91
CA ALA A 67 5.94 -11.14 6.77
C ALA A 67 5.30 -11.45 8.12
N ASN A 68 5.32 -12.73 8.49
CA ASN A 68 4.73 -13.16 9.75
C ASN A 68 5.80 -13.22 10.82
#